data_9ENI
#
_entry.id   9ENI
#
_cell.length_a   84.710
_cell.length_b   131.740
_cell.length_c   107.250
_cell.angle_alpha   90.000
_cell.angle_beta   95.949
_cell.angle_gamma   90.000
#
_symmetry.space_group_name_H-M   'P 1 21 1'
#
loop_
_entity.id
_entity.type
_entity.pdbx_description
1 polymer 'L-amino acid oxidase 4'
2 non-polymer 'DIHYDROFLAVINE-ADENINE DINUCLEOTIDE'
3 non-polymer GLUTAMINE
4 non-polymer 'SULFATE ION'
5 non-polymer R-1,2-PROPANEDIOL
6 non-polymer S-1,2-PROPANEDIOL
7 water water
#
_entity_poly.entity_id   1
_entity_poly.type   'polypeptide(L)'
_entity_poly.pdbx_seq_one_letter_code
;NISVPSSPPGGERVGILGAGIGGLYSALILQSLDVPFEIIEASNRVGGRLFTHKFPNGGKYDYYDVGAMRYPLPKSDDKG
NYQPGVMQRVGQLFTYLGMHKQLIPYYFKSNKSPGFQYFNGVRARIGEGSSFDAPALGINSSLIDIGVTKIVNDAVGPFA
QALFDDLQKHTTTGWDDMMKNDAYSTRSYFSFKYLPSPSFGLPSEHFSTRVINWLETFDKSTGWYDRGLTETVLEAIAFG
EVGDGEVDWRCIDGGSHVLPDTIAAFLHKKGGNAFVMNASVTAIGLENPNKEDSPMVVVAGGQKRKYSHVISTLPLPVLR
TVDLKNSKLDIVQSNALRKLQYGPSIKIGILFKEPWWTTGQDKNGEKFDLVGGQSYTDLPIRTVVYPSYGVNTNAPSNTL
IASYCWTNDAERMGSLIGTGAATYEEQLEHLVLSNLAAVHNTDYQYLKDRLVDVHSWDWNHNPLTMGAFAFFGPGDFQDL
YTSLNRPAANGKLHFAGEALSVRHAWVVGALDSAWRAVYNYLYVTDPAKLPKFFELWGKNAEWFEQPGDGKEPNSDNSLL
EK
;
_entity_poly.pdbx_strand_id   A,B,C,D
#
loop_
_chem_comp.id
_chem_comp.type
_chem_comp.name
_chem_comp.formula
FDA non-polymer 'DIHYDROFLAVINE-ADENINE DINUCLEOTIDE' 'C27 H35 N9 O15 P2'
PGO non-polymer S-1,2-PROPANEDIOL 'C3 H8 O2'
PGR non-polymer R-1,2-PROPANEDIOL 'C3 H8 O2'
SO4 non-polymer 'SULFATE ION' 'O4 S -2'
#
# COMPACT_ATOMS: atom_id res chain seq x y z
N SER A 7 -35.48 9.22 47.03
CA SER A 7 -35.87 8.13 46.14
C SER A 7 -34.71 7.68 45.24
N PRO A 8 -34.12 8.57 44.46
CA PRO A 8 -33.05 8.16 43.54
C PRO A 8 -31.88 7.56 44.30
N PRO A 9 -31.33 6.44 43.83
CA PRO A 9 -30.15 5.87 44.50
C PRO A 9 -28.99 6.86 44.50
N GLY A 10 -28.21 6.82 45.58
CA GLY A 10 -27.07 7.71 45.71
C GLY A 10 -25.95 7.45 44.72
N GLY A 11 -25.97 6.30 44.06
CA GLY A 11 -24.90 5.94 43.16
C GLY A 11 -25.25 6.15 41.69
N GLU A 12 -26.28 6.97 41.44
CA GLU A 12 -26.67 7.24 40.06
C GLU A 12 -25.53 7.85 39.27
N ARG A 13 -25.37 7.37 38.04
CA ARG A 13 -24.34 7.91 37.15
C ARG A 13 -24.63 7.43 35.74
N VAL A 14 -24.88 8.37 34.82
CA VAL A 14 -25.31 8.03 33.47
C VAL A 14 -24.09 7.96 32.56
N GLY A 15 -23.87 6.80 31.97
CA GLY A 15 -22.85 6.66 30.95
C GLY A 15 -23.36 7.13 29.60
N ILE A 16 -22.72 8.14 29.04
CA ILE A 16 -23.10 8.69 27.75
C ILE A 16 -22.11 8.17 26.71
N LEU A 17 -22.61 7.46 25.70
CA LEU A 17 -21.76 6.84 24.68
C LEU A 17 -21.72 7.75 23.46
N GLY A 18 -20.55 8.33 23.19
CA GLY A 18 -20.37 9.20 22.06
C GLY A 18 -20.31 10.66 22.46
N ALA A 19 -19.20 11.33 22.14
CA ALA A 19 -19.02 12.74 22.42
C ALA A 19 -19.37 13.61 21.22
N GLY A 20 -20.38 13.21 20.45
CA GLY A 20 -20.98 14.07 19.45
C GLY A 20 -21.90 15.10 20.08
N ILE A 21 -22.64 15.80 19.23
CA ILE A 21 -23.48 16.87 19.76
C ILE A 21 -24.60 16.30 20.62
N GLY A 22 -25.13 15.13 20.25
CA GLY A 22 -26.17 14.52 21.05
C GLY A 22 -25.67 14.13 22.43
N GLY A 23 -24.46 13.56 22.51
CA GLY A 23 -23.92 13.15 23.79
C GLY A 23 -23.46 14.33 24.62
N LEU A 24 -22.89 15.34 23.98
CA LEU A 24 -22.50 16.55 24.70
C LEU A 24 -23.72 17.28 25.24
N TYR A 25 -24.80 17.33 24.45
CA TYR A 25 -26.03 17.97 24.91
C TYR A 25 -26.63 17.21 26.09
N SER A 26 -26.61 15.87 26.02
CA SER A 26 -27.08 15.07 27.16
C SER A 26 -26.30 15.41 28.41
N ALA A 27 -24.97 15.49 28.31
CA ALA A 27 -24.15 15.84 29.46
C ALA A 27 -24.46 17.26 29.94
N LEU A 28 -24.73 18.17 29.02
CA LEU A 28 -25.08 19.54 29.41
C LEU A 28 -26.37 19.57 30.22
N ILE A 29 -27.37 18.79 29.80
CA ILE A 29 -28.62 18.73 30.54
C ILE A 29 -28.38 18.10 31.91
N LEU A 30 -27.69 16.97 31.94
CA LEU A 30 -27.49 16.28 33.21
C LEU A 30 -26.68 17.14 34.18
N GLN A 31 -25.69 17.87 33.67
CA GLN A 31 -24.90 18.74 34.54
CA GLN A 31 -24.91 18.74 34.55
C GLN A 31 -25.76 19.86 35.12
N SER A 32 -26.67 20.41 34.31
CA SER A 32 -27.56 21.46 34.80
C SER A 32 -28.52 20.94 35.87
N LEU A 33 -28.75 19.63 35.91
CA LEU A 33 -29.64 19.02 36.89
C LEU A 33 -28.87 18.28 37.98
N ASP A 34 -27.54 18.41 38.00
CA ASP A 34 -26.71 17.80 39.04
C ASP A 34 -26.83 16.27 39.04
N VAL A 35 -26.85 15.68 37.86
CA VAL A 35 -26.86 14.23 37.70
C VAL A 35 -25.47 13.79 37.22
N PRO A 36 -24.75 12.97 37.98
CA PRO A 36 -23.43 12.53 37.52
C PRO A 36 -23.50 11.78 36.19
N PHE A 37 -22.45 11.96 35.39
CA PHE A 37 -22.37 11.32 34.08
C PHE A 37 -20.91 11.08 33.73
N GLU A 38 -20.71 10.30 32.68
CA GLU A 38 -19.39 10.12 32.09
C GLU A 38 -19.57 9.85 30.61
N ILE A 39 -18.78 10.53 29.78
CA ILE A 39 -18.85 10.40 28.33
C ILE A 39 -17.73 9.47 27.87
N ILE A 40 -18.09 8.44 27.12
CA ILE A 40 -17.15 7.51 26.51
C ILE A 40 -17.14 7.80 25.01
N GLU A 41 -15.95 8.04 24.47
CA GLU A 41 -15.77 8.42 23.08
C GLU A 41 -14.71 7.54 22.44
N ALA A 42 -15.00 7.03 21.25
CA ALA A 42 -14.08 6.10 20.59
C ALA A 42 -12.85 6.82 20.03
N SER A 43 -13.03 8.03 19.53
CA SER A 43 -11.97 8.72 18.83
C SER A 43 -11.19 9.61 19.78
N ASN A 44 -10.27 10.40 19.22
CA ASN A 44 -9.48 11.38 19.95
C ASN A 44 -10.04 12.78 19.86
N ARG A 45 -11.26 12.93 19.34
CA ARG A 45 -11.86 14.24 19.13
C ARG A 45 -13.31 14.22 19.56
N VAL A 46 -13.83 15.41 19.86
CA VAL A 46 -15.24 15.60 20.16
C VAL A 46 -15.90 16.31 19.00
N GLY A 47 -17.22 16.13 18.87
CA GLY A 47 -18.02 16.81 17.87
C GLY A 47 -18.69 15.86 16.89
N GLY A 48 -18.10 14.69 16.67
CA GLY A 48 -18.70 13.71 15.79
C GLY A 48 -18.87 14.27 14.39
N ARG A 49 -20.11 14.27 13.90
CA ARG A 49 -20.39 14.77 12.56
C ARG A 49 -20.41 16.29 12.47
N LEU A 50 -20.07 16.99 13.56
CA LEU A 50 -19.62 18.38 13.48
C LEU A 50 -18.12 18.32 13.33
N PHE A 51 -17.64 18.45 12.10
CA PHE A 51 -16.25 18.15 11.75
C PHE A 51 -15.75 19.25 10.83
N THR A 52 -14.89 20.11 11.35
CA THR A 52 -14.34 21.23 10.59
C THR A 52 -12.92 20.88 10.18
N HIS A 53 -12.65 20.91 8.89
CA HIS A 53 -11.30 20.70 8.37
C HIS A 53 -10.65 22.04 8.09
N LYS A 54 -9.50 22.28 8.72
CA LYS A 54 -8.71 23.48 8.50
C LYS A 54 -7.55 23.13 7.58
N PHE A 55 -7.42 23.88 6.49
CA PHE A 55 -6.28 23.69 5.61
C PHE A 55 -5.06 24.34 6.25
N PRO A 56 -3.94 23.61 6.45
CA PRO A 56 -2.79 24.22 7.13
C PRO A 56 -2.17 25.40 6.38
N ASN A 57 -2.07 25.31 5.06
CA ASN A 57 -1.41 26.36 4.29
C ASN A 57 -2.31 27.57 4.03
N GLY A 58 -3.49 27.63 4.67
CA GLY A 58 -4.43 28.70 4.43
C GLY A 58 -4.53 29.70 5.57
N GLY A 59 -5.42 30.66 5.36
CA GLY A 59 -5.68 31.71 6.33
C GLY A 59 -6.73 31.32 7.34
N LYS A 60 -7.18 32.33 8.10
CA LYS A 60 -8.12 32.09 9.19
C LYS A 60 -9.38 31.39 8.72
N TYR A 61 -9.92 31.79 7.57
CA TYR A 61 -11.18 31.24 7.08
C TYR A 61 -10.99 30.17 6.02
N ASP A 62 -9.78 29.61 5.91
CA ASP A 62 -9.52 28.50 5.01
C ASP A 62 -9.78 27.17 5.71
N TYR A 63 -11.04 26.98 6.06
CA TYR A 63 -11.59 25.73 6.55
C TYR A 63 -12.89 25.47 5.81
N TYR A 64 -13.40 24.25 5.95
CA TYR A 64 -14.75 23.94 5.53
C TYR A 64 -15.30 22.88 6.46
N ASP A 65 -16.62 22.86 6.58
CA ASP A 65 -17.30 21.93 7.47
C ASP A 65 -17.63 20.67 6.68
N VAL A 66 -17.04 19.55 7.11
CA VAL A 66 -17.23 18.27 6.43
C VAL A 66 -18.60 17.71 6.73
N GLY A 67 -19.16 18.04 7.89
CA GLY A 67 -20.50 17.64 8.25
C GLY A 67 -21.40 18.85 8.37
N ALA A 68 -21.93 19.09 9.57
CA ALA A 68 -22.87 20.18 9.76
C ALA A 68 -22.22 21.53 9.47
N MET A 69 -22.95 22.38 8.74
CA MET A 69 -22.40 23.68 8.33
C MET A 69 -23.42 24.82 8.30
N ARG A 70 -24.73 24.56 8.33
CA ARG A 70 -25.72 25.61 8.16
C ARG A 70 -26.93 25.31 9.01
N TYR A 71 -27.54 26.34 9.59
CA TYR A 71 -28.60 26.18 10.57
C TYR A 71 -29.77 27.10 10.25
N PRO A 72 -30.91 26.57 9.81
CA PRO A 72 -32.08 27.43 9.54
C PRO A 72 -32.85 27.73 10.82
N LEU A 73 -32.35 28.70 11.58
CA LEU A 73 -32.88 29.01 12.89
C LEU A 73 -34.11 29.89 12.80
N PRO A 74 -34.93 29.92 13.85
CA PRO A 74 -36.00 30.92 13.91
C PRO A 74 -35.41 32.31 14.11
N LYS A 75 -36.26 33.30 13.91
CA LYS A 75 -35.88 34.67 14.21
C LYS A 75 -35.52 34.78 15.69
N SER A 76 -34.68 35.75 16.02
CA SER A 76 -34.24 35.95 17.39
C SER A 76 -34.08 37.44 17.65
N ASP A 77 -34.19 37.81 18.94
CA ASP A 77 -34.03 39.19 19.35
C ASP A 77 -32.57 39.46 19.72
N ASP A 78 -32.30 40.66 20.23
CA ASP A 78 -30.94 41.05 20.56
C ASP A 78 -30.35 40.23 21.69
N LYS A 79 -31.18 39.65 22.55
CA LYS A 79 -30.72 38.90 23.70
C LYS A 79 -30.50 37.42 23.41
N GLY A 80 -30.80 36.97 22.21
CA GLY A 80 -30.67 35.57 21.88
C GLY A 80 -31.90 34.74 22.21
N ASN A 81 -33.05 35.38 22.39
CA ASN A 81 -34.30 34.66 22.55
C ASN A 81 -34.85 34.35 21.17
N TYR A 82 -35.12 33.07 20.91
CA TYR A 82 -35.55 32.62 19.60
C TYR A 82 -37.06 32.42 19.60
N GLN A 83 -37.68 32.79 18.49
CA GLN A 83 -39.08 32.52 18.30
C GLN A 83 -39.31 31.02 18.24
N PRO A 84 -40.53 30.56 18.51
CA PRO A 84 -40.82 29.14 18.34
C PRO A 84 -40.54 28.72 16.90
N GLY A 85 -40.04 27.50 16.75
CA GLY A 85 -39.72 27.02 15.43
C GLY A 85 -39.01 25.68 15.51
N VAL A 86 -38.86 25.08 14.33
CA VAL A 86 -38.28 23.75 14.25
C VAL A 86 -36.92 23.70 14.93
N MET A 87 -36.13 24.76 14.78
CA MET A 87 -34.75 24.77 15.25
C MET A 87 -34.56 25.67 16.46
N GLN A 88 -35.64 26.01 17.17
CA GLN A 88 -35.50 26.85 18.36
C GLN A 88 -34.57 26.20 19.37
N ARG A 89 -34.66 24.88 19.52
CA ARG A 89 -33.80 24.19 20.48
C ARG A 89 -32.33 24.42 20.16
N VAL A 90 -31.98 24.48 18.88
CA VAL A 90 -30.59 24.78 18.49
C VAL A 90 -30.25 26.22 18.83
N GLY A 91 -31.14 27.15 18.49
CA GLY A 91 -30.88 28.55 18.80
C GLY A 91 -30.66 28.78 20.29
N GLN A 92 -31.50 28.18 21.12
CA GLN A 92 -31.37 28.36 22.56
CA GLN A 92 -31.35 28.38 22.56
C GLN A 92 -30.08 27.74 23.08
N LEU A 93 -29.62 26.64 22.48
CA LEU A 93 -28.33 26.08 22.88
C LEU A 93 -27.21 27.08 22.63
N PHE A 94 -27.22 27.73 21.45
CA PHE A 94 -26.23 28.77 21.19
C PHE A 94 -26.27 29.85 22.26
N THR A 95 -27.46 30.37 22.56
CA THR A 95 -27.58 31.44 23.55
C THR A 95 -27.12 30.96 24.92
N TYR A 96 -27.51 29.73 25.30
CA TYR A 96 -27.10 29.17 26.59
C TYR A 96 -25.59 29.19 26.75
N LEU A 97 -24.86 28.93 25.68
CA LEU A 97 -23.40 28.86 25.71
C LEU A 97 -22.73 30.20 25.45
N GLY A 98 -23.51 31.28 25.29
CA GLY A 98 -22.93 32.57 25.00
C GLY A 98 -22.41 32.72 23.59
N MET A 99 -22.97 31.98 22.64
CA MET A 99 -22.51 31.98 21.26
C MET A 99 -23.42 32.76 20.32
N HIS A 100 -24.48 33.39 20.83
CA HIS A 100 -25.46 34.02 19.95
C HIS A 100 -24.80 35.06 19.06
N LYS A 101 -23.93 35.89 19.64
CA LYS A 101 -23.25 36.93 18.87
C LYS A 101 -22.13 36.39 17.99
N GLN A 102 -21.73 35.13 18.17
CA GLN A 102 -20.75 34.48 17.30
C GLN A 102 -21.40 33.83 16.07
N LEU A 103 -22.71 33.93 15.94
CA LEU A 103 -23.42 33.42 14.78
C LEU A 103 -23.37 34.45 13.65
N ILE A 104 -22.94 34.01 12.48
CA ILE A 104 -22.81 34.89 11.33
C ILE A 104 -23.77 34.41 10.25
N PRO A 105 -24.11 35.28 9.29
CA PRO A 105 -25.05 34.88 8.24
C PRO A 105 -24.53 33.70 7.42
N TYR A 106 -25.44 32.80 7.09
CA TYR A 106 -25.21 31.77 6.09
C TYR A 106 -26.08 32.11 4.89
N TYR A 107 -25.46 32.29 3.73
CA TYR A 107 -26.18 32.65 2.51
C TYR A 107 -26.56 31.37 1.78
N PHE A 108 -27.83 30.97 1.91
CA PHE A 108 -28.30 29.81 1.18
C PHE A 108 -28.28 30.08 -0.33
N LYS A 109 -28.68 31.29 -0.72
CA LYS A 109 -28.48 31.81 -2.06
C LYS A 109 -27.37 32.85 -2.01
N SER A 110 -26.73 33.07 -3.15
CA SER A 110 -25.64 34.03 -3.21
C SER A 110 -26.12 35.40 -2.76
N ASN A 111 -25.25 36.11 -2.03
CA ASN A 111 -25.57 37.44 -1.55
C ASN A 111 -25.38 38.51 -2.62
N LYS A 112 -24.84 38.15 -3.78
CA LYS A 112 -24.76 39.10 -4.90
C LYS A 112 -25.43 38.51 -6.13
N SER A 113 -24.66 38.17 -7.16
CA SER A 113 -25.29 37.58 -8.33
C SER A 113 -25.67 36.13 -8.06
N PRO A 114 -26.75 35.64 -8.66
CA PRO A 114 -27.22 34.28 -8.34
C PRO A 114 -26.20 33.23 -8.76
N GLY A 115 -26.24 32.10 -8.06
CA GLY A 115 -25.44 30.95 -8.43
C GLY A 115 -25.93 30.36 -9.74
N PHE A 116 -25.19 29.35 -10.20
CA PHE A 116 -25.41 28.75 -11.50
C PHE A 116 -26.24 27.48 -11.42
N GLN A 117 -26.95 27.21 -12.52
CA GLN A 117 -27.58 25.92 -12.77
C GLN A 117 -27.03 25.39 -14.09
N TYR A 118 -26.61 24.12 -14.10
CA TYR A 118 -26.05 23.49 -15.29
C TYR A 118 -26.66 22.10 -15.43
N PHE A 119 -27.67 21.98 -16.30
CA PHE A 119 -28.38 20.73 -16.49
C PHE A 119 -28.59 20.46 -17.97
N ASN A 120 -28.38 19.22 -18.39
CA ASN A 120 -28.58 18.80 -19.78
C ASN A 120 -27.78 19.67 -20.73
N GLY A 121 -26.58 20.06 -20.30
CA GLY A 121 -25.70 20.88 -21.10
C GLY A 121 -26.09 22.33 -21.21
N VAL A 122 -27.13 22.76 -20.52
CA VAL A 122 -27.61 24.15 -20.56
C VAL A 122 -27.21 24.84 -19.26
N ARG A 123 -26.57 26.00 -19.40
CA ARG A 123 -26.12 26.78 -18.26
C ARG A 123 -27.01 28.01 -18.11
N ALA A 124 -27.33 28.34 -16.86
CA ALA A 124 -28.14 29.52 -16.58
C ALA A 124 -27.93 29.91 -15.13
N ARG A 125 -28.33 31.13 -14.81
CA ARG A 125 -28.33 31.59 -13.43
C ARG A 125 -29.61 31.14 -12.74
N ILE A 126 -29.51 30.89 -11.43
CA ILE A 126 -30.70 30.64 -10.65
C ILE A 126 -31.64 31.84 -10.81
N GLY A 127 -32.90 31.55 -11.14
CA GLY A 127 -33.92 32.58 -11.27
C GLY A 127 -34.16 33.06 -12.69
N GLU A 128 -33.36 32.62 -13.66
CA GLU A 128 -33.52 33.06 -15.04
C GLU A 128 -34.62 32.33 -15.79
N GLY A 129 -35.26 31.34 -15.19
CA GLY A 129 -36.39 30.68 -15.83
C GLY A 129 -36.05 29.74 -16.95
N SER A 130 -34.83 29.21 -16.99
CA SER A 130 -34.47 28.26 -18.03
C SER A 130 -35.24 26.96 -17.86
N SER A 131 -35.49 26.28 -18.97
CA SER A 131 -36.09 24.96 -18.95
C SER A 131 -35.07 23.84 -19.05
N PHE A 132 -33.81 24.18 -19.33
CA PHE A 132 -32.73 23.20 -19.41
C PHE A 132 -33.08 22.06 -20.36
N ASP A 133 -33.61 22.44 -21.53
CA ASP A 133 -33.91 21.52 -22.62
C ASP A 133 -34.97 20.50 -22.22
N ALA A 134 -35.76 20.78 -21.20
CA ALA A 134 -36.79 19.85 -20.77
C ALA A 134 -37.75 19.45 -21.88
N PRO A 135 -38.10 20.33 -22.83
CA PRO A 135 -38.94 19.87 -23.96
C PRO A 135 -38.37 18.66 -24.68
N ALA A 136 -37.05 18.64 -24.90
CA ALA A 136 -36.43 17.49 -25.54
C ALA A 136 -36.56 16.25 -24.67
N LEU A 137 -36.68 16.44 -23.36
CA LEU A 137 -36.83 15.33 -22.43
C LEU A 137 -38.27 14.82 -22.40
N GLY A 138 -39.20 15.49 -23.07
CA GLY A 138 -40.58 15.06 -23.07
C GLY A 138 -41.45 15.70 -22.03
N ILE A 139 -41.00 16.79 -21.42
CA ILE A 139 -41.79 17.53 -20.43
C ILE A 139 -42.60 18.57 -21.17
N ASN A 140 -43.92 18.47 -21.13
CA ASN A 140 -44.74 19.38 -21.91
C ASN A 140 -44.68 20.79 -21.31
N SER A 141 -45.14 21.76 -22.10
CA SER A 141 -44.99 23.16 -21.72
C SER A 141 -45.79 23.52 -20.48
N SER A 142 -46.92 22.85 -20.24
CA SER A 142 -47.71 23.15 -19.06
C SER A 142 -46.92 22.85 -17.79
N LEU A 143 -46.31 21.67 -17.72
CA LEU A 143 -45.51 21.32 -16.56
C LEU A 143 -44.34 22.28 -16.39
N ILE A 144 -43.68 22.64 -17.50
CA ILE A 144 -42.57 23.57 -17.43
C ILE A 144 -43.02 24.91 -16.87
N ASP A 145 -44.15 25.42 -17.35
CA ASP A 145 -44.64 26.72 -16.88
C ASP A 145 -44.91 26.70 -15.38
N ILE A 146 -45.47 25.61 -14.87
CA ILE A 146 -45.70 25.49 -13.43
C ILE A 146 -44.37 25.45 -12.68
N GLY A 147 -43.47 24.58 -13.11
CA GLY A 147 -42.15 24.50 -12.50
C GLY A 147 -42.09 23.40 -11.45
N VAL A 148 -40.88 22.87 -11.25
CA VAL A 148 -40.70 21.77 -10.31
C VAL A 148 -41.05 22.20 -8.89
N THR A 149 -40.63 23.40 -8.49
CA THR A 149 -40.83 23.85 -7.13
C THR A 149 -42.31 23.88 -6.76
N LYS A 150 -43.14 24.49 -7.62
CA LYS A 150 -44.57 24.57 -7.32
C LYS A 150 -45.22 23.20 -7.30
N ILE A 151 -44.84 22.32 -8.23
CA ILE A 151 -45.41 20.98 -8.26
C ILE A 151 -45.08 20.25 -6.96
N VAL A 152 -43.79 20.24 -6.58
CA VAL A 152 -43.39 19.54 -5.37
C VAL A 152 -44.08 20.14 -4.15
N ASN A 153 -44.17 21.47 -4.09
CA ASN A 153 -44.83 22.10 -2.95
CA ASN A 153 -44.83 22.09 -2.95
C ASN A 153 -46.30 21.71 -2.89
N ASP A 154 -46.95 21.53 -4.04
CA ASP A 154 -48.35 21.12 -4.05
C ASP A 154 -48.52 19.71 -3.49
N ALA A 155 -47.55 18.82 -3.74
CA ALA A 155 -47.63 17.47 -3.22
C ALA A 155 -47.23 17.40 -1.76
N VAL A 156 -46.20 18.14 -1.38
CA VAL A 156 -45.67 18.03 -0.03
C VAL A 156 -46.42 18.94 0.94
N GLY A 157 -46.90 20.09 0.46
CA GLY A 157 -47.52 21.10 1.29
C GLY A 157 -48.55 20.58 2.28
N PRO A 158 -49.58 19.86 1.79
CA PRO A 158 -50.61 19.37 2.72
C PRO A 158 -50.04 18.58 3.89
N PHE A 159 -49.10 17.65 3.63
CA PHE A 159 -48.50 16.90 4.73
C PHE A 159 -47.71 17.83 5.63
N ALA A 160 -46.92 18.73 5.05
CA ALA A 160 -46.06 19.61 5.85
C ALA A 160 -46.89 20.54 6.72
N GLN A 161 -48.01 21.04 6.17
CA GLN A 161 -48.86 21.94 6.94
C GLN A 161 -49.45 21.25 8.15
N ALA A 162 -49.83 19.97 7.99
CA ALA A 162 -50.39 19.23 9.11
C ALA A 162 -49.35 19.00 10.19
N LEU A 163 -48.10 18.72 9.79
CA LEU A 163 -47.05 18.51 10.79
C LEU A 163 -46.70 19.81 11.49
N PHE A 164 -46.68 20.92 10.76
CA PHE A 164 -46.43 22.21 11.38
C PHE A 164 -47.55 22.55 12.37
N ASP A 165 -48.79 22.25 12.00
CA ASP A 165 -49.91 22.48 12.92
C ASP A 165 -49.75 21.65 14.19
N ASP A 166 -49.26 20.41 14.05
CA ASP A 166 -48.95 19.60 15.23
C ASP A 166 -48.01 20.35 16.17
N LEU A 167 -46.91 20.89 15.63
CA LEU A 167 -45.93 21.57 16.47
C LEU A 167 -46.54 22.79 17.16
N GLN A 168 -47.39 23.52 16.44
CA GLN A 168 -47.90 24.78 16.96
C GLN A 168 -49.08 24.56 17.89
N LYS A 169 -49.97 23.63 17.55
CA LYS A 169 -51.16 23.38 18.35
C LYS A 169 -50.98 22.24 19.36
N HIS A 170 -49.82 21.59 19.38
CA HIS A 170 -49.55 20.51 20.32
C HIS A 170 -50.53 19.36 20.10
N THR A 171 -50.49 18.81 18.89
CA THR A 171 -51.28 17.66 18.50
C THR A 171 -50.37 16.66 17.81
N THR A 172 -50.91 15.48 17.53
CA THR A 172 -50.20 14.44 16.79
C THR A 172 -51.01 13.93 15.61
N THR A 173 -52.15 14.56 15.31
CA THR A 173 -52.97 14.11 14.20
C THR A 173 -52.23 14.24 12.87
N GLY A 174 -51.44 15.31 12.72
CA GLY A 174 -50.66 15.46 11.51
C GLY A 174 -49.66 14.34 11.31
N TRP A 175 -49.04 13.90 12.40
CA TRP A 175 -48.12 12.78 12.31
C TRP A 175 -48.86 11.48 12.04
N ASP A 176 -49.99 11.28 12.71
CA ASP A 176 -50.81 10.09 12.48
C ASP A 176 -51.25 10.02 11.03
N ASP A 177 -51.60 11.16 10.44
CA ASP A 177 -51.99 11.17 9.03
C ASP A 177 -50.80 10.92 8.12
N MET A 178 -49.63 11.49 8.46
CA MET A 178 -48.42 11.19 7.72
C MET A 178 -48.12 9.69 7.75
N MET A 179 -48.26 9.06 8.92
CA MET A 179 -47.98 7.63 9.04
C MET A 179 -48.96 6.79 8.22
N LYS A 180 -50.19 7.28 8.01
CA LYS A 180 -51.10 6.58 7.11
C LYS A 180 -50.53 6.51 5.69
N ASN A 181 -49.59 7.39 5.34
CA ASN A 181 -48.98 7.41 4.02
C ASN A 181 -47.50 7.06 4.04
N ASP A 182 -47.00 6.52 5.16
CA ASP A 182 -45.56 6.30 5.29
C ASP A 182 -45.05 5.15 4.44
N ALA A 183 -45.93 4.25 4.01
CA ALA A 183 -45.51 3.18 3.11
C ALA A 183 -45.15 3.71 1.72
N TYR A 184 -45.49 4.96 1.41
CA TYR A 184 -45.11 5.55 0.14
C TYR A 184 -43.67 6.05 0.18
N SER A 185 -42.94 5.77 -0.89
CA SER A 185 -41.80 6.61 -1.23
C SER A 185 -42.33 7.87 -1.90
N THR A 186 -41.47 8.89 -2.02
CA THR A 186 -41.90 10.06 -2.77
C THR A 186 -42.31 9.67 -4.18
N ARG A 187 -41.55 8.76 -4.79
CA ARG A 187 -41.86 8.32 -6.16
C ARG A 187 -43.20 7.60 -6.21
N SER A 188 -43.39 6.59 -5.36
CA SER A 188 -44.62 5.82 -5.45
C SER A 188 -45.82 6.67 -5.09
N TYR A 189 -45.64 7.71 -4.26
CA TYR A 189 -46.74 8.63 -4.00
C TYR A 189 -47.09 9.41 -5.27
N PHE A 190 -46.09 9.89 -6.00
CA PHE A 190 -46.37 10.57 -7.27
C PHE A 190 -46.94 9.61 -8.30
N SER A 191 -46.48 8.35 -8.30
CA SER A 191 -46.87 7.43 -9.35
C SER A 191 -48.27 6.87 -9.15
N PHE A 192 -48.72 6.76 -7.89
CA PHE A 192 -49.94 6.02 -7.58
C PHE A 192 -50.97 6.77 -6.76
N LYS A 193 -50.67 7.98 -6.25
CA LYS A 193 -51.65 8.66 -5.42
C LYS A 193 -51.82 10.13 -5.77
N TYR A 194 -50.72 10.87 -5.85
CA TYR A 194 -50.80 12.32 -6.05
C TYR A 194 -51.55 12.65 -7.34
N LEU A 195 -52.45 13.62 -7.26
CA LEU A 195 -53.10 14.20 -8.42
C LEU A 195 -52.91 15.71 -8.37
N PRO A 196 -52.61 16.34 -9.51
CA PRO A 196 -52.31 17.78 -9.48
C PRO A 196 -53.50 18.61 -9.04
N SER A 197 -53.20 19.71 -8.37
CA SER A 197 -54.22 20.65 -7.97
C SER A 197 -55.03 21.09 -9.19
N PRO A 198 -56.35 21.19 -9.09
CA PRO A 198 -57.14 21.66 -10.25
C PRO A 198 -56.67 22.99 -10.80
N SER A 199 -56.05 23.84 -9.96
CA SER A 199 -55.59 25.14 -10.44
C SER A 199 -54.44 25.02 -11.45
N PHE A 200 -53.75 23.88 -11.49
CA PHE A 200 -52.68 23.70 -12.46
C PHE A 200 -53.20 23.49 -13.88
N GLY A 201 -54.47 23.12 -14.03
CA GLY A 201 -55.01 22.85 -15.35
C GLY A 201 -54.39 21.67 -16.04
N LEU A 202 -53.82 20.73 -15.29
CA LEU A 202 -53.21 19.54 -15.87
C LEU A 202 -54.22 18.40 -15.89
N PRO A 203 -53.96 17.36 -16.67
CA PRO A 203 -54.84 16.18 -16.60
C PRO A 203 -54.86 15.62 -15.18
N SER A 204 -56.03 15.13 -14.77
CA SER A 204 -56.19 14.54 -13.46
C SER A 204 -55.70 13.09 -13.48
N GLU A 205 -54.41 12.96 -13.74
CA GLU A 205 -53.73 11.67 -13.84
CA GLU A 205 -53.75 11.66 -13.81
C GLU A 205 -52.43 11.74 -13.06
N HIS A 206 -51.96 10.59 -12.60
CA HIS A 206 -50.68 10.54 -11.91
C HIS A 206 -49.55 10.83 -12.90
N PHE A 207 -48.51 11.49 -12.40
CA PHE A 207 -47.37 11.85 -13.24
C PHE A 207 -46.66 10.60 -13.76
N SER A 208 -46.13 10.74 -14.97
CA SER A 208 -45.32 9.67 -15.54
C SER A 208 -43.96 9.61 -14.87
N THR A 209 -43.31 8.45 -15.00
CA THR A 209 -41.97 8.30 -14.44
C THR A 209 -41.02 9.34 -15.01
N ARG A 210 -41.15 9.65 -16.31
CA ARG A 210 -40.30 10.67 -16.92
C ARG A 210 -40.44 11.99 -16.18
N VAL A 211 -41.68 12.39 -15.89
CA VAL A 211 -41.92 13.64 -15.19
C VAL A 211 -41.43 13.55 -13.75
N ILE A 212 -41.66 12.43 -13.08
CA ILE A 212 -41.22 12.30 -11.70
C ILE A 212 -39.70 12.40 -11.61
N ASN A 213 -38.99 11.78 -12.55
CA ASN A 213 -37.54 11.89 -12.56
C ASN A 213 -37.09 13.30 -12.87
N TRP A 214 -37.88 14.04 -13.65
CA TRP A 214 -37.59 15.46 -13.85
C TRP A 214 -37.71 16.22 -12.53
N LEU A 215 -38.74 15.91 -11.75
CA LEU A 215 -38.89 16.52 -10.43
C LEU A 215 -37.67 16.22 -9.55
N GLU A 216 -37.31 14.94 -9.43
CA GLU A 216 -36.18 14.60 -8.57
C GLU A 216 -34.91 15.29 -9.02
N THR A 217 -34.71 15.40 -10.33
CA THR A 217 -33.48 15.98 -10.87
C THR A 217 -33.25 17.38 -10.31
N PHE A 218 -34.29 18.22 -10.32
CA PHE A 218 -34.17 19.60 -9.89
C PHE A 218 -34.57 19.82 -8.44
N ASP A 219 -35.26 18.87 -7.82
CA ASP A 219 -35.71 19.06 -6.45
C ASP A 219 -34.67 18.58 -5.44
N LYS A 220 -34.09 17.41 -5.66
CA LYS A 220 -33.18 16.83 -4.68
C LYS A 220 -31.97 16.18 -5.34
N SER A 221 -31.73 14.90 -5.02
CA SER A 221 -30.55 14.19 -5.47
C SER A 221 -30.97 12.87 -6.11
N THR A 222 -30.06 12.25 -6.85
CA THR A 222 -30.37 11.03 -7.57
C THR A 222 -30.72 9.91 -6.60
N GLY A 223 -31.96 9.43 -6.62
CA GLY A 223 -32.41 8.37 -5.74
C GLY A 223 -33.14 8.84 -4.49
N TRP A 224 -33.19 10.14 -4.25
CA TRP A 224 -33.90 10.66 -3.08
C TRP A 224 -35.34 10.18 -3.04
N TYR A 225 -36.02 10.18 -4.21
CA TYR A 225 -37.44 9.91 -4.26
C TYR A 225 -37.79 8.46 -3.98
N ASP A 226 -36.82 7.54 -3.99
CA ASP A 226 -37.09 6.15 -3.66
C ASP A 226 -37.08 5.89 -2.16
N ARG A 227 -36.69 6.87 -1.36
CA ARG A 227 -36.80 6.77 0.08
C ARG A 227 -38.15 7.30 0.52
N GLY A 228 -38.38 7.32 1.83
CA GLY A 228 -39.72 7.55 2.33
C GLY A 228 -40.23 8.93 1.96
N LEU A 229 -41.51 8.99 1.56
CA LEU A 229 -42.18 10.27 1.40
C LEU A 229 -42.09 11.10 2.67
N THR A 230 -42.15 10.44 3.83
CA THR A 230 -42.13 11.17 5.09
C THR A 230 -40.85 11.97 5.24
N GLU A 231 -39.72 11.42 4.80
CA GLU A 231 -38.46 12.17 4.88
C GLU A 231 -38.52 13.41 3.99
N THR A 232 -39.12 13.29 2.81
CA THR A 232 -39.30 14.47 1.96
C THR A 232 -40.13 15.53 2.65
N VAL A 233 -41.22 15.12 3.29
CA VAL A 233 -42.07 16.07 4.01
C VAL A 233 -41.28 16.70 5.16
N LEU A 234 -40.58 15.87 5.94
CA LEU A 234 -39.86 16.39 7.10
C LEU A 234 -38.71 17.30 6.70
N GLU A 235 -38.07 17.04 5.56
CA GLU A 235 -37.00 17.91 5.10
C GLU A 235 -37.54 19.27 4.69
N ALA A 236 -38.69 19.30 4.03
CA ALA A 236 -39.30 20.59 3.65
C ALA A 236 -39.61 21.42 4.88
N ILE A 237 -40.05 20.77 5.96
CA ILE A 237 -40.32 21.49 7.20
C ILE A 237 -39.03 22.04 7.78
N ALA A 238 -37.95 21.24 7.78
CA ALA A 238 -36.70 21.69 8.37
C ALA A 238 -36.12 22.88 7.61
N PHE A 239 -36.26 22.88 6.28
CA PHE A 239 -35.77 23.98 5.46
C PHE A 239 -36.66 25.21 5.53
N GLY A 240 -37.75 25.17 6.30
CA GLY A 240 -38.59 26.33 6.49
C GLY A 240 -39.57 26.61 5.36
N GLU A 241 -39.94 25.61 4.58
CA GLU A 241 -40.88 25.79 3.48
C GLU A 241 -42.34 25.67 3.94
N GLY A 245 -43.68 31.29 9.57
CA GLY A 245 -42.48 32.02 9.96
C GLY A 245 -41.32 31.78 9.01
N GLU A 246 -40.42 32.75 8.93
CA GLU A 246 -39.22 32.66 8.11
C GLU A 246 -38.03 32.25 8.98
N VAL A 247 -36.97 31.78 8.32
CA VAL A 247 -35.78 31.30 8.98
C VAL A 247 -34.63 32.29 8.78
N ASP A 248 -33.73 32.31 9.76
CA ASP A 248 -32.47 33.04 9.69
C ASP A 248 -31.38 31.98 9.49
N TRP A 249 -30.89 31.85 8.26
CA TRP A 249 -29.79 30.92 8.00
C TRP A 249 -28.52 31.42 8.67
N ARG A 250 -27.93 30.59 9.51
CA ARG A 250 -26.72 30.96 10.23
C ARG A 250 -25.68 29.86 10.12
N CYS A 251 -24.42 30.25 10.24
CA CYS A 251 -23.31 29.34 10.44
C CYS A 251 -22.46 29.87 11.59
N ILE A 252 -21.48 29.08 11.99
CA ILE A 252 -20.70 29.34 13.19
C ILE A 252 -19.31 29.85 12.77
N ASP A 253 -18.96 31.04 13.26
CA ASP A 253 -17.67 31.64 12.93
C ASP A 253 -16.53 30.76 13.42
N GLY A 254 -15.67 30.33 12.48
CA GLY A 254 -14.61 29.41 12.79
C GLY A 254 -14.93 27.95 12.53
N GLY A 255 -16.16 27.64 12.15
CA GLY A 255 -16.56 26.30 11.84
C GLY A 255 -17.45 25.71 12.93
N SER A 256 -18.25 24.72 12.55
CA SER A 256 -19.18 24.14 13.51
C SER A 256 -18.46 23.50 14.69
N HIS A 257 -17.17 23.18 14.55
CA HIS A 257 -16.44 22.60 15.67
C HIS A 257 -16.50 23.47 16.92
N VAL A 258 -16.72 24.78 16.75
CA VAL A 258 -16.78 25.68 17.90
C VAL A 258 -17.88 25.28 18.86
N LEU A 259 -19.00 24.75 18.34
CA LEU A 259 -20.12 24.39 19.22
C LEU A 259 -19.74 23.26 20.17
N PRO A 260 -19.32 22.09 19.69
CA PRO A 260 -18.90 21.04 20.64
C PRO A 260 -17.69 21.43 21.47
N ASP A 261 -16.74 22.20 20.91
CA ASP A 261 -15.61 22.65 21.72
C ASP A 261 -16.07 23.53 22.88
N THR A 262 -17.09 24.36 22.64
CA THR A 262 -17.58 25.24 23.68
C THR A 262 -18.36 24.46 24.75
N ILE A 263 -19.09 23.43 24.35
CA ILE A 263 -19.78 22.60 25.34
C ILE A 263 -18.76 21.88 26.22
N ALA A 264 -17.75 21.27 25.60
CA ALA A 264 -16.74 20.57 26.37
C ALA A 264 -16.05 21.50 27.36
N ALA A 265 -15.70 22.70 26.93
CA ALA A 265 -15.10 23.66 27.84
C ALA A 265 -16.06 24.02 28.97
N PHE A 266 -17.35 24.13 28.66
CA PHE A 266 -18.34 24.43 29.68
C PHE A 266 -18.42 23.32 30.72
N LEU A 267 -18.36 22.06 30.28
CA LEU A 267 -18.45 20.94 31.21
C LEU A 267 -17.18 20.80 32.04
N HIS A 268 -16.05 21.24 31.49
CA HIS A 268 -14.73 21.18 32.10
C HIS A 268 -14.40 22.37 33.00
N LYS A 269 -15.24 23.41 33.04
CA LYS A 269 -14.91 24.63 33.78
C LYS A 269 -14.52 24.34 35.22
N LYS A 270 -15.30 23.52 35.92
CA LYS A 270 -15.03 23.26 37.33
C LYS A 270 -13.91 22.22 37.53
N GLY A 271 -13.11 21.94 36.50
CA GLY A 271 -11.98 21.04 36.61
C GLY A 271 -12.30 19.58 36.53
N GLY A 272 -13.55 19.20 36.27
CA GLY A 272 -13.98 17.83 36.29
C GLY A 272 -14.65 17.43 34.98
N ASN A 273 -15.52 16.41 35.09
CA ASN A 273 -16.24 15.88 33.93
C ASN A 273 -15.27 15.49 32.81
N ALA A 274 -14.18 14.84 33.20
CA ALA A 274 -13.24 14.33 32.21
C ALA A 274 -13.96 13.37 31.27
N PHE A 275 -13.48 13.32 30.03
CA PHE A 275 -14.03 12.47 28.99
C PHE A 275 -13.14 11.24 28.86
N VAL A 276 -13.77 10.09 28.61
CA VAL A 276 -13.04 8.86 28.33
C VAL A 276 -12.88 8.80 26.81
N MET A 277 -11.71 9.20 26.35
CA MET A 277 -11.39 9.29 24.94
C MET A 277 -10.71 8.01 24.47
N ASN A 278 -10.71 7.80 23.15
CA ASN A 278 -9.98 6.70 22.53
C ASN A 278 -10.41 5.36 23.12
N ALA A 279 -11.70 5.22 23.42
CA ALA A 279 -12.24 4.01 24.04
C ALA A 279 -13.50 3.61 23.28
N SER A 280 -13.29 2.76 22.27
CA SER A 280 -14.40 2.31 21.44
CA SER A 280 -14.40 2.31 21.44
C SER A 280 -15.26 1.31 22.19
N VAL A 281 -16.57 1.54 22.20
CA VAL A 281 -17.49 0.63 22.87
C VAL A 281 -17.65 -0.63 22.05
N THR A 282 -17.49 -1.79 22.69
CA THR A 282 -17.65 -3.07 22.06
C THR A 282 -18.79 -3.91 22.64
N ALA A 283 -19.31 -3.57 23.81
CA ALA A 283 -20.40 -4.33 24.41
C ALA A 283 -21.20 -3.44 25.34
N ILE A 284 -22.51 -3.64 25.37
CA ILE A 284 -23.41 -2.94 26.27
C ILE A 284 -24.45 -3.94 26.77
N GLY A 285 -24.59 -4.04 28.08
CA GLY A 285 -25.59 -4.95 28.63
C GLY A 285 -25.65 -4.84 30.14
N LEU A 286 -26.72 -5.41 30.68
CA LEU A 286 -26.89 -5.50 32.13
C LEU A 286 -25.86 -6.46 32.72
N GLU A 287 -25.32 -6.10 33.88
CA GLU A 287 -24.39 -6.98 34.57
C GLU A 287 -25.05 -8.32 34.87
N ASN A 288 -26.29 -8.29 35.37
CA ASN A 288 -27.08 -9.50 35.59
C ASN A 288 -28.50 -9.21 35.11
N PRO A 289 -28.86 -9.66 33.91
CA PRO A 289 -30.19 -9.33 33.37
C PRO A 289 -31.34 -9.88 34.18
N ASN A 290 -31.08 -10.75 35.16
CA ASN A 290 -32.15 -11.31 35.99
C ASN A 290 -32.40 -10.50 37.26
N LYS A 291 -31.47 -9.63 37.65
CA LYS A 291 -31.65 -8.79 38.82
C LYS A 291 -32.30 -7.47 38.42
N GLU A 292 -33.36 -7.08 39.14
CA GLU A 292 -34.08 -5.87 38.79
C GLU A 292 -33.24 -4.61 38.98
N ASP A 293 -32.34 -4.62 39.96
CA ASP A 293 -31.48 -3.47 40.22
C ASP A 293 -30.13 -3.57 39.52
N SER A 294 -30.03 -4.42 38.51
CA SER A 294 -28.74 -4.63 37.86
C SER A 294 -28.24 -3.33 37.23
N PRO A 295 -26.97 -2.99 37.41
CA PRO A 295 -26.41 -1.85 36.69
C PRO A 295 -26.08 -2.22 35.25
N MET A 296 -25.84 -1.19 34.45
CA MET A 296 -25.37 -1.38 33.09
C MET A 296 -23.85 -1.56 33.07
N VAL A 297 -23.39 -2.32 32.09
CA VAL A 297 -21.96 -2.54 31.86
C VAL A 297 -21.64 -2.11 30.44
N VAL A 298 -20.64 -1.24 30.29
CA VAL A 298 -20.13 -0.83 28.99
C VAL A 298 -18.68 -1.26 28.92
N VAL A 299 -18.35 -2.05 27.89
CA VAL A 299 -16.96 -2.42 27.61
C VAL A 299 -16.47 -1.46 26.54
N ALA A 300 -15.46 -0.66 26.87
CA ALA A 300 -14.89 0.30 25.94
C ALA A 300 -13.39 0.37 26.15
N GLY A 301 -12.64 0.27 25.06
CA GLY A 301 -11.19 0.25 25.15
C GLY A 301 -10.67 -0.87 26.02
N GLY A 302 -11.34 -2.02 26.00
CA GLY A 302 -10.91 -3.16 26.80
C GLY A 302 -11.15 -3.05 28.28
N GLN A 303 -11.90 -2.04 28.74
CA GLN A 303 -12.19 -1.85 30.15
C GLN A 303 -13.70 -1.91 30.37
N LYS A 304 -14.10 -2.55 31.47
CA LYS A 304 -15.50 -2.61 31.88
C LYS A 304 -15.82 -1.41 32.75
N ARG A 305 -16.88 -0.70 32.40
CA ARG A 305 -17.36 0.46 33.15
C ARG A 305 -18.84 0.25 33.47
N LYS A 306 -19.21 0.56 34.71
CA LYS A 306 -20.55 0.32 35.21
C LYS A 306 -21.28 1.64 35.43
N TYR A 307 -22.56 1.66 35.06
CA TYR A 307 -23.41 2.84 35.19
C TYR A 307 -24.80 2.40 35.60
N SER A 308 -25.53 3.32 36.25
CA SER A 308 -26.92 3.04 36.58
C SER A 308 -27.78 3.04 35.32
N HIS A 309 -27.61 4.04 34.46
CA HIS A 309 -28.28 4.10 33.17
C HIS A 309 -27.27 4.47 32.11
N VAL A 310 -27.58 4.12 30.86
CA VAL A 310 -26.72 4.41 29.73
C VAL A 310 -27.55 5.14 28.67
N ILE A 311 -27.02 6.27 28.19
CA ILE A 311 -27.58 6.98 27.05
C ILE A 311 -26.63 6.77 25.89
N SER A 312 -27.08 6.04 24.87
CA SER A 312 -26.29 5.81 23.68
C SER A 312 -26.63 6.85 22.62
N THR A 313 -25.61 7.50 22.07
CA THR A 313 -25.77 8.32 20.88
C THR A 313 -25.06 7.70 19.67
N LEU A 314 -24.72 6.41 19.76
CA LEU A 314 -24.06 5.74 18.66
C LEU A 314 -25.03 5.55 17.50
N PRO A 315 -24.58 5.76 16.25
CA PRO A 315 -25.46 5.49 15.10
C PRO A 315 -25.99 4.07 15.13
N LEU A 316 -27.18 3.89 14.60
CA LEU A 316 -27.77 2.56 14.55
C LEU A 316 -26.86 1.54 13.90
N PRO A 317 -26.20 1.83 12.78
CA PRO A 317 -25.26 0.84 12.21
C PRO A 317 -24.10 0.53 13.13
N VAL A 318 -23.66 1.50 13.94
CA VAL A 318 -22.59 1.24 14.89
C VAL A 318 -23.07 0.30 15.99
N LEU A 319 -24.30 0.50 16.49
CA LEU A 319 -24.83 -0.40 17.51
C LEU A 319 -24.87 -1.84 17.00
N ARG A 320 -25.08 -2.03 15.70
CA ARG A 320 -25.11 -3.38 15.15
C ARG A 320 -23.74 -4.06 15.17
N THR A 321 -22.66 -3.32 15.41
CA THR A 321 -21.33 -3.89 15.59
C THR A 321 -20.99 -4.07 17.06
N VAL A 322 -21.88 -3.69 17.98
CA VAL A 322 -21.66 -3.79 19.41
C VAL A 322 -22.40 -5.00 19.93
N ASP A 323 -21.77 -5.72 20.86
CA ASP A 323 -22.40 -6.87 21.49
C ASP A 323 -23.47 -6.38 22.45
N LEU A 324 -24.74 -6.53 22.06
CA LEU A 324 -25.85 -6.08 22.87
C LEU A 324 -26.53 -7.21 23.63
N LYS A 325 -25.87 -8.35 23.79
CA LYS A 325 -26.40 -9.39 24.65
C LYS A 325 -26.45 -8.85 26.09
N ASN A 326 -27.53 -9.16 26.77
CA ASN A 326 -27.85 -8.70 28.12
C ASN A 326 -28.39 -7.27 28.13
N SER A 327 -28.55 -6.63 26.97
CA SER A 327 -29.33 -5.40 26.87
C SER A 327 -30.81 -5.68 26.61
N LYS A 328 -31.16 -6.94 26.32
CA LYS A 328 -32.55 -7.38 26.27
C LYS A 328 -33.41 -6.50 25.37
N LEU A 329 -32.89 -6.20 24.17
CA LEU A 329 -33.73 -5.55 23.18
C LEU A 329 -34.88 -6.48 22.81
N ASP A 330 -36.07 -5.91 22.63
CA ASP A 330 -37.15 -6.75 22.11
C ASP A 330 -36.99 -6.92 20.61
N ILE A 331 -37.76 -7.86 20.05
CA ILE A 331 -37.57 -8.27 18.67
C ILE A 331 -37.77 -7.10 17.71
N VAL A 332 -38.62 -6.13 18.07
CA VAL A 332 -38.83 -4.99 17.20
C VAL A 332 -37.60 -4.07 17.23
N GLN A 333 -37.09 -3.80 18.43
CA GLN A 333 -35.92 -2.96 18.58
C GLN A 333 -34.73 -3.52 17.81
N SER A 334 -34.49 -4.83 17.92
CA SER A 334 -33.33 -5.41 17.23
C SER A 334 -33.54 -5.39 15.72
N ASN A 335 -34.77 -5.59 15.26
CA ASN A 335 -35.07 -5.39 13.85
C ASN A 335 -34.84 -3.94 13.45
N ALA A 336 -35.21 -3.00 14.32
CA ALA A 336 -35.09 -1.58 13.98
C ALA A 336 -33.63 -1.20 13.74
N LEU A 337 -32.71 -1.72 14.56
CA LEU A 337 -31.30 -1.38 14.40
C LEU A 337 -30.80 -1.72 13.00
N ARG A 338 -31.32 -2.80 12.42
CA ARG A 338 -30.86 -3.22 11.10
C ARG A 338 -31.58 -2.50 9.98
N LYS A 339 -32.89 -2.36 10.08
CA LYS A 339 -33.71 -1.95 8.95
C LYS A 339 -33.86 -0.43 8.82
N LEU A 340 -33.91 0.31 9.93
CA LEU A 340 -34.05 1.76 9.85
C LEU A 340 -32.91 2.34 9.01
N GLN A 341 -33.23 2.90 7.86
CA GLN A 341 -32.25 3.10 6.81
C GLN A 341 -31.43 4.36 7.02
N TYR A 342 -30.14 4.28 6.71
CA TYR A 342 -29.24 5.41 6.69
C TYR A 342 -28.97 5.83 5.25
N GLY A 343 -28.53 7.07 5.09
CA GLY A 343 -28.21 7.61 3.79
C GLY A 343 -26.77 8.06 3.69
N PRO A 344 -26.23 8.12 2.48
CA PRO A 344 -24.83 8.48 2.29
C PRO A 344 -24.64 9.97 2.01
N SER A 345 -23.38 10.38 2.09
CA SER A 345 -23.00 11.74 1.70
C SER A 345 -21.49 11.83 1.58
N ILE A 346 -21.03 12.68 0.67
CA ILE A 346 -19.61 13.01 0.52
C ILE A 346 -19.48 14.52 0.40
N LYS A 347 -18.31 15.02 0.79
CA LYS A 347 -17.96 16.41 0.55
C LYS A 347 -16.52 16.45 0.06
N ILE A 348 -16.26 17.40 -0.84
CA ILE A 348 -14.91 17.65 -1.35
C ILE A 348 -14.64 19.14 -1.19
N GLY A 349 -13.65 19.47 -0.36
CA GLY A 349 -13.22 20.84 -0.17
C GLY A 349 -11.89 21.06 -0.89
N ILE A 350 -11.78 22.23 -1.52
CA ILE A 350 -10.59 22.59 -2.29
C ILE A 350 -10.13 23.97 -1.85
N LEU A 351 -8.88 24.06 -1.40
CA LEU A 351 -8.25 25.34 -1.14
C LEU A 351 -7.71 25.88 -2.45
N PHE A 352 -8.15 27.08 -2.82
CA PHE A 352 -7.66 27.77 -4.00
C PHE A 352 -6.76 28.92 -3.56
N LYS A 353 -6.09 29.53 -4.54
CA LYS A 353 -5.23 30.68 -4.26
C LYS A 353 -6.01 31.96 -4.06
N GLU A 354 -7.28 31.99 -4.45
CA GLU A 354 -8.10 33.19 -4.36
C GLU A 354 -9.56 32.78 -4.42
N PRO A 355 -10.47 33.65 -3.99
CA PRO A 355 -11.91 33.34 -4.14
C PRO A 355 -12.40 33.70 -5.53
N TRP A 356 -11.96 32.90 -6.51
CA TRP A 356 -12.24 33.22 -7.91
C TRP A 356 -13.73 33.33 -8.19
N TRP A 357 -14.55 32.59 -7.44
CA TRP A 357 -15.99 32.69 -7.61
C TRP A 357 -16.53 34.07 -7.25
N THR A 358 -15.79 34.83 -6.44
CA THR A 358 -16.19 36.17 -6.04
C THR A 358 -15.57 37.26 -6.93
N THR A 359 -14.31 37.09 -7.33
CA THR A 359 -13.58 38.13 -8.04
C THR A 359 -13.31 37.80 -9.50
N GLY A 360 -13.49 36.55 -9.91
CA GLY A 360 -13.06 36.11 -11.24
C GLY A 360 -14.13 36.31 -12.31
N GLN A 361 -13.79 35.84 -13.50
CA GLN A 361 -14.66 35.91 -14.66
C GLN A 361 -14.54 34.64 -15.47
N ASP A 362 -15.57 34.36 -16.26
CA ASP A 362 -15.61 33.15 -17.06
C ASP A 362 -14.82 33.37 -18.35
N LYS A 363 -14.83 32.37 -19.24
CA LYS A 363 -14.02 32.44 -20.45
C LYS A 363 -14.47 33.56 -21.39
N ASN A 364 -15.68 34.09 -21.21
CA ASN A 364 -16.18 35.17 -22.04
C ASN A 364 -16.09 36.53 -21.37
N GLY A 365 -15.45 36.62 -20.20
CA GLY A 365 -15.30 37.87 -19.51
C GLY A 365 -16.42 38.22 -18.57
N GLU A 366 -17.42 37.35 -18.42
CA GLU A 366 -18.52 37.61 -17.52
C GLU A 366 -18.12 37.23 -16.10
N LYS A 367 -18.26 38.17 -15.18
CA LYS A 367 -17.87 37.93 -13.79
C LYS A 367 -18.87 37.02 -13.09
N PHE A 368 -18.36 36.07 -12.31
CA PHE A 368 -19.23 35.18 -11.55
C PHE A 368 -20.00 35.96 -10.49
N ASP A 369 -19.29 36.79 -9.73
CA ASP A 369 -19.91 37.69 -8.75
C ASP A 369 -20.74 36.90 -7.74
N LEU A 370 -20.15 35.83 -7.21
CA LEU A 370 -20.80 34.95 -6.25
C LEU A 370 -20.24 35.19 -4.87
N VAL A 371 -21.12 35.43 -3.90
CA VAL A 371 -20.76 35.57 -2.49
C VAL A 371 -21.68 34.63 -1.71
N GLY A 372 -21.10 33.58 -1.15
CA GLY A 372 -21.94 32.56 -0.56
C GLY A 372 -22.81 31.93 -1.63
N GLY A 373 -23.90 31.34 -1.17
CA GLY A 373 -24.82 30.69 -2.08
C GLY A 373 -24.29 29.36 -2.58
N GLN A 374 -24.96 28.85 -3.59
CA GLN A 374 -24.67 27.51 -4.09
C GLN A 374 -24.94 27.47 -5.60
N SER A 375 -24.27 26.53 -6.27
CA SER A 375 -24.56 26.21 -7.65
C SER A 375 -24.98 24.74 -7.74
N TYR A 376 -25.79 24.44 -8.76
CA TYR A 376 -26.38 23.12 -8.90
C TYR A 376 -26.16 22.61 -10.32
N THR A 377 -25.98 21.29 -10.43
CA THR A 377 -25.75 20.68 -11.73
C THR A 377 -26.13 19.20 -11.66
N ASP A 378 -26.41 18.63 -12.82
CA ASP A 378 -26.58 17.18 -12.92
C ASP A 378 -25.26 16.46 -13.14
N LEU A 379 -24.16 17.19 -13.22
CA LEU A 379 -22.84 16.58 -13.26
C LEU A 379 -22.52 15.92 -11.92
N PRO A 380 -21.56 14.99 -11.91
CA PRO A 380 -21.28 14.22 -10.67
C PRO A 380 -21.10 15.04 -9.40
N ILE A 381 -20.57 16.27 -9.47
CA ILE A 381 -20.39 17.04 -8.25
C ILE A 381 -21.72 17.52 -7.67
N ARG A 382 -22.76 17.62 -8.49
CA ARG A 382 -24.13 17.91 -8.09
C ARG A 382 -24.29 19.30 -7.46
N THR A 383 -23.61 19.57 -6.35
CA THR A 383 -23.79 20.81 -5.62
C THR A 383 -22.44 21.42 -5.25
N VAL A 384 -22.30 22.72 -5.54
CA VAL A 384 -21.14 23.52 -5.17
C VAL A 384 -21.60 24.54 -4.14
N VAL A 385 -20.85 24.68 -3.05
CA VAL A 385 -21.22 25.57 -1.95
C VAL A 385 -20.10 26.58 -1.75
N TYR A 386 -20.41 27.86 -1.99
CA TYR A 386 -19.43 28.92 -1.77
C TYR A 386 -19.49 29.39 -0.31
N PRO A 387 -18.35 29.70 0.31
CA PRO A 387 -18.35 30.00 1.74
C PRO A 387 -19.01 31.33 2.06
N SER A 388 -19.80 31.34 3.13
CA SER A 388 -20.37 32.57 3.66
C SER A 388 -19.53 33.19 4.76
N TYR A 389 -18.69 32.38 5.43
CA TYR A 389 -17.87 32.88 6.52
C TYR A 389 -16.70 33.68 5.99
N GLY A 390 -16.43 34.82 6.63
CA GLY A 390 -15.27 35.63 6.33
C GLY A 390 -15.35 36.46 5.08
N VAL A 391 -16.50 36.50 4.41
CA VAL A 391 -16.56 37.11 3.08
C VAL A 391 -16.29 38.61 3.14
N ASN A 392 -16.56 39.24 4.28
CA ASN A 392 -16.41 40.69 4.40
C ASN A 392 -15.14 41.10 5.14
N THR A 393 -14.31 40.15 5.56
CA THR A 393 -13.08 40.48 6.25
C THR A 393 -11.99 40.82 5.24
N ASN A 394 -10.84 41.24 5.76
CA ASN A 394 -9.69 41.54 4.90
C ASN A 394 -9.00 40.29 4.41
N ALA A 395 -9.35 39.11 4.92
CA ALA A 395 -8.80 37.84 4.44
C ALA A 395 -9.95 36.88 4.21
N PRO A 396 -10.74 37.09 3.16
CA PRO A 396 -11.84 36.17 2.87
C PRO A 396 -11.34 34.75 2.58
N SER A 397 -12.28 33.81 2.70
CA SER A 397 -11.94 32.41 2.49
C SER A 397 -11.55 32.15 1.05
N ASN A 398 -10.50 31.35 0.87
CA ASN A 398 -10.13 30.82 -0.44
C ASN A 398 -10.57 29.37 -0.59
N THR A 399 -11.39 28.87 0.31
CA THR A 399 -11.75 27.46 0.35
C THR A 399 -13.16 27.24 -0.18
N LEU A 400 -13.30 26.29 -1.10
CA LEU A 400 -14.57 25.99 -1.74
C LEU A 400 -15.02 24.58 -1.37
N ILE A 401 -16.32 24.41 -1.17
CA ILE A 401 -16.93 23.07 -1.16
C ILE A 401 -17.26 22.78 -2.62
N ALA A 402 -16.35 22.09 -3.30
CA ALA A 402 -16.47 21.83 -4.73
C ALA A 402 -17.53 20.77 -5.03
N SER A 403 -17.86 19.93 -4.06
CA SER A 403 -18.88 18.90 -4.27
C SER A 403 -19.49 18.52 -2.94
N TYR A 404 -20.83 18.45 -2.93
CA TYR A 404 -21.58 17.99 -1.76
C TYR A 404 -22.72 17.16 -2.31
N CYS A 405 -22.65 15.83 -2.13
CA CYS A 405 -23.54 14.88 -2.76
C CYS A 405 -24.34 14.08 -1.75
N TRP A 406 -25.50 13.61 -2.19
CA TRP A 406 -26.39 12.73 -1.45
C TRP A 406 -26.67 11.47 -2.27
N THR A 407 -27.31 10.50 -1.61
CA THR A 407 -27.85 9.29 -2.23
C THR A 407 -26.93 8.74 -3.32
N ASN A 408 -27.48 8.40 -4.50
CA ASN A 408 -26.69 7.70 -5.51
C ASN A 408 -25.46 8.51 -5.91
N ASP A 409 -25.59 9.84 -5.98
CA ASP A 409 -24.45 10.66 -6.39
C ASP A 409 -23.29 10.50 -5.40
N ALA A 410 -23.60 10.43 -4.11
CA ALA A 410 -22.55 10.25 -3.11
C ALA A 410 -22.00 8.83 -3.13
N GLU A 411 -22.87 7.83 -3.36
CA GLU A 411 -22.40 6.45 -3.43
C GLU A 411 -21.41 6.28 -4.57
N ARG A 412 -21.73 6.82 -5.74
CA ARG A 412 -20.83 6.70 -6.87
C ARG A 412 -19.53 7.46 -6.62
N MET A 413 -19.63 8.73 -6.23
CA MET A 413 -18.42 9.51 -5.99
C MET A 413 -17.56 8.89 -4.90
N GLY A 414 -18.17 8.20 -3.92
CA GLY A 414 -17.41 7.64 -2.83
C GLY A 414 -16.32 6.68 -3.28
N SER A 415 -16.52 6.02 -4.42
CA SER A 415 -15.53 5.06 -4.90
C SER A 415 -14.20 5.72 -5.24
N LEU A 416 -14.20 7.04 -5.47
CA LEU A 416 -13.00 7.77 -5.78
C LEU A 416 -12.37 8.45 -4.56
N ILE A 417 -12.98 8.30 -3.38
CA ILE A 417 -12.53 8.98 -2.17
C ILE A 417 -11.94 7.96 -1.22
N GLY A 418 -10.82 8.33 -0.60
CA GLY A 418 -10.20 7.47 0.39
C GLY A 418 -9.65 6.19 -0.15
N THR A 419 -9.24 6.17 -1.42
CA THR A 419 -8.67 4.96 -2.00
C THR A 419 -7.25 4.71 -1.50
N GLY A 420 -6.55 5.76 -1.09
CA GLY A 420 -5.16 5.69 -0.72
C GLY A 420 -4.17 5.65 -1.86
N ALA A 421 -4.63 5.79 -3.10
CA ALA A 421 -3.78 5.73 -4.29
C ALA A 421 -3.74 7.09 -4.95
N ALA A 422 -2.53 7.58 -5.21
CA ALA A 422 -2.38 8.90 -5.83
C ALA A 422 -3.13 8.99 -7.15
N THR A 423 -3.13 7.90 -7.93
CA THR A 423 -3.75 7.94 -9.26
C THR A 423 -5.25 8.22 -9.16
N TYR A 424 -5.91 7.70 -8.13
CA TYR A 424 -7.33 7.96 -7.98
C TYR A 424 -7.58 9.33 -7.36
N GLU A 425 -6.68 9.79 -6.49
CA GLU A 425 -6.75 11.18 -6.03
C GLU A 425 -6.64 12.15 -7.20
N GLU A 426 -5.78 11.84 -8.18
CA GLU A 426 -5.65 12.69 -9.35
CA GLU A 426 -5.66 12.70 -9.34
C GLU A 426 -6.89 12.62 -10.23
N GLN A 427 -7.40 11.40 -10.46
CA GLN A 427 -8.63 11.25 -11.22
C GLN A 427 -9.76 12.07 -10.60
N LEU A 428 -9.88 11.99 -9.27
CA LEU A 428 -10.94 12.71 -8.57
C LEU A 428 -10.80 14.22 -8.77
N GLU A 429 -9.60 14.74 -8.55
CA GLU A 429 -9.39 16.19 -8.69
C GLU A 429 -9.74 16.65 -10.10
N HIS A 430 -9.28 15.91 -11.12
CA HIS A 430 -9.54 16.32 -12.49
C HIS A 430 -11.03 16.29 -12.82
N LEU A 431 -11.73 15.26 -12.34
CA LEU A 431 -13.18 15.21 -12.54
C LEU A 431 -13.87 16.39 -11.88
N VAL A 432 -13.49 16.70 -10.65
CA VAL A 432 -14.14 17.78 -9.93
C VAL A 432 -13.86 19.12 -10.62
N LEU A 433 -12.60 19.38 -10.96
CA LEU A 433 -12.26 20.63 -11.64
C LEU A 433 -12.95 20.72 -12.99
N SER A 434 -13.02 19.60 -13.71
CA SER A 434 -13.72 19.59 -15.00
C SER A 434 -15.19 19.93 -14.82
N ASN A 435 -15.85 19.28 -13.87
CA ASN A 435 -17.25 19.59 -13.58
C ASN A 435 -17.41 21.07 -13.21
N LEU A 436 -16.55 21.56 -12.30
CA LEU A 436 -16.62 22.96 -11.91
C LEU A 436 -16.45 23.87 -13.11
N ALA A 437 -15.50 23.55 -13.99
CA ALA A 437 -15.28 24.40 -15.16
C ALA A 437 -16.53 24.46 -16.03
N ALA A 438 -17.19 23.32 -16.24
CA ALA A 438 -18.40 23.31 -17.05
C ALA A 438 -19.54 24.06 -16.37
N VAL A 439 -19.64 23.98 -15.05
CA VAL A 439 -20.71 24.68 -14.35
C VAL A 439 -20.54 26.19 -14.50
N HIS A 440 -19.32 26.69 -14.33
CA HIS A 440 -19.06 28.13 -14.31
C HIS A 440 -18.65 28.69 -15.66
N ASN A 441 -18.46 27.83 -16.68
CA ASN A 441 -18.07 28.26 -18.02
C ASN A 441 -16.63 28.79 -18.05
N THR A 442 -15.72 28.02 -17.46
CA THR A 442 -14.29 28.27 -17.55
C THR A 442 -13.63 27.07 -18.21
N ASP A 443 -12.34 27.19 -18.51
CA ASP A 443 -11.57 26.03 -18.93
C ASP A 443 -11.01 25.31 -17.70
N TYR A 444 -10.64 24.05 -17.89
CA TYR A 444 -10.06 23.28 -16.80
C TYR A 444 -8.82 23.97 -16.21
N GLN A 445 -7.93 24.44 -17.09
CA GLN A 445 -6.65 24.97 -16.62
C GLN A 445 -6.83 26.22 -15.76
N TYR A 446 -7.87 27.01 -16.02
CA TYR A 446 -8.14 28.18 -15.18
C TYR A 446 -8.28 27.78 -13.72
N LEU A 447 -8.97 26.67 -13.45
CA LEU A 447 -9.14 26.22 -12.08
C LEU A 447 -7.93 25.45 -11.59
N LYS A 448 -7.29 24.66 -12.46
CA LYS A 448 -6.09 23.93 -12.04
C LYS A 448 -4.99 24.90 -11.62
N ASP A 449 -4.78 25.98 -12.39
CA ASP A 449 -3.76 26.95 -12.03
C ASP A 449 -3.97 27.54 -10.64
N ARG A 450 -5.20 27.55 -10.15
CA ARG A 450 -5.53 28.17 -8.87
C ARG A 450 -5.68 27.17 -7.74
N LEU A 451 -5.55 25.88 -8.00
CA LEU A 451 -5.76 24.88 -6.97
C LEU A 451 -4.52 24.74 -6.10
N VAL A 452 -4.74 24.64 -4.79
CA VAL A 452 -3.66 24.47 -3.81
C VAL A 452 -3.74 23.10 -3.14
N ASP A 453 -4.86 22.79 -2.49
CA ASP A 453 -5.00 21.53 -1.77
CA ASP A 453 -5.00 21.53 -1.77
C ASP A 453 -6.43 21.04 -1.87
N VAL A 454 -6.59 19.72 -1.79
CA VAL A 454 -7.88 19.06 -1.86
C VAL A 454 -8.07 18.21 -0.62
N HIS A 455 -9.30 18.24 -0.08
CA HIS A 455 -9.70 17.39 1.03
C HIS A 455 -11.05 16.78 0.69
N SER A 456 -11.18 15.46 0.88
CA SER A 456 -12.39 14.75 0.52
C SER A 456 -12.78 13.80 1.64
N TRP A 457 -14.09 13.56 1.77
CA TRP A 457 -14.61 12.78 2.87
C TRP A 457 -15.85 12.03 2.43
N ASP A 458 -15.94 10.77 2.85
CA ASP A 458 -17.08 9.90 2.53
C ASP A 458 -17.64 9.38 3.84
N TRP A 459 -18.76 9.97 4.29
CA TRP A 459 -19.37 9.54 5.54
C TRP A 459 -19.92 8.13 5.46
N ASN A 460 -20.06 7.56 4.26
CA ASN A 460 -20.48 6.18 4.08
C ASN A 460 -19.30 5.22 4.02
N HIS A 461 -18.08 5.71 4.23
CA HIS A 461 -16.91 4.87 4.43
CA HIS A 461 -16.89 4.89 4.41
C HIS A 461 -16.13 5.45 5.61
N ASN A 462 -16.73 5.34 6.78
CA ASN A 462 -16.21 5.89 8.03
C ASN A 462 -16.72 5.03 9.17
N PRO A 463 -15.87 4.25 9.83
CA PRO A 463 -16.36 3.34 10.88
C PRO A 463 -17.13 4.02 11.99
N LEU A 464 -16.89 5.31 12.23
CA LEU A 464 -17.53 6.00 13.35
C LEU A 464 -18.95 6.45 13.04
N THR A 465 -19.35 6.48 11.77
CA THR A 465 -20.71 6.87 11.39
C THR A 465 -21.42 5.80 10.58
N MET A 466 -20.72 5.11 9.68
CA MET A 466 -21.29 4.04 8.87
C MET A 466 -22.51 4.54 8.09
N GLY A 467 -22.32 5.69 7.45
CA GLY A 467 -23.40 6.41 6.80
C GLY A 467 -23.35 7.87 7.20
N ALA A 468 -23.92 8.76 6.39
CA ALA A 468 -23.96 10.17 6.74
C ALA A 468 -24.95 10.43 7.86
N PHE A 469 -26.15 9.85 7.76
CA PHE A 469 -27.21 10.11 8.72
C PHE A 469 -28.39 9.22 8.40
N ALA A 470 -29.34 9.18 9.33
CA ALA A 470 -30.59 8.48 9.08
C ALA A 470 -31.25 9.08 7.85
N PHE A 471 -31.73 8.21 6.96
CA PHE A 471 -32.50 8.61 5.78
C PHE A 471 -33.47 7.45 5.53
N PHE A 472 -34.59 7.48 6.26
CA PHE A 472 -35.47 6.32 6.36
C PHE A 472 -36.12 5.98 5.01
N GLY A 473 -36.29 4.67 4.78
CA GLY A 473 -37.10 4.22 3.67
C GLY A 473 -38.57 4.20 4.03
N PRO A 474 -39.40 3.91 3.04
CA PRO A 474 -40.85 3.82 3.30
C PRO A 474 -41.14 2.77 4.36
N GLY A 475 -42.02 3.12 5.29
CA GLY A 475 -42.42 2.22 6.34
C GLY A 475 -41.59 2.28 7.60
N ASP A 476 -40.36 2.82 7.53
CA ASP A 476 -39.49 2.85 8.70
C ASP A 476 -40.12 3.63 9.85
N PHE A 477 -40.67 4.81 9.55
CA PHE A 477 -41.24 5.65 10.61
C PHE A 477 -42.48 5.01 11.23
N GLN A 478 -43.31 4.36 10.41
CA GLN A 478 -44.57 3.82 10.91
CA GLN A 478 -44.56 3.83 10.92
C GLN A 478 -44.39 2.49 11.62
N ASP A 479 -43.39 1.70 11.24
CA ASP A 479 -43.25 0.33 11.71
C ASP A 479 -42.25 0.18 12.84
N LEU A 480 -41.06 0.77 12.70
CA LEU A 480 -39.92 0.45 13.57
C LEU A 480 -39.44 1.62 14.41
N TYR A 481 -39.77 2.86 14.05
CA TYR A 481 -39.17 4.02 14.69
C TYR A 481 -39.51 4.08 16.18
N THR A 482 -40.78 3.82 16.54
CA THR A 482 -41.19 3.99 17.93
C THR A 482 -40.49 2.99 18.85
N SER A 483 -40.14 1.80 18.34
CA SER A 483 -39.53 0.78 19.19
C SER A 483 -38.29 1.29 19.88
N LEU A 484 -37.51 2.16 19.22
CA LEU A 484 -36.26 2.63 19.79
C LEU A 484 -36.44 3.84 20.70
N ASN A 485 -37.62 4.47 20.71
CA ASN A 485 -37.93 5.45 21.72
C ASN A 485 -38.37 4.81 23.04
N ARG A 486 -38.63 3.51 23.03
CA ARG A 486 -38.75 2.78 24.28
C ARG A 486 -37.35 2.37 24.73
N PRO A 487 -37.09 2.34 26.03
CA PRO A 487 -35.77 1.91 26.50
C PRO A 487 -35.61 0.41 26.35
N ALA A 488 -34.38 -0.04 26.52
CA ALA A 488 -34.06 -1.45 26.62
C ALA A 488 -33.36 -1.71 27.96
N ALA A 489 -32.95 -2.96 28.16
CA ALA A 489 -32.16 -3.35 29.33
C ALA A 489 -32.88 -3.00 30.63
N ASN A 490 -34.12 -3.47 30.76
CA ASN A 490 -34.92 -3.24 31.96
C ASN A 490 -35.03 -1.74 32.24
N GLY A 491 -35.19 -0.96 31.18
CA GLY A 491 -35.37 0.48 31.29
C GLY A 491 -34.10 1.28 31.44
N LYS A 492 -32.94 0.65 31.38
CA LYS A 492 -31.68 1.33 31.69
C LYS A 492 -30.83 1.67 30.48
N LEU A 493 -31.23 1.27 29.28
CA LEU A 493 -30.53 1.63 28.07
C LEU A 493 -31.44 2.53 27.25
N HIS A 494 -30.98 3.74 26.98
CA HIS A 494 -31.74 4.74 26.25
C HIS A 494 -31.06 5.04 24.92
N PHE A 495 -31.82 4.91 23.84
CA PHE A 495 -31.31 5.13 22.50
C PHE A 495 -31.47 6.60 22.13
N ALA A 496 -30.37 7.23 21.74
CA ALA A 496 -30.38 8.63 21.34
C ALA A 496 -29.51 8.76 20.10
N GLY A 497 -29.27 10.00 19.69
CA GLY A 497 -28.67 10.29 18.41
C GLY A 497 -29.71 10.76 17.39
N GLU A 498 -29.23 11.43 16.34
CA GLU A 498 -30.13 12.09 15.41
C GLU A 498 -31.11 11.11 14.76
N ALA A 499 -30.74 9.83 14.65
CA ALA A 499 -31.68 8.85 14.11
C ALA A 499 -32.96 8.78 14.93
N LEU A 500 -32.88 9.06 16.23
CA LEU A 500 -34.04 9.03 17.12
C LEU A 500 -34.74 10.38 17.13
N SER A 501 -35.20 10.80 15.96
CA SER A 501 -35.91 12.08 15.81
C SER A 501 -36.61 12.08 14.47
N VAL A 502 -37.41 13.12 14.26
CA VAL A 502 -37.97 13.42 12.95
C VAL A 502 -37.22 14.56 12.28
N ARG A 503 -36.01 14.87 12.76
CA ARG A 503 -35.15 15.84 12.11
C ARG A 503 -33.83 15.18 11.75
N HIS A 504 -33.91 14.09 11.00
CA HIS A 504 -32.71 13.40 10.55
C HIS A 504 -31.82 14.35 9.76
N ALA A 505 -30.52 14.15 9.90
CA ALA A 505 -29.52 14.95 9.18
C ALA A 505 -29.50 16.40 9.64
N TRP A 506 -29.94 16.64 10.87
CA TRP A 506 -29.89 17.96 11.48
C TRP A 506 -29.37 17.84 12.90
N VAL A 507 -28.70 18.90 13.38
CA VAL A 507 -28.27 18.93 14.76
C VAL A 507 -29.47 18.86 15.69
N VAL A 508 -30.57 19.54 15.35
CA VAL A 508 -31.73 19.55 16.23
C VAL A 508 -32.25 18.13 16.45
N GLY A 509 -32.10 17.27 15.45
CA GLY A 509 -32.47 15.87 15.63
C GLY A 509 -31.70 15.23 16.77
N ALA A 510 -30.38 15.47 16.82
CA ALA A 510 -29.59 14.94 17.92
C ALA A 510 -30.02 15.54 19.24
N LEU A 511 -30.31 16.84 19.27
CA LEU A 511 -30.74 17.49 20.51
C LEU A 511 -32.08 16.95 20.98
N ASP A 512 -33.05 16.82 20.07
CA ASP A 512 -34.33 16.23 20.43
C ASP A 512 -34.13 14.85 21.04
N SER A 513 -33.26 14.04 20.43
CA SER A 513 -33.05 12.68 20.92
C SER A 513 -32.50 12.68 22.34
N ALA A 514 -31.64 13.65 22.66
CA ALA A 514 -31.09 13.72 24.01
C ALA A 514 -32.15 14.16 25.01
N TRP A 515 -33.00 15.11 24.62
CA TRP A 515 -34.09 15.52 25.48
C TRP A 515 -34.98 14.33 25.85
N ARG A 516 -35.39 13.53 24.85
CA ARG A 516 -36.26 12.40 25.12
C ARG A 516 -35.57 11.36 25.99
N ALA A 517 -34.29 11.10 25.74
CA ALA A 517 -33.55 10.12 26.53
C ALA A 517 -33.43 10.58 27.98
N VAL A 518 -33.06 11.85 28.20
CA VAL A 518 -32.92 12.35 29.56
C VAL A 518 -34.29 12.42 30.23
N TYR A 519 -35.31 12.86 29.50
CA TYR A 519 -36.67 12.87 30.04
C TYR A 519 -37.04 11.49 30.56
N ASN A 520 -36.79 10.45 29.77
CA ASN A 520 -37.12 9.10 30.21
C ASN A 520 -36.29 8.69 31.41
N TYR A 521 -35.02 9.06 31.44
CA TYR A 521 -34.18 8.76 32.59
C TYR A 521 -34.74 9.40 33.85
N LEU A 522 -35.03 10.71 33.80
CA LEU A 522 -35.59 11.40 34.96
C LEU A 522 -36.95 10.82 35.35
N TYR A 523 -37.76 10.46 34.36
CA TYR A 523 -39.11 9.96 34.65
C TYR A 523 -39.05 8.71 35.50
N VAL A 524 -38.07 7.83 35.25
CA VAL A 524 -38.00 6.56 35.98
C VAL A 524 -37.05 6.60 37.18
N THR A 525 -36.19 7.62 37.29
CA THR A 525 -35.20 7.65 38.36
C THR A 525 -35.33 8.82 39.32
N ASP A 526 -35.66 10.02 38.84
CA ASP A 526 -35.67 11.22 39.69
C ASP A 526 -36.70 12.22 39.17
N PRO A 527 -37.98 11.92 39.35
CA PRO A 527 -39.03 12.83 38.83
C PRO A 527 -39.03 14.21 39.47
N ALA A 528 -38.40 14.39 40.63
CA ALA A 528 -38.35 15.70 41.26
C ALA A 528 -37.60 16.73 40.43
N LYS A 529 -36.76 16.28 39.50
CA LYS A 529 -36.00 17.18 38.65
C LYS A 529 -36.76 17.61 37.39
N LEU A 530 -37.95 17.05 37.16
CA LEU A 530 -38.69 17.37 35.94
C LEU A 530 -39.05 18.85 35.82
N PRO A 531 -39.55 19.53 36.85
CA PRO A 531 -39.85 20.96 36.67
C PRO A 531 -38.66 21.78 36.19
N LYS A 532 -37.50 21.59 36.81
CA LYS A 532 -36.31 22.32 36.37
C LYS A 532 -35.87 21.85 34.98
N PHE A 533 -35.99 20.55 34.70
CA PHE A 533 -35.70 20.04 33.37
C PHE A 533 -36.59 20.72 32.33
N PHE A 534 -37.91 20.78 32.60
CA PHE A 534 -38.81 21.48 31.68
C PHE A 534 -38.42 22.95 31.54
N GLU A 535 -38.11 23.59 32.66
CA GLU A 535 -37.83 25.03 32.64
C GLU A 535 -36.61 25.34 31.78
N LEU A 536 -35.54 24.56 31.91
CA LEU A 536 -34.30 24.87 31.23
C LEU A 536 -34.26 24.36 29.80
N TRP A 537 -34.91 23.22 29.51
CA TRP A 537 -34.72 22.54 28.24
C TRP A 537 -36.02 22.24 27.51
N GLY A 538 -37.14 22.78 27.98
CA GLY A 538 -38.39 22.67 27.25
C GLY A 538 -39.35 21.66 27.84
N LYS A 539 -40.64 21.97 27.76
CA LYS A 539 -41.69 21.07 28.23
C LYS A 539 -41.88 19.87 27.31
N ASN A 540 -41.49 20.00 26.05
CA ASN A 540 -41.64 18.94 25.06
C ASN A 540 -40.40 18.94 24.18
N ALA A 541 -40.15 17.80 23.53
CA ALA A 541 -39.02 17.73 22.61
C ALA A 541 -39.24 18.64 21.41
N GLU A 542 -40.40 18.50 20.77
CA GLU A 542 -40.68 19.14 19.48
C GLU A 542 -41.75 20.22 19.56
N TRP A 543 -42.83 20.00 20.31
CA TRP A 543 -43.92 20.96 20.38
C TRP A 543 -43.37 22.34 20.69
N PHE A 544 -43.87 23.34 19.97
CA PHE A 544 -43.39 24.71 20.13
C PHE A 544 -43.67 25.21 21.54
N GLU A 545 -42.79 26.08 22.03
CA GLU A 545 -42.96 26.64 23.36
C GLU A 545 -44.16 27.56 23.42
N GLN A 546 -44.75 27.67 24.61
CA GLN A 546 -45.97 28.43 24.82
C GLN A 546 -45.73 29.56 25.82
N GLU B 12 -11.67 -0.31 -41.02
CA GLU B 12 -12.62 -0.65 -39.96
C GLU B 12 -11.86 -1.21 -38.76
N ARG B 13 -12.18 -0.73 -37.57
CA ARG B 13 -11.47 -1.11 -36.36
C ARG B 13 -12.26 -0.70 -35.13
N VAL B 14 -12.70 -1.68 -34.35
CA VAL B 14 -13.60 -1.45 -33.23
C VAL B 14 -12.78 -1.33 -31.95
N GLY B 15 -12.92 -0.20 -31.27
CA GLY B 15 -12.35 -0.04 -29.94
C GLY B 15 -13.27 -0.59 -28.86
N ILE B 16 -12.79 -1.60 -28.13
CA ILE B 16 -13.56 -2.20 -27.05
C ILE B 16 -13.00 -1.68 -25.73
N LEU B 17 -13.84 -0.99 -24.96
CA LEU B 17 -13.42 -0.36 -23.71
C LEU B 17 -13.78 -1.30 -22.56
N GLY B 18 -12.77 -1.84 -21.90
CA GLY B 18 -12.97 -2.73 -20.78
C GLY B 18 -12.75 -4.19 -21.13
N ALA B 19 -11.79 -4.82 -20.45
CA ALA B 19 -11.47 -6.23 -20.64
C ALA B 19 -12.16 -7.12 -19.62
N GLY B 20 -13.38 -6.76 -19.23
CA GLY B 20 -14.24 -7.65 -18.48
C GLY B 20 -14.84 -8.70 -19.40
N ILE B 21 -15.81 -9.45 -18.85
CA ILE B 21 -16.37 -10.54 -19.64
C ILE B 21 -17.17 -9.98 -20.81
N GLY B 22 -17.81 -8.82 -20.64
CA GLY B 22 -18.56 -8.24 -21.75
C GLY B 22 -17.67 -7.82 -22.89
N GLY B 23 -16.55 -7.18 -22.58
CA GLY B 23 -15.64 -6.75 -23.64
C GLY B 23 -14.88 -7.92 -24.26
N LEU B 24 -14.51 -8.91 -23.45
CA LEU B 24 -13.87 -10.10 -23.99
C LEU B 24 -14.82 -10.87 -24.89
N TYR B 25 -16.10 -10.95 -24.51
CA TYR B 25 -17.09 -11.63 -25.34
C TYR B 25 -17.31 -10.87 -26.64
N SER B 26 -17.36 -9.54 -26.57
CA SER B 26 -17.46 -8.73 -27.78
C SER B 26 -16.30 -9.02 -28.72
N ALA B 27 -15.08 -9.05 -28.19
CA ALA B 27 -13.92 -9.34 -29.02
C ALA B 27 -14.02 -10.74 -29.62
N LEU B 28 -14.53 -11.68 -28.83
CA LEU B 28 -14.67 -13.06 -29.31
C LEU B 28 -15.62 -13.11 -30.51
N ILE B 29 -16.71 -12.36 -30.45
CA ILE B 29 -17.63 -12.30 -31.59
C ILE B 29 -16.94 -11.63 -32.78
N LEU B 30 -16.28 -10.49 -32.55
CA LEU B 30 -15.67 -9.78 -33.66
C LEU B 30 -14.58 -10.61 -34.32
N GLN B 31 -13.81 -11.36 -33.53
CA GLN B 31 -12.76 -12.19 -34.11
CA GLN B 31 -12.76 -12.19 -34.10
C GLN B 31 -13.36 -13.33 -34.94
N SER B 32 -14.49 -13.89 -34.50
CA SER B 32 -15.10 -14.98 -35.26
C SER B 32 -15.65 -14.48 -36.58
N LEU B 33 -15.88 -13.17 -36.71
CA LEU B 33 -16.38 -12.56 -37.94
C LEU B 33 -15.30 -11.80 -38.69
N ASP B 34 -14.04 -11.92 -38.26
CA ASP B 34 -12.91 -11.29 -38.94
C ASP B 34 -13.02 -9.76 -38.94
N VAL B 35 -13.40 -9.19 -37.81
CA VAL B 35 -13.50 -7.75 -37.63
C VAL B 35 -12.33 -7.31 -36.74
N PRO B 36 -11.44 -6.44 -37.22
CA PRO B 36 -10.36 -5.97 -36.35
C PRO B 36 -10.91 -5.25 -35.12
N PHE B 37 -10.21 -5.42 -34.00
CA PHE B 37 -10.63 -4.80 -32.76
C PHE B 37 -9.40 -4.57 -31.89
N GLU B 38 -9.61 -3.79 -30.83
CA GLU B 38 -8.60 -3.58 -29.82
C GLU B 38 -9.29 -3.35 -28.48
N ILE B 39 -8.82 -4.02 -27.43
CA ILE B 39 -9.40 -3.93 -26.11
C ILE B 39 -8.55 -2.97 -25.28
N ILE B 40 -9.20 -1.98 -24.67
CA ILE B 40 -8.54 -1.02 -23.79
C ILE B 40 -8.98 -1.32 -22.35
N GLU B 41 -8.01 -1.53 -21.46
CA GLU B 41 -8.26 -1.92 -20.08
C GLU B 41 -7.48 -1.01 -19.14
N ALA B 42 -8.15 -0.53 -18.09
CA ALA B 42 -7.52 0.42 -17.18
C ALA B 42 -6.50 -0.26 -16.28
N SER B 43 -6.77 -1.49 -15.84
CA SER B 43 -5.94 -2.17 -14.86
C SER B 43 -4.92 -3.06 -15.56
N ASN B 44 -4.19 -3.84 -14.78
CA ASN B 44 -3.20 -4.80 -15.26
C ASN B 44 -3.77 -6.21 -15.37
N ARG B 45 -5.10 -6.35 -15.25
CA ARG B 45 -5.74 -7.64 -15.19
C ARG B 45 -6.96 -7.65 -16.11
N VAL B 46 -7.34 -8.85 -16.56
CA VAL B 46 -8.56 -9.07 -17.31
C VAL B 46 -9.54 -9.80 -16.42
N GLY B 47 -10.84 -9.63 -16.71
CA GLY B 47 -11.90 -10.33 -16.01
C GLY B 47 -12.88 -9.40 -15.30
N GLY B 48 -12.42 -8.23 -14.91
CA GLY B 48 -13.30 -7.27 -14.27
C GLY B 48 -13.89 -7.84 -13.01
N ARG B 49 -15.21 -7.89 -12.94
CA ARG B 49 -15.91 -8.40 -11.77
C ARG B 49 -15.89 -9.92 -11.70
N LEU B 50 -15.17 -10.59 -12.61
CA LEU B 50 -14.72 -11.96 -12.39
C LEU B 50 -13.34 -11.80 -11.76
N PHE B 51 -13.28 -11.92 -10.43
CA PHE B 51 -12.11 -11.55 -9.64
C PHE B 51 -11.91 -12.63 -8.59
N THR B 52 -10.85 -13.44 -8.76
CA THR B 52 -10.53 -14.53 -7.84
C THR B 52 -9.34 -14.14 -6.98
N HIS B 53 -9.53 -14.17 -5.66
CA HIS B 53 -8.46 -13.94 -4.71
C HIS B 53 -7.95 -15.28 -4.17
N LYS B 54 -6.67 -15.55 -4.36
CA LYS B 54 -6.04 -16.74 -3.81
C LYS B 54 -5.20 -16.32 -2.62
N PHE B 55 -5.40 -16.97 -1.49
CA PHE B 55 -4.66 -16.64 -0.28
C PHE B 55 -3.22 -17.12 -0.37
N PRO B 56 -2.25 -16.28 -0.02
CA PRO B 56 -0.86 -16.74 -0.01
C PRO B 56 -0.69 -17.85 1.02
N ASN B 57 0.22 -18.77 0.72
CA ASN B 57 0.55 -19.88 1.60
C ASN B 57 -0.57 -20.90 1.75
N GLY B 58 -1.61 -20.84 0.92
CA GLY B 58 -2.72 -21.76 1.02
C GLY B 58 -2.62 -22.83 -0.06
N GLY B 59 -3.61 -23.72 -0.06
CA GLY B 59 -3.63 -24.81 -1.00
C GLY B 59 -4.27 -24.44 -2.31
N LYS B 60 -4.44 -25.45 -3.16
CA LYS B 60 -4.96 -25.23 -4.51
C LYS B 60 -6.32 -24.56 -4.46
N TYR B 61 -7.19 -25.02 -3.55
CA TYR B 61 -8.56 -24.52 -3.47
C TYR B 61 -8.75 -23.48 -2.37
N ASP B 62 -7.66 -22.91 -1.87
CA ASP B 62 -7.76 -21.82 -0.89
C ASP B 62 -7.78 -20.48 -1.62
N TYR B 63 -8.83 -20.31 -2.40
CA TYR B 63 -9.18 -19.07 -3.05
C TYR B 63 -10.67 -18.83 -2.82
N TYR B 64 -11.12 -17.63 -3.13
CA TYR B 64 -12.56 -17.38 -3.20
C TYR B 64 -12.79 -16.34 -4.27
N ASP B 65 -13.98 -16.37 -4.83
CA ASP B 65 -14.36 -15.44 -5.90
C ASP B 65 -14.98 -14.21 -5.28
N VAL B 66 -14.32 -13.06 -5.48
CA VAL B 66 -14.79 -11.82 -4.88
C VAL B 66 -16.01 -11.30 -5.62
N GLY B 67 -16.13 -11.64 -6.90
CA GLY B 67 -17.29 -11.26 -7.68
C GLY B 67 -18.06 -12.50 -8.09
N ALA B 68 -18.17 -12.74 -9.38
CA ALA B 68 -18.97 -13.86 -9.86
C ALA B 68 -18.40 -15.19 -9.38
N MET B 69 -19.30 -16.06 -8.93
CA MET B 69 -18.90 -17.35 -8.36
C MET B 69 -19.84 -18.51 -8.68
N ARG B 70 -21.05 -18.28 -9.18
CA ARG B 70 -22.00 -19.36 -9.37
C ARG B 70 -22.85 -19.10 -10.60
N TYR B 71 -23.14 -20.17 -11.34
CA TYR B 71 -23.80 -20.04 -12.64
C TYR B 71 -24.95 -21.03 -12.72
N PRO B 72 -26.22 -20.57 -12.67
CA PRO B 72 -27.37 -21.49 -12.78
C PRO B 72 -27.68 -21.80 -14.24
N LEU B 73 -26.91 -22.73 -14.80
CA LEU B 73 -26.97 -23.03 -16.22
C LEU B 73 -28.12 -23.99 -16.51
N PRO B 74 -28.59 -24.02 -17.76
CA PRO B 74 -29.52 -25.08 -18.16
C PRO B 74 -28.80 -26.42 -18.23
N LYS B 75 -29.61 -27.48 -18.32
CA LYS B 75 -29.06 -28.82 -18.49
C LYS B 75 -28.20 -28.88 -19.76
N SER B 76 -27.27 -29.82 -19.77
CA SER B 76 -26.38 -29.98 -20.92
C SER B 76 -26.09 -31.46 -21.12
N ASP B 77 -25.74 -31.81 -22.36
CA ASP B 77 -25.40 -33.18 -22.70
C ASP B 77 -23.89 -33.40 -22.53
N ASP B 78 -23.41 -34.58 -22.92
CA ASP B 78 -21.99 -34.91 -22.74
C ASP B 78 -21.09 -34.05 -23.61
N LYS B 79 -21.61 -33.49 -24.71
CA LYS B 79 -20.82 -32.69 -25.63
C LYS B 79 -20.80 -31.21 -25.30
N GLY B 80 -21.52 -30.78 -24.27
CA GLY B 80 -21.60 -29.38 -23.95
C GLY B 80 -22.69 -28.62 -24.68
N ASN B 81 -23.69 -29.32 -25.22
CA ASN B 81 -24.86 -28.67 -25.78
C ASN B 81 -25.85 -28.39 -24.66
N TYR B 82 -26.27 -27.14 -24.54
CA TYR B 82 -27.13 -26.70 -23.46
C TYR B 82 -28.57 -26.56 -23.94
N GLN B 83 -29.51 -26.94 -23.09
CA GLN B 83 -30.91 -26.71 -23.37
C GLN B 83 -31.20 -25.21 -23.39
N PRO B 84 -32.27 -24.79 -24.06
CA PRO B 84 -32.67 -23.39 -24.02
C PRO B 84 -32.92 -22.95 -22.58
N GLY B 85 -32.56 -21.72 -22.28
CA GLY B 85 -32.71 -21.22 -20.93
C GLY B 85 -32.09 -19.86 -20.77
N VAL B 86 -32.35 -19.26 -19.61
CA VAL B 86 -31.89 -17.91 -19.34
C VAL B 86 -30.37 -17.82 -19.49
N MET B 87 -29.65 -18.86 -19.06
CA MET B 87 -28.19 -18.83 -19.02
C MET B 87 -27.56 -19.72 -20.08
N GLN B 88 -28.31 -20.08 -21.12
CA GLN B 88 -27.75 -20.92 -22.18
C GLN B 88 -26.53 -20.26 -22.81
N ARG B 89 -26.59 -18.94 -23.04
CA ARG B 89 -25.47 -18.24 -23.67
C ARG B 89 -24.19 -18.40 -22.88
N VAL B 90 -24.29 -18.44 -21.55
CA VAL B 90 -23.11 -18.65 -20.72
C VAL B 90 -22.58 -20.06 -20.92
N GLY B 91 -23.49 -21.06 -20.91
CA GLY B 91 -23.06 -22.43 -21.12
C GLY B 91 -22.38 -22.61 -22.47
N GLN B 92 -22.98 -22.04 -23.53
CA GLN B 92 -22.37 -22.13 -24.85
C GLN B 92 -20.99 -21.49 -24.89
N LEU B 93 -20.78 -20.41 -24.12
CA LEU B 93 -19.47 -19.79 -24.06
C LEU B 93 -18.44 -20.73 -23.46
N PHE B 94 -18.80 -21.41 -22.36
CA PHE B 94 -17.90 -22.41 -21.80
C PHE B 94 -17.53 -23.46 -22.83
N THR B 95 -18.55 -24.03 -23.50
CA THR B 95 -18.30 -25.06 -24.50
C THR B 95 -17.47 -24.52 -25.64
N TYR B 96 -17.76 -23.31 -26.10
CA TYR B 96 -17.00 -22.69 -27.18
C TYR B 96 -15.51 -22.63 -26.85
N LEU B 97 -15.18 -22.40 -25.59
CA LEU B 97 -13.79 -22.27 -25.15
C LEU B 97 -13.19 -23.59 -24.70
N GLY B 98 -13.93 -24.69 -24.81
CA GLY B 98 -13.43 -25.98 -24.37
C GLY B 98 -13.38 -26.13 -22.87
N MET B 99 -14.25 -25.42 -22.14
CA MET B 99 -14.24 -25.43 -20.68
C MET B 99 -15.36 -26.28 -20.08
N HIS B 100 -16.20 -26.92 -20.89
CA HIS B 100 -17.39 -27.58 -20.36
C HIS B 100 -17.02 -28.61 -19.29
N LYS B 101 -16.00 -29.42 -19.55
CA LYS B 101 -15.60 -30.43 -18.58
C LYS B 101 -14.86 -29.86 -17.38
N GLN B 102 -14.47 -28.59 -17.42
CA GLN B 102 -13.88 -27.90 -16.27
C GLN B 102 -14.92 -27.30 -15.34
N LEU B 103 -16.21 -27.42 -15.67
CA LEU B 103 -17.27 -26.95 -14.80
C LEU B 103 -17.53 -27.99 -13.73
N ILE B 104 -17.54 -27.56 -12.47
CA ILE B 104 -17.75 -28.46 -11.35
C ILE B 104 -19.03 -28.05 -10.64
N PRO B 105 -19.63 -28.94 -9.86
CA PRO B 105 -20.90 -28.61 -9.21
C PRO B 105 -20.75 -27.45 -8.24
N TYR B 106 -21.75 -26.57 -8.25
CA TYR B 106 -21.91 -25.57 -7.21
C TYR B 106 -23.14 -25.96 -6.38
N TYR B 107 -22.94 -26.11 -5.08
CA TYR B 107 -24.02 -26.54 -4.19
C TYR B 107 -24.67 -25.29 -3.60
N PHE B 108 -25.83 -24.92 -4.16
CA PHE B 108 -26.57 -23.78 -3.63
C PHE B 108 -27.05 -24.07 -2.22
N LYS B 109 -27.50 -25.31 -1.97
CA LYS B 109 -27.76 -25.83 -0.65
C LYS B 109 -26.66 -26.83 -0.29
N SER B 110 -26.46 -27.03 1.01
CA SER B 110 -25.43 -27.97 1.46
C SER B 110 -25.68 -29.34 0.87
N ASN B 111 -24.59 -30.01 0.46
CA ASN B 111 -24.68 -31.34 -0.11
C ASN B 111 -24.81 -32.43 0.95
N LYS B 112 -24.70 -32.08 2.23
CA LYS B 112 -24.91 -33.02 3.33
C LYS B 112 -25.99 -32.46 4.26
N SER B 113 -25.61 -32.07 5.49
CA SER B 113 -26.62 -31.51 6.37
C SER B 113 -26.96 -30.07 5.96
N PRO B 114 -28.20 -29.64 6.16
CA PRO B 114 -28.61 -28.30 5.72
C PRO B 114 -27.86 -27.21 6.48
N GLY B 115 -27.72 -26.07 5.82
CA GLY B 115 -27.13 -24.91 6.43
C GLY B 115 -28.01 -24.34 7.53
N PHE B 116 -27.47 -23.32 8.21
CA PHE B 116 -28.12 -22.74 9.36
C PHE B 116 -28.90 -21.48 9.00
N GLN B 117 -29.94 -21.22 9.80
CA GLN B 117 -30.64 -19.95 9.81
C GLN B 117 -30.57 -19.40 11.23
N TYR B 118 -30.21 -18.13 11.37
CA TYR B 118 -30.11 -17.49 12.68
C TYR B 118 -30.79 -16.14 12.59
N PHE B 119 -32.02 -16.04 13.08
CA PHE B 119 -32.81 -14.83 13.00
C PHE B 119 -33.48 -14.56 14.34
N ASN B 120 -33.43 -13.31 14.78
CA ASN B 120 -34.07 -12.89 16.03
C ASN B 120 -33.61 -13.75 17.19
N GLY B 121 -32.33 -14.16 17.16
CA GLY B 121 -31.75 -14.96 18.21
C GLY B 121 -32.15 -16.42 18.20
N VAL B 122 -32.92 -16.87 17.21
CA VAL B 122 -33.36 -18.26 17.12
C VAL B 122 -32.53 -18.95 16.05
N ARG B 123 -31.95 -20.10 16.41
CA ARG B 123 -31.10 -20.87 15.50
C ARG B 123 -31.84 -22.13 15.08
N ALA B 124 -31.72 -22.48 13.80
CA ALA B 124 -32.34 -23.68 13.27
C ALA B 124 -31.64 -24.05 11.97
N ARG B 125 -31.92 -25.26 11.49
CA ARG B 125 -31.47 -25.70 10.19
C ARG B 125 -32.47 -25.29 9.12
N ILE B 126 -31.95 -25.02 7.92
CA ILE B 126 -32.82 -24.80 6.77
C ILE B 126 -33.74 -26.01 6.60
N GLY B 127 -35.04 -25.75 6.50
CA GLY B 127 -36.02 -26.79 6.29
C GLY B 127 -36.68 -27.31 7.56
N GLU B 128 -36.23 -26.88 8.74
CA GLU B 128 -36.79 -27.37 10.00
C GLU B 128 -38.10 -26.68 10.39
N GLY B 129 -38.53 -25.67 9.63
CA GLY B 129 -39.82 -25.06 9.91
C GLY B 129 -39.88 -24.15 11.10
N SER B 130 -38.75 -23.61 11.54
CA SER B 130 -38.76 -22.66 12.64
C SER B 130 -39.47 -21.38 12.22
N SER B 131 -40.11 -20.72 13.19
CA SER B 131 -40.75 -19.44 12.98
C SER B 131 -39.87 -18.26 13.39
N PHE B 132 -38.74 -18.53 14.04
CA PHE B 132 -37.79 -17.49 14.43
C PHE B 132 -38.46 -16.38 15.23
N ASP B 133 -39.33 -16.77 16.16
CA ASP B 133 -40.00 -15.84 17.06
C ASP B 133 -40.91 -14.86 16.32
N ALA B 134 -41.30 -15.20 15.09
CA ALA B 134 -42.17 -14.31 14.33
C ALA B 134 -43.47 -13.95 15.05
N PRO B 135 -44.09 -14.82 15.85
CA PRO B 135 -45.29 -14.37 16.58
C PRO B 135 -45.03 -13.14 17.43
N ALA B 136 -43.90 -13.09 18.13
CA ALA B 136 -43.57 -11.92 18.94
C ALA B 136 -43.38 -10.68 18.08
N LEU B 137 -43.02 -10.87 16.81
CA LEU B 137 -42.87 -9.76 15.88
C LEU B 137 -44.21 -9.27 15.34
N GLY B 138 -45.30 -9.96 15.63
CA GLY B 138 -46.60 -9.58 15.14
C GLY B 138 -47.06 -10.28 13.87
N ILE B 139 -46.41 -11.38 13.50
CA ILE B 139 -46.80 -12.16 12.33
C ILE B 139 -47.79 -13.22 12.79
N ASN B 140 -49.02 -13.17 12.29
CA ASN B 140 -50.01 -14.13 12.76
C ASN B 140 -49.68 -15.53 12.26
N SER B 141 -50.32 -16.53 12.88
CA SER B 141 -49.98 -17.91 12.59
C SER B 141 -50.31 -18.30 11.16
N SER B 142 -51.32 -17.67 10.55
CA SER B 142 -51.68 -18.00 9.17
C SER B 142 -50.54 -17.66 8.21
N LEU B 143 -49.99 -16.45 8.33
CA LEU B 143 -48.87 -16.07 7.48
C LEU B 143 -47.67 -16.98 7.71
N ILE B 144 -47.39 -17.31 8.97
CA ILE B 144 -46.25 -18.18 9.28
C ILE B 144 -46.42 -19.54 8.61
N ASP B 145 -47.64 -20.09 8.68
CA ASP B 145 -47.90 -21.41 8.11
C ASP B 145 -47.67 -21.41 6.60
N ILE B 146 -48.10 -20.35 5.91
CA ILE B 146 -47.86 -20.25 4.47
C ILE B 146 -46.36 -20.13 4.20
N GLY B 147 -45.69 -19.22 4.87
CA GLY B 147 -44.27 -19.06 4.72
C GLY B 147 -43.91 -17.95 3.75
N VAL B 148 -42.72 -17.38 3.95
CA VAL B 148 -42.26 -16.26 3.12
C VAL B 148 -42.14 -16.70 1.66
N THR B 149 -41.57 -17.87 1.42
CA THR B 149 -41.32 -18.32 0.06
C THR B 149 -42.60 -18.40 -0.76
N LYS B 150 -43.64 -19.06 -0.22
CA LYS B 150 -44.88 -19.19 -0.98
C LYS B 150 -45.55 -17.84 -1.20
N ILE B 151 -45.52 -16.97 -0.19
CA ILE B 151 -46.13 -15.65 -0.34
C ILE B 151 -45.44 -14.87 -1.45
N VAL B 152 -44.10 -14.78 -1.40
CA VAL B 152 -43.38 -14.05 -2.42
C VAL B 152 -43.60 -14.67 -3.79
N ASN B 153 -43.66 -16.00 -3.86
CA ASN B 153 -43.90 -16.66 -5.15
C ASN B 153 -45.25 -16.30 -5.72
N ASP B 154 -46.27 -16.20 -4.87
CA ASP B 154 -47.61 -15.84 -5.32
C ASP B 154 -47.65 -14.42 -5.88
N ALA B 155 -46.84 -13.51 -5.32
CA ALA B 155 -46.80 -12.14 -5.82
C ALA B 155 -45.94 -12.01 -7.06
N VAL B 156 -44.80 -12.70 -7.08
CA VAL B 156 -43.83 -12.55 -8.17
C VAL B 156 -44.15 -13.48 -9.34
N GLY B 157 -44.71 -14.66 -9.07
CA GLY B 157 -44.95 -15.68 -10.06
C GLY B 157 -45.63 -15.19 -11.33
N PRO B 158 -46.78 -14.53 -11.18
CA PRO B 158 -47.50 -14.07 -12.39
C PRO B 158 -46.63 -13.26 -13.33
N PHE B 159 -45.86 -12.30 -12.80
CA PHE B 159 -44.97 -11.52 -13.64
C PHE B 159 -43.87 -12.40 -14.25
N ALA B 160 -43.27 -13.26 -13.43
CA ALA B 160 -42.16 -14.08 -13.90
C ALA B 160 -42.61 -15.05 -14.98
N GLN B 161 -43.78 -15.65 -14.81
CA GLN B 161 -44.28 -16.59 -15.81
C GLN B 161 -44.51 -15.90 -17.15
N ALA B 162 -45.03 -14.66 -17.11
CA ALA B 162 -45.25 -13.94 -18.36
C ALA B 162 -43.94 -13.60 -19.05
N LEU B 163 -42.91 -13.26 -18.27
CA LEU B 163 -41.61 -12.98 -18.88
C LEU B 163 -40.97 -14.26 -19.42
N PHE B 164 -41.15 -15.37 -18.71
CA PHE B 164 -40.63 -16.64 -19.21
C PHE B 164 -41.33 -17.04 -20.51
N ASP B 165 -42.64 -16.78 -20.60
CA ASP B 165 -43.36 -17.06 -21.84
C ASP B 165 -42.83 -16.21 -22.99
N ASP B 166 -42.47 -14.95 -22.71
CA ASP B 166 -41.83 -14.13 -23.74
C ASP B 166 -40.61 -14.83 -24.31
N LEU B 167 -39.72 -15.31 -23.44
CA LEU B 167 -38.48 -15.93 -23.89
C LEU B 167 -38.76 -17.20 -24.70
N GLN B 168 -39.75 -17.97 -24.29
CA GLN B 168 -40.01 -19.26 -24.92
C GLN B 168 -40.84 -19.10 -26.19
N LYS B 169 -41.84 -18.23 -26.17
CA LYS B 169 -42.73 -18.03 -27.30
C LYS B 169 -42.29 -16.88 -28.21
N HIS B 170 -41.23 -16.18 -27.87
CA HIS B 170 -40.72 -15.06 -28.67
C HIS B 170 -41.78 -13.97 -28.79
N THR B 171 -42.16 -13.44 -27.64
CA THR B 171 -43.08 -12.32 -27.55
C THR B 171 -42.50 -11.28 -26.60
N THR B 172 -43.16 -10.12 -26.56
CA THR B 172 -42.77 -9.04 -25.65
C THR B 172 -43.95 -8.56 -24.81
N THR B 173 -45.09 -9.23 -24.89
CA THR B 173 -46.25 -8.80 -24.10
C THR B 173 -45.98 -8.92 -22.60
N GLY B 174 -45.24 -9.95 -22.20
CA GLY B 174 -44.89 -10.08 -20.79
C GLY B 174 -44.09 -8.90 -20.29
N TRP B 175 -43.15 -8.41 -21.11
CA TRP B 175 -42.38 -7.24 -20.74
C TRP B 175 -43.24 -5.99 -20.74
N ASP B 176 -44.13 -5.86 -21.73
CA ASP B 176 -45.03 -4.71 -21.74
C ASP B 176 -45.84 -4.65 -20.44
N ASP B 177 -46.30 -5.79 -19.95
CA ASP B 177 -47.03 -5.82 -18.69
C ASP B 177 -46.10 -5.53 -17.51
N MET B 178 -44.90 -6.08 -17.53
CA MET B 178 -43.96 -5.73 -16.48
C MET B 178 -43.74 -4.22 -16.44
N MET B 179 -43.57 -3.59 -17.62
CA MET B 179 -43.29 -2.16 -17.64
C MET B 179 -44.47 -1.30 -17.17
N LYS B 180 -45.72 -1.74 -17.38
CA LYS B 180 -46.87 -1.04 -16.81
C LYS B 180 -46.82 -1.03 -15.28
N ASN B 181 -46.10 -1.98 -14.67
CA ASN B 181 -45.97 -2.04 -13.21
C ASN B 181 -44.57 -1.68 -12.75
N ASP B 182 -43.75 -1.09 -13.64
CA ASP B 182 -42.35 -0.84 -13.29
C ASP B 182 -42.20 0.30 -12.30
N ALA B 183 -43.20 1.18 -12.18
CA ALA B 183 -43.12 2.24 -11.18
C ALA B 183 -43.22 1.70 -9.75
N TYR B 184 -43.61 0.43 -9.59
CA TYR B 184 -43.65 -0.17 -8.26
C TYR B 184 -42.26 -0.61 -7.83
N SER B 185 -41.92 -0.31 -6.58
CA SER B 185 -40.94 -1.13 -5.89
C SER B 185 -41.63 -2.39 -5.40
N THR B 186 -40.84 -3.40 -5.01
CA THR B 186 -41.44 -4.59 -4.44
C THR B 186 -42.29 -4.23 -3.23
N ARG B 187 -41.79 -3.30 -2.40
CA ARG B 187 -42.53 -2.88 -1.21
C ARG B 187 -43.84 -2.21 -1.58
N SER B 188 -43.79 -1.21 -2.46
CA SER B 188 -45.01 -0.49 -2.79
C SER B 188 -46.00 -1.39 -3.54
N TYR B 189 -45.49 -2.41 -4.24
CA TYR B 189 -46.39 -3.39 -4.83
C TYR B 189 -47.14 -4.16 -3.76
N PHE B 190 -46.42 -4.61 -2.72
CA PHE B 190 -47.09 -5.29 -1.61
C PHE B 190 -47.99 -4.33 -0.83
N SER B 191 -47.59 -3.06 -0.70
CA SER B 191 -48.35 -2.15 0.16
C SER B 191 -49.63 -1.65 -0.50
N PHE B 192 -49.66 -1.54 -1.83
CA PHE B 192 -50.75 -0.85 -2.51
C PHE B 192 -51.42 -1.64 -3.63
N LYS B 193 -50.92 -2.82 -4.00
CA LYS B 193 -51.50 -3.54 -5.12
C LYS B 193 -51.72 -5.01 -4.82
N TYR B 194 -50.69 -5.72 -4.36
CA TYR B 194 -50.81 -7.16 -4.17
C TYR B 194 -51.92 -7.49 -3.18
N LEU B 195 -52.75 -8.46 -3.54
CA LEU B 195 -53.71 -9.03 -2.60
C LEU B 195 -53.51 -10.55 -2.57
N PRO B 196 -53.52 -11.15 -1.38
CA PRO B 196 -53.17 -12.58 -1.29
C PRO B 196 -54.15 -13.46 -2.05
N SER B 197 -53.62 -14.55 -2.57
CA SER B 197 -54.45 -15.52 -3.28
C SER B 197 -55.56 -16.00 -2.35
N PRO B 198 -56.80 -16.14 -2.85
CA PRO B 198 -57.88 -16.64 -1.98
C PRO B 198 -57.58 -18.00 -1.35
N SER B 199 -56.74 -18.82 -1.99
CA SER B 199 -56.42 -20.11 -1.41
C SER B 199 -55.63 -19.99 -0.11
N PHE B 200 -55.00 -18.84 0.14
CA PHE B 200 -54.26 -18.65 1.38
C PHE B 200 -55.18 -18.48 2.58
N GLY B 201 -56.46 -18.18 2.37
CA GLY B 201 -57.38 -17.96 3.47
C GLY B 201 -57.05 -16.76 4.32
N LEU B 202 -56.34 -15.80 3.77
CA LEU B 202 -55.98 -14.58 4.48
C LEU B 202 -57.00 -13.49 4.20
N PRO B 203 -57.01 -12.43 5.01
CA PRO B 203 -57.87 -11.29 4.67
C PRO B 203 -57.51 -10.74 3.31
N SER B 204 -58.52 -10.29 2.58
CA SER B 204 -58.33 -9.71 1.25
C SER B 204 -57.93 -8.24 1.39
N GLU B 205 -56.69 -8.05 1.84
CA GLU B 205 -56.16 -6.70 2.05
C GLU B 205 -54.65 -6.75 1.89
N HIS B 206 -54.08 -5.58 1.61
CA HIS B 206 -52.64 -5.48 1.41
C HIS B 206 -51.90 -5.75 2.70
N PHE B 207 -50.72 -6.35 2.57
CA PHE B 207 -49.91 -6.66 3.74
C PHE B 207 -49.48 -5.36 4.43
N SER B 208 -49.35 -5.42 5.75
CA SER B 208 -48.78 -4.31 6.49
C SER B 208 -47.27 -4.23 6.28
N THR B 209 -46.72 -3.06 6.58
CA THR B 209 -45.27 -2.89 6.51
C THR B 209 -44.56 -3.90 7.39
N ARG B 210 -45.12 -4.19 8.57
CA ARG B 210 -44.51 -5.16 9.46
C ARG B 210 -44.36 -6.51 8.75
N VAL B 211 -45.42 -6.96 8.08
CA VAL B 211 -45.37 -8.23 7.37
C VAL B 211 -44.42 -8.13 6.18
N ILE B 212 -44.47 -7.01 5.46
CA ILE B 212 -43.60 -6.84 4.30
C ILE B 212 -42.13 -6.88 4.72
N ASN B 213 -41.80 -6.23 5.83
CA ASN B 213 -40.41 -6.27 6.30
C ASN B 213 -40.01 -7.67 6.73
N TRP B 214 -40.96 -8.44 7.24
CA TRP B 214 -40.71 -9.85 7.54
C TRP B 214 -40.38 -10.63 6.27
N LEU B 215 -41.12 -10.36 5.17
CA LEU B 215 -40.79 -10.98 3.89
C LEU B 215 -39.38 -10.62 3.45
N GLU B 216 -39.05 -9.32 3.43
CA GLU B 216 -37.73 -8.92 2.97
C GLU B 216 -36.64 -9.59 3.79
N THR B 217 -36.86 -9.72 5.10
CA THR B 217 -35.85 -10.27 5.99
C THR B 217 -35.41 -11.66 5.54
N PHE B 218 -36.38 -12.53 5.22
CA PHE B 218 -36.07 -13.90 4.85
C PHE B 218 -35.97 -14.13 3.35
N ASP B 219 -36.47 -13.21 2.53
CA ASP B 219 -36.45 -13.38 1.09
C ASP B 219 -35.19 -12.81 0.46
N LYS B 220 -34.77 -11.61 0.86
CA LYS B 220 -33.63 -10.97 0.21
C LYS B 220 -32.73 -10.29 1.24
N SER B 221 -32.42 -9.00 1.04
CA SER B 221 -31.47 -8.27 1.87
C SER B 221 -32.12 -6.97 2.33
N THR B 222 -31.51 -6.34 3.33
CA THR B 222 -32.07 -5.13 3.90
C THR B 222 -32.11 -4.01 2.87
N GLY B 223 -33.30 -3.57 2.48
CA GLY B 223 -33.48 -2.54 1.49
C GLY B 223 -33.75 -3.02 0.09
N TRP B 224 -33.67 -4.34 -0.15
CA TRP B 224 -33.94 -4.87 -1.50
C TRP B 224 -35.32 -4.45 -1.99
N TYR B 225 -36.32 -4.49 -1.13
CA TYR B 225 -37.71 -4.26 -1.56
C TYR B 225 -37.98 -2.80 -1.93
N ASP B 226 -37.08 -1.87 -1.62
CA ASP B 226 -37.25 -0.48 -2.02
C ASP B 226 -36.74 -0.21 -3.43
N ARG B 227 -36.08 -1.19 -4.04
CA ARG B 227 -35.70 -1.07 -5.44
C ARG B 227 -36.82 -1.63 -6.32
N GLY B 228 -36.61 -1.63 -7.63
CA GLY B 228 -37.71 -1.89 -8.54
C GLY B 228 -38.27 -3.30 -8.39
N LEU B 229 -39.61 -3.39 -8.43
CA LEU B 229 -40.27 -4.69 -8.49
C LEU B 229 -39.74 -5.50 -9.66
N THR B 230 -39.47 -4.84 -10.78
CA THR B 230 -39.01 -5.57 -11.96
C THR B 230 -37.73 -6.35 -11.68
N GLU B 231 -36.83 -5.79 -10.87
CA GLU B 231 -35.61 -6.50 -10.54
C GLU B 231 -35.90 -7.76 -9.73
N THR B 232 -36.86 -7.70 -8.80
CA THR B 232 -37.24 -8.91 -8.07
C THR B 232 -37.75 -9.98 -9.02
N VAL B 233 -38.59 -9.59 -9.97
CA VAL B 233 -39.10 -10.54 -10.95
C VAL B 233 -37.95 -11.12 -11.77
N LEU B 234 -37.07 -10.27 -12.26
CA LEU B 234 -35.98 -10.73 -13.12
C LEU B 234 -35.00 -11.61 -12.35
N GLU B 235 -34.81 -11.36 -11.05
CA GLU B 235 -33.94 -12.21 -10.25
C GLU B 235 -34.55 -13.59 -10.07
N ALA B 236 -35.87 -13.65 -9.85
CA ALA B 236 -36.53 -14.95 -9.74
C ALA B 236 -36.37 -15.77 -11.01
N ILE B 237 -36.45 -15.11 -12.17
CA ILE B 237 -36.24 -15.81 -13.43
C ILE B 237 -34.80 -16.31 -13.54
N ALA B 238 -33.84 -15.46 -13.17
CA ALA B 238 -32.43 -15.84 -13.30
C ALA B 238 -32.07 -16.99 -12.36
N PHE B 239 -32.64 -17.01 -11.16
CA PHE B 239 -32.37 -18.09 -10.21
C PHE B 239 -33.12 -19.38 -10.53
N GLY B 240 -33.93 -19.40 -11.58
CA GLY B 240 -34.61 -20.61 -11.97
C GLY B 240 -35.84 -20.94 -11.17
N GLU B 241 -36.48 -19.93 -10.56
CA GLU B 241 -37.69 -20.16 -9.76
C GLU B 241 -38.95 -20.24 -10.61
N VAL B 242 -38.83 -20.18 -11.94
CA VAL B 242 -39.98 -20.22 -12.84
C VAL B 242 -39.59 -21.00 -14.08
N GLY B 243 -40.61 -21.48 -14.79
CA GLY B 243 -40.41 -22.24 -16.01
C GLY B 243 -40.48 -23.73 -15.77
N ASP B 244 -40.31 -24.47 -16.87
CA ASP B 244 -40.38 -25.92 -16.82
C ASP B 244 -39.02 -26.59 -16.65
N GLY B 245 -37.94 -25.92 -17.06
CA GLY B 245 -36.63 -26.52 -16.98
C GLY B 245 -35.94 -26.28 -15.64
N GLU B 246 -35.06 -27.20 -15.29
CA GLU B 246 -34.26 -27.12 -14.08
C GLU B 246 -32.87 -26.59 -14.42
N VAL B 247 -32.17 -26.11 -13.39
CA VAL B 247 -30.86 -25.51 -13.56
C VAL B 247 -29.80 -26.44 -13.00
N ASP B 248 -28.61 -26.35 -13.58
CA ASP B 248 -27.40 -27.01 -13.09
C ASP B 248 -26.52 -25.90 -12.51
N TRP B 249 -26.48 -25.82 -11.18
CA TRP B 249 -25.59 -24.86 -10.53
C TRP B 249 -24.15 -25.31 -10.72
N ARG B 250 -23.33 -24.44 -11.30
CA ARG B 250 -21.94 -24.72 -11.59
C ARG B 250 -21.05 -23.58 -11.13
N CYS B 251 -19.80 -23.91 -10.84
CA CYS B 251 -18.73 -22.94 -10.66
C CYS B 251 -17.53 -23.40 -11.47
N ILE B 252 -16.49 -22.56 -11.52
CA ILE B 252 -15.33 -22.77 -12.38
C ILE B 252 -14.17 -23.26 -11.54
N ASP B 253 -13.63 -24.43 -11.89
CA ASP B 253 -12.51 -25.01 -11.16
C ASP B 253 -11.31 -24.08 -11.21
N GLY B 254 -10.83 -23.66 -10.04
CA GLY B 254 -9.75 -22.70 -9.95
C GLY B 254 -10.19 -21.26 -9.81
N GLY B 255 -11.49 -20.98 -9.91
CA GLY B 255 -12.03 -19.65 -9.75
C GLY B 255 -12.50 -19.07 -11.07
N SER B 256 -13.41 -18.10 -10.96
CA SER B 256 -13.99 -17.53 -12.16
C SER B 256 -12.95 -16.85 -13.04
N HIS B 257 -11.78 -16.51 -12.50
CA HIS B 257 -10.74 -15.88 -13.29
C HIS B 257 -10.35 -16.74 -14.49
N VAL B 258 -10.55 -18.05 -14.40
CA VAL B 258 -10.18 -18.95 -15.48
C VAL B 258 -10.92 -18.61 -16.76
N LEU B 259 -12.17 -18.15 -16.64
CA LEU B 259 -12.94 -17.84 -17.84
C LEU B 259 -12.32 -16.68 -18.62
N PRO B 260 -12.14 -15.49 -18.04
CA PRO B 260 -11.51 -14.41 -18.81
C PRO B 260 -10.07 -14.71 -19.20
N ASP B 261 -9.32 -15.39 -18.34
CA ASP B 261 -7.95 -15.76 -18.70
C ASP B 261 -7.93 -16.66 -19.92
N THR B 262 -8.90 -17.57 -20.02
CA THR B 262 -8.92 -18.49 -21.15
C THR B 262 -9.31 -17.78 -22.44
N ILE B 263 -10.24 -16.83 -22.35
CA ILE B 263 -10.60 -16.05 -23.54
C ILE B 263 -9.42 -15.21 -23.99
N ALA B 264 -8.79 -14.50 -23.03
CA ALA B 264 -7.66 -13.64 -23.38
C ALA B 264 -6.55 -14.44 -24.05
N ALA B 265 -6.24 -15.63 -23.53
CA ALA B 265 -5.21 -16.46 -24.16
C ALA B 265 -5.62 -16.87 -25.56
N PHE B 266 -6.91 -17.15 -25.75
CA PHE B 266 -7.39 -17.46 -27.10
C PHE B 266 -7.20 -16.28 -28.04
N LEU B 267 -7.49 -15.06 -27.56
CA LEU B 267 -7.39 -13.89 -28.41
C LEU B 267 -5.95 -13.51 -28.72
N HIS B 268 -4.99 -13.87 -27.85
CA HIS B 268 -3.61 -13.44 -28.09
C HIS B 268 -2.89 -14.32 -29.10
N LYS B 269 -3.35 -15.56 -29.29
CA LYS B 269 -2.74 -16.43 -30.30
C LYS B 269 -3.01 -15.94 -31.72
N LYS B 270 -3.88 -14.95 -31.89
CA LYS B 270 -4.26 -14.48 -33.23
C LYS B 270 -3.42 -13.27 -33.63
N ALA B 274 -3.14 -7.10 -28.93
CA ALA B 274 -4.57 -6.88 -29.10
C ALA B 274 -5.17 -6.13 -27.90
N PHE B 275 -4.52 -6.24 -26.75
CA PHE B 275 -4.95 -5.58 -25.53
C PHE B 275 -4.08 -4.37 -25.24
N VAL B 276 -4.70 -3.25 -24.92
CA VAL B 276 -4.00 -2.08 -24.41
C VAL B 276 -4.25 -2.05 -22.90
N MET B 277 -3.29 -2.53 -22.13
CA MET B 277 -3.46 -2.62 -20.69
C MET B 277 -2.94 -1.37 -20.00
N ASN B 278 -3.35 -1.20 -18.74
CA ASN B 278 -2.86 -0.11 -17.90
C ASN B 278 -3.14 1.24 -18.55
N ALA B 279 -4.28 1.36 -19.21
CA ALA B 279 -4.67 2.58 -19.92
C ALA B 279 -6.14 2.86 -19.57
N SER B 280 -6.35 3.77 -18.62
CA SER B 280 -7.72 4.12 -18.23
C SER B 280 -8.28 5.16 -19.20
N VAL B 281 -9.51 4.91 -19.66
CA VAL B 281 -10.18 5.81 -20.57
C VAL B 281 -10.61 7.08 -19.82
N THR B 282 -10.26 8.24 -20.36
CA THR B 282 -10.68 9.52 -19.81
C THR B 282 -11.56 10.33 -20.74
N ALA B 283 -11.63 10.00 -22.03
CA ALA B 283 -12.47 10.75 -22.94
C ALA B 283 -12.88 9.85 -24.11
N ILE B 284 -14.11 10.04 -24.56
CA ILE B 284 -14.66 9.34 -25.72
C ILE B 284 -15.48 10.35 -26.54
N GLY B 285 -15.19 10.44 -27.82
CA GLY B 285 -15.94 11.34 -28.67
C GLY B 285 -15.53 11.20 -30.12
N LEU B 286 -16.36 11.76 -30.99
CA LEU B 286 -16.02 11.82 -32.40
C LEU B 286 -14.84 12.78 -32.62
N GLU B 287 -13.95 12.40 -33.54
CA GLU B 287 -12.84 13.29 -33.87
C GLU B 287 -13.36 14.65 -34.36
N ASN B 288 -14.35 14.62 -35.26
CA ASN B 288 -15.00 15.83 -35.75
C ASN B 288 -16.50 15.57 -35.81
N PRO B 289 -17.29 16.07 -34.85
CA PRO B 289 -18.72 15.76 -34.85
C PRO B 289 -19.49 16.30 -36.04
N ASN B 290 -18.89 17.15 -36.87
CA ASN B 290 -19.60 17.69 -38.03
C ASN B 290 -19.40 16.87 -39.29
N LYS B 291 -18.37 16.03 -39.34
CA LYS B 291 -18.12 15.17 -40.50
C LYS B 291 -18.84 13.85 -40.32
N GLU B 292 -19.57 13.43 -41.36
CA GLU B 292 -20.34 12.20 -41.26
C GLU B 292 -19.43 10.97 -41.13
N ASP B 293 -18.26 11.00 -41.76
CA ASP B 293 -17.33 9.88 -41.71
C ASP B 293 -16.31 10.01 -40.58
N SER B 294 -16.58 10.85 -39.60
CA SER B 294 -15.62 11.08 -38.54
C SER B 294 -15.35 9.78 -37.78
N PRO B 295 -14.10 9.46 -37.47
CA PRO B 295 -13.82 8.32 -36.60
C PRO B 295 -14.05 8.68 -35.14
N MET B 296 -14.08 7.65 -34.31
CA MET B 296 -14.14 7.86 -32.87
C MET B 296 -12.73 8.05 -32.33
N VAL B 297 -12.62 8.87 -31.28
CA VAL B 297 -11.37 9.08 -30.57
C VAL B 297 -11.58 8.67 -29.12
N VAL B 298 -10.71 7.80 -28.62
CA VAL B 298 -10.68 7.40 -27.23
C VAL B 298 -9.36 7.86 -26.64
N VAL B 299 -9.41 8.64 -25.57
CA VAL B 299 -8.22 9.01 -24.82
C VAL B 299 -8.09 8.03 -23.67
N ALA B 300 -6.99 7.28 -23.67
CA ALA B 300 -6.72 6.28 -22.64
C ALA B 300 -5.24 6.28 -22.33
N GLY B 301 -4.90 6.34 -21.04
CA GLY B 301 -3.52 6.44 -20.66
C GLY B 301 -2.82 7.64 -21.24
N GLY B 302 -3.56 8.74 -21.41
CA GLY B 302 -2.97 9.94 -21.98
C GLY B 302 -2.68 9.85 -23.46
N GLN B 303 -3.19 8.83 -24.15
CA GLN B 303 -2.94 8.64 -25.56
C GLN B 303 -4.26 8.67 -26.32
N LYS B 304 -4.24 9.30 -27.50
CA LYS B 304 -5.39 9.31 -28.38
C LYS B 304 -5.34 8.09 -29.28
N ARG B 305 -6.46 7.37 -29.36
CA ARG B 305 -6.58 6.21 -30.22
C ARG B 305 -7.83 6.37 -31.07
N LYS B 306 -7.71 6.07 -32.37
CA LYS B 306 -8.79 6.25 -33.31
C LYS B 306 -9.42 4.92 -33.67
N TYR B 307 -10.75 4.92 -33.77
CA TYR B 307 -11.51 3.72 -34.13
C TYR B 307 -12.68 4.13 -35.01
N SER B 308 -13.15 3.19 -35.83
CA SER B 308 -14.36 3.45 -36.62
C SER B 308 -15.58 3.44 -35.70
N HIS B 309 -15.68 2.43 -34.84
CA HIS B 309 -16.74 2.33 -33.85
C HIS B 309 -16.12 1.97 -32.51
N VAL B 310 -16.85 2.26 -31.44
CA VAL B 310 -16.43 1.97 -30.08
C VAL B 310 -17.53 1.19 -29.38
N ILE B 311 -17.17 0.07 -28.77
CA ILE B 311 -18.05 -0.69 -27.90
C ILE B 311 -17.56 -0.48 -26.47
N SER B 312 -18.34 0.22 -25.67
CA SER B 312 -18.02 0.47 -24.27
C SER B 312 -18.69 -0.58 -23.39
N THR B 313 -17.91 -1.21 -22.53
CA THR B 313 -18.46 -2.05 -21.46
C THR B 313 -18.22 -1.43 -20.09
N LEU B 314 -17.87 -0.15 -20.05
CA LEU B 314 -17.64 0.51 -18.76
C LEU B 314 -18.95 0.66 -18.00
N PRO B 315 -18.94 0.45 -16.68
CA PRO B 315 -20.15 0.69 -15.90
C PRO B 315 -20.66 2.11 -16.10
N LEU B 316 -21.98 2.27 -15.99
CA LEU B 316 -22.57 3.59 -16.16
C LEU B 316 -21.95 4.65 -15.24
N PRO B 317 -21.73 4.39 -13.95
CA PRO B 317 -21.07 5.43 -13.13
C PRO B 317 -19.66 5.74 -13.58
N VAL B 318 -18.95 4.78 -14.17
CA VAL B 318 -17.63 5.07 -14.70
C VAL B 318 -17.73 6.01 -15.90
N LEU B 319 -18.70 5.77 -16.79
CA LEU B 319 -18.88 6.66 -17.93
C LEU B 319 -19.17 8.08 -17.48
N ARG B 320 -19.80 8.25 -16.31
CA ARG B 320 -20.04 9.59 -15.79
C ARG B 320 -18.76 10.29 -15.38
N THR B 321 -17.64 9.57 -15.25
CA THR B 321 -16.34 10.16 -14.98
C THR B 321 -15.51 10.35 -16.24
N VAL B 322 -16.04 9.95 -17.40
CA VAL B 322 -15.35 10.08 -18.67
C VAL B 322 -15.91 11.31 -19.38
N ASP B 323 -15.04 12.05 -20.05
CA ASP B 323 -15.46 13.20 -20.84
C ASP B 323 -16.14 12.69 -22.11
N LEU B 324 -17.47 12.80 -22.16
CA LEU B 324 -18.25 12.32 -23.29
C LEU B 324 -18.69 13.44 -24.22
N LYS B 325 -18.06 14.61 -24.14
CA LYS B 325 -18.32 15.65 -25.13
C LYS B 325 -17.86 15.13 -26.50
N ASN B 326 -18.67 15.42 -27.52
CA ASN B 326 -18.49 14.99 -28.89
C ASN B 326 -18.93 13.54 -29.09
N SER B 327 -19.46 12.88 -28.06
CA SER B 327 -20.20 11.63 -28.25
C SER B 327 -21.69 11.87 -28.48
N LYS B 328 -22.15 13.10 -28.34
CA LYS B 328 -23.50 13.49 -28.77
C LYS B 328 -24.56 12.57 -28.19
N LEU B 329 -24.48 12.31 -26.90
CA LEU B 329 -25.58 11.62 -26.23
C LEU B 329 -26.83 12.49 -26.28
N ASP B 330 -27.97 11.86 -26.52
CA ASP B 330 -29.21 12.63 -26.43
C ASP B 330 -29.57 12.81 -24.96
N ILE B 331 -30.53 13.70 -24.71
CA ILE B 331 -30.84 14.11 -23.36
C ILE B 331 -31.28 12.93 -22.50
N VAL B 332 -31.91 11.93 -23.10
CA VAL B 332 -32.34 10.75 -22.33
C VAL B 332 -31.14 9.89 -21.97
N GLN B 333 -30.26 9.65 -22.93
CA GLN B 333 -29.06 8.86 -22.67
C GLN B 333 -28.23 9.45 -21.54
N SER B 334 -28.04 10.78 -21.54
CA SER B 334 -27.22 11.39 -20.49
C SER B 334 -27.93 11.33 -19.14
N ASN B 335 -29.26 11.48 -19.11
CA ASN B 335 -30.00 11.24 -17.88
C ASN B 335 -29.84 9.79 -17.43
N ALA B 336 -29.88 8.85 -18.37
CA ALA B 336 -29.80 7.44 -18.01
C ALA B 336 -28.47 7.12 -17.33
N LEU B 337 -27.36 7.68 -17.82
CA LEU B 337 -26.07 7.40 -17.21
C LEU B 337 -26.06 7.75 -15.74
N ARG B 338 -26.78 8.80 -15.34
CA ARG B 338 -26.81 9.25 -13.95
C ARG B 338 -27.85 8.50 -13.12
N LYS B 339 -29.05 8.31 -13.64
CA LYS B 339 -30.19 7.86 -12.85
C LYS B 339 -30.31 6.33 -12.78
N LEU B 340 -29.96 5.61 -13.83
CA LEU B 340 -30.06 4.15 -13.79
C LEU B 340 -29.23 3.61 -12.63
N GLN B 341 -29.91 3.01 -11.65
CA GLN B 341 -29.33 2.83 -10.33
C GLN B 341 -28.45 1.58 -10.23
N TYR B 342 -27.37 1.72 -9.47
CA TYR B 342 -26.50 0.62 -9.13
C TYR B 342 -26.72 0.20 -7.68
N GLY B 343 -26.31 -1.04 -7.38
CA GLY B 343 -26.41 -1.57 -6.04
C GLY B 343 -25.04 -1.96 -5.50
N PRO B 344 -24.90 -1.96 -4.18
CA PRO B 344 -23.61 -2.27 -3.56
C PRO B 344 -23.52 -3.74 -3.19
N SER B 345 -22.30 -4.16 -2.86
CA SER B 345 -22.06 -5.50 -2.35
C SER B 345 -20.67 -5.56 -1.76
N ILE B 346 -20.52 -6.40 -0.75
CA ILE B 346 -19.23 -6.69 -0.14
C ILE B 346 -19.12 -8.20 0.03
N LYS B 347 -17.88 -8.68 0.05
CA LYS B 347 -17.58 -10.06 0.39
C LYS B 347 -16.40 -10.07 1.35
N ILE B 348 -16.40 -11.03 2.26
CA ILE B 348 -15.30 -11.25 3.19
C ILE B 348 -14.92 -12.72 3.13
N GLY B 349 -13.70 -13.00 2.70
CA GLY B 349 -13.16 -14.35 2.67
C GLY B 349 -12.17 -14.54 3.80
N ILE B 350 -12.23 -15.71 4.43
CA ILE B 350 -11.38 -16.04 5.55
C ILE B 350 -10.75 -17.41 5.29
N LEU B 351 -9.42 -17.44 5.28
CA LEU B 351 -8.70 -18.71 5.26
C LEU B 351 -8.59 -19.24 6.69
N PHE B 352 -9.08 -20.46 6.90
CA PHE B 352 -8.97 -21.16 8.17
C PHE B 352 -7.91 -22.24 8.06
N LYS B 353 -7.59 -22.85 9.20
CA LYS B 353 -6.64 -23.95 9.22
C LYS B 353 -7.26 -25.26 8.76
N GLU B 354 -8.58 -25.34 8.69
CA GLU B 354 -9.29 -26.56 8.34
C GLU B 354 -10.69 -26.19 7.91
N PRO B 355 -11.39 -27.08 7.20
CA PRO B 355 -12.81 -26.81 6.86
C PRO B 355 -13.73 -27.22 8.00
N TRP B 356 -13.68 -26.44 9.08
CA TRP B 356 -14.38 -26.81 10.31
C TRP B 356 -15.88 -26.98 10.08
N TRP B 357 -16.45 -26.26 9.12
CA TRP B 357 -17.88 -26.40 8.83
C TRP B 357 -18.21 -27.78 8.31
N THR B 358 -17.23 -28.52 7.79
CA THR B 358 -17.42 -29.87 7.28
C THR B 358 -17.06 -30.94 8.30
N THR B 359 -16.00 -30.71 9.08
CA THR B 359 -15.47 -31.72 9.99
C THR B 359 -15.68 -31.40 11.47
N GLY B 360 -16.04 -30.17 11.81
CA GLY B 360 -16.08 -29.75 13.19
C GLY B 360 -17.43 -30.01 13.86
N GLN B 361 -17.53 -29.55 15.10
CA GLN B 361 -18.75 -29.66 15.87
C GLN B 361 -18.91 -28.38 16.70
N ASP B 362 -20.15 -28.12 17.10
CA ASP B 362 -20.44 -26.89 17.85
C ASP B 362 -20.09 -27.08 19.32
N LYS B 363 -20.39 -26.06 20.13
CA LYS B 363 -20.00 -26.11 21.54
C LYS B 363 -20.70 -27.24 22.29
N ASN B 364 -21.78 -27.80 21.73
CA ASN B 364 -22.51 -28.88 22.38
C ASN B 364 -22.19 -30.25 21.79
N GLY B 365 -21.20 -30.33 20.89
CA GLY B 365 -20.81 -31.58 20.30
C GLY B 365 -21.56 -31.97 19.03
N GLU B 366 -22.47 -31.13 18.56
CA GLU B 366 -23.22 -31.42 17.35
C GLU B 366 -22.40 -31.04 16.12
N LYS B 367 -22.25 -31.98 15.20
CA LYS B 367 -21.45 -31.75 14.01
C LYS B 367 -22.18 -30.83 13.04
N PHE B 368 -21.45 -29.87 12.48
CA PHE B 368 -22.05 -28.98 11.48
C PHE B 368 -22.41 -29.77 10.22
N ASP B 369 -21.48 -30.59 9.72
CA ASP B 369 -21.71 -31.48 8.59
C ASP B 369 -22.20 -30.71 7.37
N LEU B 370 -21.51 -29.61 7.06
CA LEU B 370 -21.84 -28.73 5.95
C LEU B 370 -20.84 -28.93 4.82
N VAL B 371 -21.34 -29.19 3.61
CA VAL B 371 -20.52 -29.30 2.42
C VAL B 371 -21.14 -28.37 1.38
N GLY B 372 -20.44 -27.30 1.03
CA GLY B 372 -21.04 -26.30 0.19
C GLY B 372 -22.26 -25.70 0.88
N GLY B 373 -23.14 -25.12 0.07
CA GLY B 373 -24.34 -24.51 0.60
C GLY B 373 -24.07 -23.17 1.26
N GLN B 374 -25.08 -22.71 1.99
CA GLN B 374 -25.05 -21.39 2.58
C GLN B 374 -25.82 -21.39 3.90
N SER B 375 -25.47 -20.43 4.75
CA SER B 375 -26.23 -20.12 5.95
C SER B 375 -26.68 -18.68 5.88
N TYR B 376 -27.78 -18.38 6.58
CA TYR B 376 -28.40 -17.06 6.53
C TYR B 376 -28.67 -16.59 7.95
N THR B 377 -28.55 -15.28 8.14
CA THR B 377 -28.76 -14.68 9.45
C THR B 377 -29.10 -13.21 9.26
N ASP B 378 -29.78 -12.64 10.25
CA ASP B 378 -30.01 -11.20 10.27
C ASP B 378 -28.85 -10.45 10.92
N LEU B 379 -27.82 -11.15 11.38
CA LEU B 379 -26.61 -10.50 11.86
C LEU B 379 -25.90 -9.80 10.70
N PRO B 380 -25.05 -8.83 11.00
CA PRO B 380 -24.43 -8.03 9.92
C PRO B 380 -23.81 -8.85 8.79
N ILE B 381 -23.27 -10.04 9.04
CA ILE B 381 -22.66 -10.80 7.96
C ILE B 381 -23.69 -11.35 6.98
N ARG B 382 -24.95 -11.49 7.43
CA ARG B 382 -26.09 -11.86 6.58
C ARG B 382 -26.02 -13.23 5.94
N THR B 383 -25.00 -13.48 5.10
CA THR B 383 -24.91 -14.71 4.33
C THR B 383 -23.50 -15.29 4.44
N VAL B 384 -23.43 -16.58 4.73
CA VAL B 384 -22.19 -17.35 4.74
C VAL B 384 -22.25 -18.35 3.61
N VAL B 385 -21.19 -18.45 2.82
CA VAL B 385 -21.15 -19.36 1.67
C VAL B 385 -19.98 -20.31 1.87
N TYR B 386 -20.30 -21.59 2.03
CA TYR B 386 -19.25 -22.61 2.16
C TYR B 386 -18.80 -23.07 0.78
N PRO B 387 -17.51 -23.33 0.58
CA PRO B 387 -17.03 -23.62 -0.78
C PRO B 387 -17.53 -24.96 -1.28
N SER B 388 -17.90 -24.97 -2.56
CA SER B 388 -18.26 -26.20 -3.25
C SER B 388 -17.09 -26.79 -4.02
N TYR B 389 -16.10 -25.98 -4.38
CA TYR B 389 -14.95 -26.44 -5.16
C TYR B 389 -13.97 -27.22 -4.29
N GLY B 390 -13.51 -28.35 -4.81
CA GLY B 390 -12.47 -29.14 -4.16
C GLY B 390 -12.94 -29.99 -3.01
N VAL B 391 -14.24 -30.06 -2.73
CA VAL B 391 -14.71 -30.69 -1.51
C VAL B 391 -14.37 -32.17 -1.46
N ASN B 392 -14.23 -32.81 -2.62
CA ASN B 392 -13.98 -34.24 -2.70
C ASN B 392 -12.52 -34.59 -3.00
N THR B 393 -11.65 -33.60 -3.13
CA THR B 393 -10.24 -33.87 -3.39
C THR B 393 -9.53 -34.21 -2.08
N ASN B 394 -8.25 -34.57 -2.19
CA ASN B 394 -7.44 -34.84 -1.01
C ASN B 394 -7.02 -33.58 -0.27
N ALA B 395 -7.25 -32.40 -0.84
CA ALA B 395 -6.95 -31.12 -0.20
C ALA B 395 -8.15 -30.20 -0.33
N PRO B 396 -9.20 -30.45 0.44
CA PRO B 396 -10.39 -29.57 0.36
C PRO B 396 -10.06 -28.13 0.74
N SER B 397 -10.92 -27.23 0.30
CA SER B 397 -10.73 -25.81 0.59
C SER B 397 -10.86 -25.56 2.09
N ASN B 398 -9.95 -24.74 2.61
CA ASN B 398 -10.05 -24.22 3.96
C ASN B 398 -10.57 -22.78 4.00
N THR B 399 -11.07 -22.29 2.87
CA THR B 399 -11.46 -20.90 2.71
C THR B 399 -12.97 -20.75 2.75
N LEU B 400 -13.43 -19.82 3.57
CA LEU B 400 -14.85 -19.57 3.75
C LEU B 400 -15.18 -18.17 3.26
N ILE B 401 -16.34 -18.01 2.63
CA ILE B 401 -16.94 -16.69 2.43
C ILE B 401 -17.74 -16.40 3.69
N ALA B 402 -17.12 -15.67 4.62
CA ALA B 402 -17.72 -15.42 5.92
C ALA B 402 -18.86 -14.41 5.83
N SER B 403 -18.88 -13.57 4.80
CA SER B 403 -19.93 -12.57 4.65
C SER B 403 -20.09 -12.21 3.18
N TYR B 404 -21.34 -12.17 2.72
CA TYR B 404 -21.70 -11.75 1.37
C TYR B 404 -22.98 -10.94 1.49
N CYS B 405 -22.88 -9.61 1.30
CA CYS B 405 -23.97 -8.69 1.60
C CYS B 405 -24.40 -7.90 0.37
N TRP B 406 -25.66 -7.45 0.42
CA TRP B 406 -26.27 -6.60 -0.58
C TRP B 406 -26.85 -5.37 0.10
N THR B 407 -27.27 -4.40 -0.73
CA THR B 407 -28.03 -3.23 -0.31
C THR B 407 -27.54 -2.67 1.02
N ASN B 408 -28.44 -2.37 1.97
CA ASN B 408 -28.04 -1.67 3.19
C ASN B 408 -26.97 -2.45 3.96
N ASP B 409 -27.08 -3.78 3.98
CA ASP B 409 -26.11 -4.58 4.73
C ASP B 409 -24.71 -4.37 4.19
N ALA B 410 -24.58 -4.28 2.86
CA ALA B 410 -23.28 -4.04 2.24
C ALA B 410 -22.83 -2.61 2.46
N GLU B 411 -23.76 -1.65 2.41
CA GLU B 411 -23.40 -0.25 2.65
C GLU B 411 -22.82 -0.06 4.04
N ARG B 412 -23.48 -0.64 5.04
CA ARG B 412 -23.00 -0.50 6.42
C ARG B 412 -21.67 -1.22 6.62
N MET B 413 -21.59 -2.49 6.21
CA MET B 413 -20.34 -3.23 6.38
C MET B 413 -19.19 -2.57 5.63
N GLY B 414 -19.48 -1.90 4.51
CA GLY B 414 -18.43 -1.30 3.71
C GLY B 414 -17.57 -0.32 4.49
N SER B 415 -18.15 0.32 5.51
CA SER B 415 -17.38 1.31 6.27
C SER B 415 -16.23 0.69 7.03
N LEU B 416 -16.28 -0.62 7.29
CA LEU B 416 -15.22 -1.31 8.01
C LEU B 416 -14.22 -2.00 7.10
N ILE B 417 -14.39 -1.88 5.79
CA ILE B 417 -13.56 -2.59 4.81
C ILE B 417 -12.66 -1.58 4.11
N GLY B 418 -11.41 -1.97 3.89
CA GLY B 418 -10.48 -1.14 3.17
C GLY B 418 -10.08 0.14 3.87
N THR B 419 -10.12 0.16 5.20
CA THR B 419 -9.74 1.38 5.93
C THR B 419 -8.23 1.58 5.92
N GLY B 420 -7.47 0.50 5.79
CA GLY B 420 -6.04 0.58 5.86
C GLY B 420 -5.49 0.73 7.26
N ALA B 421 -6.35 0.67 8.28
CA ALA B 421 -5.96 0.83 9.67
C ALA B 421 -6.17 -0.49 10.39
N ALA B 422 -5.11 -0.99 11.04
CA ALA B 422 -5.19 -2.26 11.74
C ALA B 422 -6.31 -2.27 12.77
N THR B 423 -6.57 -1.14 13.42
CA THR B 423 -7.59 -1.10 14.46
C THR B 423 -8.96 -1.46 13.91
N TYR B 424 -9.28 -1.00 12.70
CA TYR B 424 -10.56 -1.35 12.10
C TYR B 424 -10.52 -2.71 11.43
N GLU B 425 -9.36 -3.13 10.93
CA GLU B 425 -9.22 -4.51 10.47
C GLU B 425 -9.49 -5.48 11.60
N GLU B 426 -9.00 -5.18 12.81
CA GLU B 426 -9.26 -6.03 13.96
C GLU B 426 -10.74 -5.98 14.37
N GLN B 427 -11.33 -4.79 14.35
CA GLN B 427 -12.76 -4.68 14.64
C GLN B 427 -13.57 -5.53 13.67
N LEU B 428 -13.24 -5.46 12.38
CA LEU B 428 -13.98 -6.21 11.38
C LEU B 428 -13.87 -7.71 11.61
N GLU B 429 -12.64 -8.20 11.82
CA GLU B 429 -12.46 -9.63 12.03
C GLU B 429 -13.24 -10.10 13.26
N HIS B 430 -13.15 -9.35 14.36
CA HIS B 430 -13.85 -9.77 15.56
C HIS B 430 -15.36 -9.80 15.35
N LEU B 431 -15.89 -8.81 14.64
CA LEU B 431 -17.32 -8.81 14.33
C LEU B 431 -17.71 -10.02 13.50
N VAL B 432 -16.92 -10.32 12.45
CA VAL B 432 -17.27 -11.43 11.57
C VAL B 432 -17.18 -12.75 12.31
N LEU B 433 -16.10 -12.98 13.07
CA LEU B 433 -15.99 -14.22 13.82
C LEU B 433 -17.10 -14.32 14.86
N SER B 434 -17.41 -13.21 15.55
N SER B 434 -17.41 -13.21 15.54
CA SER B 434 -18.48 -13.22 16.53
CA SER B 434 -18.48 -13.23 16.53
C SER B 434 -19.80 -13.61 15.87
C SER B 434 -19.81 -13.60 15.87
N ASN B 435 -20.12 -13.00 14.73
CA ASN B 435 -21.34 -13.36 14.01
C ASN B 435 -21.32 -14.82 13.61
N LEU B 436 -20.19 -15.29 13.05
CA LEU B 436 -20.08 -16.70 12.69
C LEU B 436 -20.33 -17.59 13.89
N ALA B 437 -19.73 -17.24 15.04
CA ALA B 437 -19.90 -18.06 16.22
C ALA B 437 -21.37 -18.16 16.61
N ALA B 438 -22.09 -17.04 16.54
CA ALA B 438 -23.50 -17.05 16.90
C ALA B 438 -24.31 -17.88 15.90
N VAL B 439 -23.99 -17.80 14.61
CA VAL B 439 -24.76 -18.55 13.62
C VAL B 439 -24.58 -20.05 13.84
N HIS B 440 -23.34 -20.50 14.06
CA HIS B 440 -23.04 -21.92 14.14
C HIS B 440 -23.07 -22.47 15.56
N ASN B 441 -23.26 -21.62 16.57
CA ASN B 441 -23.30 -22.04 17.98
C ASN B 441 -21.94 -22.54 18.45
N THR B 442 -20.90 -21.75 18.20
CA THR B 442 -19.58 -22.01 18.74
C THR B 442 -19.18 -20.83 19.61
N ASP B 443 -18.03 -20.98 20.29
CA ASP B 443 -17.42 -19.86 20.97
C ASP B 443 -16.60 -19.05 19.98
N TYR B 444 -16.34 -17.79 20.33
CA TYR B 444 -15.51 -16.95 19.49
C TYR B 444 -14.12 -17.56 19.31
N GLN B 445 -13.51 -17.99 20.42
CA GLN B 445 -12.13 -18.46 20.38
C GLN B 445 -11.97 -19.72 19.53
N TYR B 446 -13.02 -20.55 19.46
CA TYR B 446 -12.98 -21.73 18.60
C TYR B 446 -12.68 -21.35 17.16
N LEU B 447 -13.27 -20.25 16.68
CA LEU B 447 -13.02 -19.81 15.31
C LEU B 447 -11.74 -18.99 15.21
N LYS B 448 -11.45 -18.17 16.22
CA LYS B 448 -10.23 -17.38 16.20
C LYS B 448 -9.00 -18.28 16.16
N ASP B 449 -8.98 -19.33 16.98
CA ASP B 449 -7.85 -20.25 16.98
C ASP B 449 -7.62 -20.88 15.61
N ARG B 450 -8.64 -20.91 14.77
CA ARG B 450 -8.54 -21.54 13.46
C ARG B 450 -8.35 -20.54 12.33
N LEU B 451 -8.35 -19.24 12.61
CA LEU B 451 -8.23 -18.24 11.55
C LEU B 451 -6.77 -18.05 11.15
N VAL B 452 -6.55 -17.96 9.84
CA VAL B 452 -5.22 -17.75 9.27
C VAL B 452 -5.12 -16.39 8.59
N ASP B 453 -6.07 -16.06 7.72
CA ASP B 453 -5.97 -14.84 6.91
C ASP B 453 -7.36 -14.37 6.54
N VAL B 454 -7.51 -13.05 6.41
CA VAL B 454 -8.75 -12.41 6.05
C VAL B 454 -8.53 -11.56 4.80
N HIS B 455 -9.49 -11.60 3.89
CA HIS B 455 -9.51 -10.73 2.72
C HIS B 455 -10.92 -10.20 2.54
N SER B 456 -11.06 -8.89 2.33
CA SER B 456 -12.35 -8.25 2.23
C SER B 456 -12.37 -7.29 1.05
N TRP B 457 -13.57 -7.09 0.49
CA TRP B 457 -13.71 -6.30 -0.72
C TRP B 457 -15.05 -5.59 -0.71
N ASP B 458 -15.05 -4.33 -1.15
CA ASP B 458 -16.24 -3.50 -1.23
C ASP B 458 -16.37 -3.00 -2.67
N TRP B 459 -17.26 -3.63 -3.44
CA TRP B 459 -17.43 -3.20 -4.81
C TRP B 459 -18.02 -1.80 -4.91
N ASN B 460 -18.56 -1.25 -3.81
CA ASN B 460 -19.03 0.13 -3.78
C ASN B 460 -17.96 1.11 -3.30
N HIS B 461 -16.71 0.67 -3.24
CA HIS B 461 -15.57 1.52 -2.93
CA HIS B 461 -15.58 1.56 -2.97
C HIS B 461 -14.41 1.09 -3.83
N ASN B 462 -14.64 1.12 -5.13
CA ASN B 462 -13.73 0.63 -6.16
C ASN B 462 -13.89 1.48 -7.41
N PRO B 463 -12.88 2.28 -7.76
CA PRO B 463 -13.01 3.17 -8.93
C PRO B 463 -13.36 2.44 -10.22
N LEU B 464 -13.03 1.16 -10.34
CA LEU B 464 -13.27 0.45 -11.58
C LEU B 464 -14.70 -0.04 -11.73
N THR B 465 -15.49 -0.08 -10.65
CA THR B 465 -16.88 -0.52 -10.71
C THR B 465 -17.87 0.51 -10.19
N MET B 466 -17.51 1.25 -9.13
CA MET B 466 -18.35 2.31 -8.59
C MET B 466 -19.74 1.76 -8.25
N GLY B 467 -19.74 0.62 -7.58
CA GLY B 467 -20.94 -0.13 -7.32
C GLY B 467 -20.71 -1.59 -7.70
N ALA B 468 -21.47 -2.50 -7.12
CA ALA B 468 -21.32 -3.91 -7.46
C ALA B 468 -21.88 -4.20 -8.84
N PHE B 469 -23.06 -3.68 -9.16
CA PHE B 469 -23.72 -3.98 -10.42
C PHE B 469 -24.99 -3.14 -10.48
N ALA B 470 -25.58 -3.09 -11.68
CA ALA B 470 -26.87 -2.44 -11.83
C ALA B 470 -27.90 -3.08 -10.91
N PHE B 471 -28.68 -2.24 -10.24
CA PHE B 471 -29.78 -2.69 -9.38
C PHE B 471 -30.83 -1.58 -9.47
N PHE B 472 -31.62 -1.64 -10.54
CA PHE B 472 -32.47 -0.52 -10.93
C PHE B 472 -33.53 -0.22 -9.89
N GLY B 473 -33.82 1.06 -9.71
CA GLY B 473 -34.95 1.47 -8.94
C GLY B 473 -36.21 1.46 -9.78
N PRO B 474 -37.34 1.71 -9.13
CA PRO B 474 -38.61 1.77 -9.87
C PRO B 474 -38.55 2.82 -10.96
N GLY B 475 -39.07 2.45 -12.14
CA GLY B 475 -39.14 3.35 -13.27
C GLY B 475 -37.93 3.32 -14.19
N ASP B 476 -36.78 2.83 -13.71
CA ASP B 476 -35.58 2.86 -14.52
C ASP B 476 -35.78 2.07 -15.82
N PHE B 477 -36.34 0.87 -15.71
CA PHE B 477 -36.50 0.02 -16.90
C PHE B 477 -37.49 0.62 -17.89
N GLN B 478 -38.59 1.20 -17.40
CA GLN B 478 -39.61 1.70 -18.29
CA GLN B 478 -39.62 1.70 -18.29
C GLN B 478 -39.26 3.06 -18.89
N ASP B 479 -38.50 3.89 -18.17
CA ASP B 479 -38.24 5.25 -18.61
C ASP B 479 -36.90 5.44 -19.32
N LEU B 480 -35.81 4.88 -18.78
CA LEU B 480 -34.47 5.24 -19.23
C LEU B 480 -33.68 4.09 -19.85
N TYR B 481 -34.06 2.84 -19.62
CA TYR B 481 -33.24 1.71 -20.04
C TYR B 481 -33.06 1.65 -21.54
N THR B 482 -34.14 1.86 -22.33
CA THR B 482 -34.03 1.67 -23.77
C THR B 482 -33.11 2.71 -24.42
N SER B 483 -33.01 3.91 -23.82
CA SER B 483 -32.20 4.96 -24.43
C SER B 483 -30.77 4.52 -24.66
N LEU B 484 -30.22 3.67 -23.80
CA LEU B 484 -28.82 3.27 -23.94
C LEU B 484 -28.63 2.09 -24.86
N ASN B 485 -29.70 1.42 -25.27
CA ASN B 485 -29.59 0.45 -26.36
C ASN B 485 -29.58 1.12 -27.72
N ARG B 486 -29.88 2.41 -27.79
CA ARG B 486 -29.58 3.18 -28.99
C ARG B 486 -28.14 3.66 -28.94
N PRO B 487 -27.45 3.72 -30.08
CA PRO B 487 -26.08 4.20 -30.07
C PRO B 487 -26.01 5.70 -29.87
N ALA B 488 -24.81 6.18 -29.63
CA ALA B 488 -24.51 7.61 -29.61
C ALA B 488 -23.44 7.89 -30.66
N ALA B 489 -23.00 9.15 -30.70
CA ALA B 489 -21.88 9.56 -31.55
C ALA B 489 -22.14 9.20 -33.02
N ASN B 490 -23.29 9.66 -33.53
CA ASN B 490 -23.67 9.40 -34.92
C ASN B 490 -23.63 7.90 -35.24
N GLY B 491 -24.07 7.09 -34.27
CA GLY B 491 -24.15 5.66 -34.45
C GLY B 491 -22.86 4.90 -34.20
N LYS B 492 -21.80 5.56 -33.77
CA LYS B 492 -20.48 4.94 -33.67
C LYS B 492 -20.05 4.59 -32.24
N LEU B 493 -20.84 4.97 -31.24
CA LEU B 493 -20.59 4.60 -29.84
C LEU B 493 -21.71 3.70 -29.37
N HIS B 494 -21.36 2.48 -28.96
CA HIS B 494 -22.33 1.49 -28.52
C HIS B 494 -22.13 1.19 -27.04
N PHE B 495 -23.21 1.27 -26.28
CA PHE B 495 -23.18 1.04 -24.84
C PHE B 495 -23.42 -0.43 -24.55
N ALA B 496 -22.50 -1.05 -23.81
CA ALA B 496 -22.61 -2.44 -23.42
C ALA B 496 -22.16 -2.56 -21.96
N GLY B 497 -22.06 -3.79 -21.49
CA GLY B 497 -21.88 -4.08 -20.08
C GLY B 497 -23.17 -4.59 -19.46
N GLU B 498 -23.03 -5.25 -18.30
CA GLU B 498 -24.17 -5.97 -17.73
C GLU B 498 -25.35 -5.05 -17.43
N ALA B 499 -25.10 -3.75 -17.21
CA ALA B 499 -26.22 -2.83 -16.98
C ALA B 499 -27.16 -2.80 -18.17
N LEU B 500 -26.66 -3.03 -19.38
CA LEU B 500 -27.47 -3.03 -20.59
C LEU B 500 -28.06 -4.42 -20.85
N SER B 501 -28.86 -4.89 -19.88
CA SER B 501 -29.51 -6.18 -19.98
C SER B 501 -30.62 -6.25 -18.94
N VAL B 502 -31.42 -7.30 -19.04
CA VAL B 502 -32.40 -7.63 -18.01
C VAL B 502 -31.89 -8.78 -17.13
N ARG B 503 -30.59 -9.04 -17.13
CA ARG B 503 -29.97 -9.99 -16.22
C ARG B 503 -28.87 -9.29 -15.44
N HIS B 504 -29.23 -8.21 -14.75
CA HIS B 504 -28.27 -7.48 -13.94
C HIS B 504 -27.64 -8.40 -12.89
N ALA B 505 -26.37 -8.13 -12.59
CA ALA B 505 -25.64 -8.87 -11.57
C ALA B 505 -25.39 -10.31 -12.00
N TRP B 506 -25.37 -10.56 -13.32
CA TRP B 506 -25.05 -11.86 -13.87
C TRP B 506 -24.11 -11.69 -15.06
N VAL B 507 -23.27 -12.71 -15.28
CA VAL B 507 -22.41 -12.71 -16.45
C VAL B 507 -23.23 -12.69 -17.73
N VAL B 508 -24.34 -13.44 -17.77
CA VAL B 508 -25.15 -13.50 -18.99
C VAL B 508 -25.64 -12.10 -19.36
N GLY B 509 -25.86 -11.24 -18.37
CA GLY B 509 -26.22 -9.86 -18.67
C GLY B 509 -25.15 -9.16 -19.49
N ALA B 510 -23.88 -9.34 -19.13
CA ALA B 510 -22.80 -8.76 -19.90
C ALA B 510 -22.74 -9.35 -21.30
N LEU B 511 -22.97 -10.67 -21.43
CA LEU B 511 -22.95 -11.31 -22.74
C LEU B 511 -24.09 -10.80 -23.62
N ASP B 512 -25.30 -10.69 -23.06
CA ASP B 512 -26.42 -10.14 -23.82
C ASP B 512 -26.08 -8.74 -24.34
N SER B 513 -25.48 -7.90 -23.49
CA SER B 513 -25.15 -6.54 -23.91
C SER B 513 -24.14 -6.55 -25.04
N ALA B 514 -23.21 -7.51 -25.01
CA ALA B 514 -22.22 -7.59 -26.07
C ALA B 514 -22.85 -8.06 -27.37
N TRP B 515 -23.77 -9.02 -27.30
CA TRP B 515 -24.50 -9.44 -28.49
C TRP B 515 -25.21 -8.25 -29.15
N ARG B 516 -25.94 -7.47 -28.36
CA ARG B 516 -26.69 -6.35 -28.92
C ARG B 516 -25.77 -5.27 -29.50
N ALA B 517 -24.66 -4.98 -28.81
CA ALA B 517 -23.75 -3.96 -29.31
C ALA B 517 -23.12 -4.38 -30.63
N VAL B 518 -22.66 -5.63 -30.72
CA VAL B 518 -22.07 -6.10 -31.98
C VAL B 518 -23.14 -6.20 -33.05
N TYR B 519 -24.34 -6.66 -32.68
CA TYR B 519 -25.45 -6.69 -33.62
C TYR B 519 -25.67 -5.32 -34.25
N ASN B 520 -25.74 -4.28 -33.41
CA ASN B 520 -25.95 -2.94 -33.95
C ASN B 520 -24.76 -2.50 -34.79
N TYR B 521 -23.54 -2.83 -34.36
CA TYR B 521 -22.37 -2.48 -35.14
C TYR B 521 -22.42 -3.11 -36.52
N LEU B 522 -22.67 -4.42 -36.59
CA LEU B 522 -22.75 -5.11 -37.88
C LEU B 522 -23.90 -4.54 -38.72
N TYR B 523 -25.02 -4.20 -38.07
CA TYR B 523 -26.20 -3.73 -38.78
C TYR B 523 -25.90 -2.45 -39.56
N VAL B 524 -25.08 -1.56 -38.99
CA VAL B 524 -24.82 -0.26 -39.60
C VAL B 524 -23.55 -0.25 -40.45
N THR B 525 -22.70 -1.27 -40.36
CA THR B 525 -21.43 -1.26 -41.08
C THR B 525 -21.29 -2.37 -42.11
N ASP B 526 -21.76 -3.58 -41.83
CA ASP B 526 -21.60 -4.71 -42.73
C ASP B 526 -22.74 -5.70 -42.52
N PRO B 527 -23.95 -5.33 -42.95
CA PRO B 527 -25.11 -6.21 -42.70
C PRO B 527 -24.99 -7.57 -43.35
N ALA B 528 -24.11 -7.74 -44.35
CA ALA B 528 -23.93 -9.04 -44.98
C ALA B 528 -23.40 -10.08 -44.00
N LYS B 529 -22.80 -9.65 -42.90
CA LYS B 529 -22.29 -10.58 -41.90
C LYS B 529 -23.37 -11.00 -40.90
N LEU B 530 -24.57 -10.44 -40.98
CA LEU B 530 -25.60 -10.79 -40.00
C LEU B 530 -25.96 -12.28 -40.02
N PRO B 531 -26.15 -12.92 -41.17
CA PRO B 531 -26.46 -14.37 -41.14
C PRO B 531 -25.43 -15.19 -40.37
N LYS B 532 -24.15 -14.95 -40.62
CA LYS B 532 -23.12 -15.68 -39.87
C LYS B 532 -23.13 -15.30 -38.40
N PHE B 533 -23.35 -14.02 -38.11
CA PHE B 533 -23.49 -13.60 -36.71
C PHE B 533 -24.61 -14.37 -36.03
N PHE B 534 -25.79 -14.42 -36.66
CA PHE B 534 -26.90 -15.19 -36.11
C PHE B 534 -26.53 -16.66 -35.94
N GLU B 535 -25.86 -17.24 -36.94
CA GLU B 535 -25.52 -18.66 -36.89
C GLU B 535 -24.62 -18.98 -35.72
N LEU B 536 -23.61 -18.15 -35.47
CA LEU B 536 -22.63 -18.45 -34.44
C LEU B 536 -23.06 -18.02 -33.05
N TRP B 537 -23.82 -16.93 -32.95
CA TRP B 537 -24.09 -16.31 -31.65
C TRP B 537 -25.57 -16.08 -31.36
N GLY B 538 -26.45 -16.60 -32.19
CA GLY B 538 -27.88 -16.56 -31.91
C GLY B 538 -28.61 -15.49 -32.71
N LYS B 539 -29.86 -15.81 -33.06
CA LYS B 539 -30.71 -14.86 -33.77
C LYS B 539 -31.19 -13.73 -32.88
N ASN B 540 -31.23 -13.94 -31.56
CA ASN B 540 -31.69 -12.95 -30.62
C ASN B 540 -30.80 -13.00 -29.39
N ALA B 541 -30.76 -11.89 -28.65
CA ALA B 541 -30.00 -11.87 -27.41
C ALA B 541 -30.64 -12.79 -26.37
N GLU B 542 -31.95 -12.66 -26.16
CA GLU B 542 -32.64 -13.27 -25.04
C GLU B 542 -33.58 -14.40 -25.44
N TRP B 543 -34.35 -14.23 -26.51
CA TRP B 543 -35.31 -15.26 -26.92
C TRP B 543 -34.63 -16.62 -27.05
N PHE B 544 -35.30 -17.65 -26.51
CA PHE B 544 -34.75 -18.99 -26.50
C PHE B 544 -34.60 -19.55 -27.92
N GLU B 545 -33.63 -20.43 -28.08
CA GLU B 545 -33.42 -21.10 -29.36
C GLU B 545 -34.57 -22.05 -29.65
N GLY C 11 30.62 -42.57 22.77
CA GLY C 11 31.62 -41.80 22.07
C GLY C 11 31.10 -40.46 21.58
N GLU C 12 30.60 -39.65 22.50
CA GLU C 12 30.03 -38.36 22.16
C GLU C 12 31.06 -37.25 22.38
N ARG C 13 31.14 -36.34 21.41
CA ARG C 13 32.06 -35.21 21.48
C ARG C 13 31.59 -34.20 20.43
N VAL C 14 31.20 -33.02 20.89
CA VAL C 14 30.59 -32.01 20.04
C VAL C 14 31.65 -31.04 19.58
N GLY C 15 31.83 -30.93 18.27
CA GLY C 15 32.71 -29.93 17.71
C GLY C 15 32.02 -28.59 17.57
N ILE C 16 32.52 -27.58 18.29
CA ILE C 16 31.96 -26.23 18.27
C ILE C 16 32.86 -25.36 17.39
N LEU C 17 32.31 -24.83 16.31
CA LEU C 17 33.07 -24.05 15.34
C LEU C 17 32.89 -22.57 15.65
N GLY C 18 33.98 -21.93 16.07
CA GLY C 18 33.96 -20.51 16.38
C GLY C 18 33.93 -20.24 17.87
N ALA C 19 34.92 -19.51 18.37
CA ALA C 19 35.00 -19.14 19.77
C ALA C 19 34.40 -17.76 20.05
N GLY C 20 33.36 -17.38 19.33
CA GLY C 20 32.57 -16.22 19.69
C GLY C 20 31.65 -16.53 20.86
N ILE C 21 30.75 -15.58 21.14
CA ILE C 21 29.89 -15.75 22.32
C ILE C 21 28.93 -16.91 22.11
N GLY C 22 28.50 -17.16 20.88
CA GLY C 22 27.62 -18.29 20.63
C GLY C 22 28.30 -19.63 20.88
N GLY C 23 29.55 -19.76 20.43
CA GLY C 23 30.26 -21.01 20.65
C GLY C 23 30.69 -21.18 22.08
N LEU C 24 31.08 -20.07 22.73
CA LEU C 24 31.42 -20.13 24.15
C LEU C 24 30.18 -20.47 24.99
N TYR C 25 29.03 -19.91 24.63
CA TYR C 25 27.80 -20.23 25.35
C TYR C 25 27.40 -21.68 25.15
N SER C 26 27.53 -22.19 23.92
CA SER C 26 27.27 -23.60 23.66
C SER C 26 28.17 -24.47 24.53
N ALA C 27 29.47 -24.14 24.58
CA ALA C 27 30.39 -24.89 25.41
C ALA C 27 30.01 -24.81 26.89
N LEU C 28 29.56 -23.63 27.33
CA LEU C 28 29.15 -23.47 28.71
C LEU C 28 27.97 -24.36 29.05
N ILE C 29 27.00 -24.46 28.14
CA ILE C 29 25.86 -25.35 28.36
C ILE C 29 26.31 -26.80 28.38
N LEU C 30 27.12 -27.20 27.40
CA LEU C 30 27.53 -28.59 27.31
C LEU C 30 28.34 -29.01 28.53
N GLN C 31 29.20 -28.13 29.03
CA GLN C 31 30.00 -28.48 30.20
C GLN C 31 29.11 -28.66 31.42
N SER C 32 28.11 -27.79 31.59
CA SER C 32 27.17 -27.93 32.69
C SER C 32 26.40 -29.24 32.62
N LEU C 33 26.34 -29.85 31.45
CA LEU C 33 25.65 -31.13 31.25
C LEU C 33 26.63 -32.29 31.09
N ASP C 34 27.93 -32.04 31.26
CA ASP C 34 28.95 -33.09 31.19
C ASP C 34 28.98 -33.75 29.81
N VAL C 35 28.91 -32.94 28.76
CA VAL C 35 28.99 -33.38 27.37
C VAL C 35 30.36 -32.96 26.84
N PRO C 36 31.20 -33.88 26.40
CA PRO C 36 32.49 -33.47 25.84
C PRO C 36 32.32 -32.55 24.63
N PHE C 37 33.25 -31.60 24.50
CA PHE C 37 33.21 -30.66 23.38
C PHE C 37 34.63 -30.22 23.07
N GLU C 38 34.80 -29.58 21.92
CA GLU C 38 36.05 -28.95 21.54
C GLU C 38 35.73 -27.76 20.66
N ILE C 39 36.34 -26.62 20.94
CA ILE C 39 36.10 -25.38 20.21
C ILE C 39 37.22 -25.18 19.22
N ILE C 40 36.87 -24.98 17.95
CA ILE C 40 37.82 -24.68 16.88
C ILE C 40 37.64 -23.22 16.50
N GLU C 41 38.72 -22.46 16.54
CA GLU C 41 38.71 -21.03 16.29
C GLU C 41 39.75 -20.70 15.23
N ALA C 42 39.36 -19.88 14.25
CA ALA C 42 40.27 -19.55 13.16
C ALA C 42 41.35 -18.58 13.60
N SER C 43 41.01 -17.64 14.48
CA SER C 43 41.92 -16.57 14.83
C SER C 43 42.73 -16.95 16.07
N ASN C 44 43.49 -15.99 16.59
CA ASN C 44 44.28 -16.19 17.80
C ASN C 44 43.58 -15.65 19.03
N ARG C 45 42.31 -15.28 18.92
CA ARG C 45 41.57 -14.66 20.01
C ARG C 45 40.18 -15.27 20.12
N VAL C 46 39.60 -15.15 21.30
CA VAL C 46 38.21 -15.53 21.54
C VAL C 46 37.39 -14.26 21.69
N GLY C 47 36.08 -14.39 21.43
CA GLY C 47 35.13 -13.30 21.59
C GLY C 47 34.45 -12.91 20.30
N GLY C 48 35.11 -13.12 19.16
CA GLY C 48 34.49 -12.82 17.88
C GLY C 48 34.12 -11.35 17.79
N ARG C 49 32.84 -11.09 17.54
CA ARG C 49 32.34 -9.73 17.39
C ARG C 49 32.15 -9.00 18.73
N LEU C 50 32.55 -9.62 19.84
CA LEU C 50 32.84 -8.89 21.06
C LEU C 50 34.33 -8.57 21.00
N PHE C 51 34.64 -7.33 20.62
CA PHE C 51 36.00 -6.93 20.26
C PHE C 51 36.26 -5.58 20.89
N THR C 52 37.10 -5.56 21.92
CA THR C 52 37.44 -4.34 22.64
C THR C 52 38.82 -3.89 22.20
N HIS C 53 38.93 -2.67 21.69
CA HIS C 53 40.21 -2.10 21.33
C HIS C 53 40.67 -1.17 22.43
N LYS C 54 41.86 -1.43 22.96
CA LYS C 54 42.47 -0.60 23.97
C LYS C 54 43.54 0.25 23.31
N PHE C 55 43.47 1.57 23.49
CA PHE C 55 44.54 2.44 23.00
C PHE C 55 45.71 2.36 23.96
N PRO C 56 46.91 1.99 23.51
CA PRO C 56 48.03 1.90 24.46
C PRO C 56 48.43 3.24 25.06
N ASN C 57 48.31 4.35 24.33
CA ASN C 57 48.71 5.65 24.85
C ASN C 57 47.66 6.26 25.78
N GLY C 58 46.62 5.52 26.12
CA GLY C 58 45.55 6.00 26.96
C GLY C 58 45.55 5.40 28.37
N GLY C 59 44.54 5.83 29.12
CA GLY C 59 44.34 5.37 30.48
C GLY C 59 43.47 4.12 30.56
N LYS C 60 43.07 3.79 31.79
CA LYS C 60 42.34 2.57 32.05
C LYS C 60 41.06 2.48 31.22
N TYR C 61 40.34 3.60 31.07
CA TYR C 61 39.08 3.62 30.34
C TYR C 61 39.24 4.17 28.93
N ASP C 62 40.48 4.19 28.41
CA ASP C 62 40.72 4.59 27.02
C ASP C 62 40.70 3.36 26.11
N TYR C 63 39.52 2.75 26.06
CA TYR C 63 39.20 1.68 25.13
C TYR C 63 37.85 1.99 24.51
N TYR C 64 37.52 1.27 23.44
CA TYR C 64 36.17 1.29 22.91
C TYR C 64 35.84 -0.08 22.35
N ASP C 65 34.56 -0.40 22.31
CA ASP C 65 34.08 -1.68 21.83
C ASP C 65 33.79 -1.57 20.34
N VAL C 66 34.53 -2.34 19.54
CA VAL C 66 34.37 -2.31 18.09
C VAL C 66 33.10 -3.02 17.67
N GLY C 67 32.65 -3.99 18.47
CA GLY C 67 31.39 -4.66 18.22
C GLY C 67 30.37 -4.37 19.30
N ALA C 68 29.94 -5.40 20.03
CA ALA C 68 28.92 -5.20 21.05
C ALA C 68 29.42 -4.27 22.16
N MET C 69 28.56 -3.34 22.57
CA MET C 69 28.92 -2.33 23.56
C MET C 69 27.80 -1.96 24.53
N ARG C 70 26.55 -2.33 24.27
CA ARG C 70 25.43 -1.89 25.11
C ARG C 70 24.40 -2.99 25.20
N TYR C 71 23.81 -3.15 26.38
CA TYR C 71 22.90 -4.27 26.66
C TYR C 71 21.64 -3.77 27.34
N PRO C 72 20.49 -3.74 26.65
CA PRO C 72 19.23 -3.30 27.30
C PRO C 72 18.59 -4.42 28.11
N LEU C 73 19.09 -4.63 29.31
CA LEU C 73 18.68 -5.76 30.13
C LEU C 73 17.39 -5.44 30.87
N PRO C 74 16.69 -6.46 31.35
CA PRO C 74 15.56 -6.22 32.26
C PRO C 74 16.07 -5.73 33.60
N LYS C 75 15.14 -5.20 34.39
CA LYS C 75 15.49 -4.82 35.76
C LYS C 75 15.99 -6.04 36.52
N SER C 76 16.87 -5.78 37.50
CA SER C 76 17.47 -6.84 38.29
C SER C 76 17.67 -6.32 39.71
N ASP C 77 17.77 -7.25 40.65
CA ASP C 77 18.08 -6.90 42.03
C ASP C 77 19.60 -6.92 42.23
N ASP C 78 20.03 -6.69 43.46
CA ASP C 78 21.46 -6.65 43.77
C ASP C 78 22.12 -8.02 43.62
N LYS C 79 21.34 -9.10 43.65
CA LYS C 79 21.88 -10.45 43.59
C LYS C 79 22.03 -10.95 42.15
N GLY C 80 21.59 -10.18 41.17
CA GLY C 80 21.66 -10.61 39.78
C GLY C 80 20.47 -11.40 39.30
N ASN C 81 19.34 -11.34 40.00
CA ASN C 81 18.10 -11.94 39.54
C ASN C 81 17.40 -10.97 38.61
N TYR C 82 17.07 -11.42 37.41
CA TYR C 82 16.48 -10.57 36.39
C TYR C 82 14.99 -10.85 36.22
N GLN C 83 14.22 -9.77 36.02
CA GLN C 83 12.84 -9.91 35.63
C GLN C 83 12.76 -10.47 34.21
N PRO C 84 11.62 -11.05 33.83
CA PRO C 84 11.46 -11.50 32.45
C PRO C 84 11.66 -10.35 31.46
N GLY C 85 12.20 -10.68 30.30
CA GLY C 85 12.46 -9.66 29.30
C GLY C 85 13.22 -10.22 28.12
N VAL C 86 13.30 -9.39 27.09
CA VAL C 86 13.94 -9.78 25.83
C VAL C 86 15.37 -10.24 26.08
N MET C 87 16.08 -9.60 27.01
CA MET C 87 17.49 -9.84 27.24
C MET C 87 17.75 -10.54 28.57
N GLN C 88 16.74 -11.17 29.15
CA GLN C 88 16.94 -11.86 30.42
C GLN C 88 18.03 -12.91 30.31
N ARG C 89 18.08 -13.63 29.19
CA ARG C 89 19.09 -14.68 29.01
C ARG C 89 20.49 -14.10 29.11
N VAL C 90 20.69 -12.88 28.60
CA VAL C 90 21.99 -12.22 28.72
C VAL C 90 22.28 -11.88 30.17
N GLY C 91 21.30 -11.30 30.87
CA GLY C 91 21.50 -10.97 32.26
C GLY C 91 21.82 -12.20 33.11
N GLN C 92 21.13 -13.30 32.84
CA GLN C 92 21.38 -14.53 33.59
C GLN C 92 22.78 -15.07 33.32
N LEU C 93 23.27 -14.93 32.10
CA LEU C 93 24.64 -15.35 31.80
C LEU C 93 25.63 -14.57 32.65
N PHE C 94 25.45 -13.25 32.74
CA PHE C 94 26.31 -12.42 33.58
C PHE C 94 26.32 -12.93 35.01
N THR C 95 25.13 -13.14 35.59
CA THR C 95 25.05 -13.63 36.96
C THR C 95 25.69 -15.00 37.09
N TYR C 96 25.43 -15.89 36.13
CA TYR C 96 26.04 -17.22 36.16
C TYR C 96 27.56 -17.13 36.28
N LEU C 97 28.17 -16.13 35.63
CA LEU C 97 29.62 -15.96 35.63
C LEU C 97 30.11 -15.07 36.75
N GLY C 98 29.23 -14.59 37.62
CA GLY C 98 29.64 -13.72 38.71
C GLY C 98 30.02 -12.31 38.27
N MET C 99 29.45 -11.83 37.17
CA MET C 99 29.82 -10.55 36.59
C MET C 99 28.84 -9.44 36.92
N HIS C 100 27.84 -9.69 37.76
CA HIS C 100 26.79 -8.70 37.97
C HIS C 100 27.37 -7.36 38.40
N LYS C 101 28.34 -7.37 39.32
CA LYS C 101 28.90 -6.11 39.79
C LYS C 101 29.81 -5.45 38.76
N GLN C 102 30.16 -6.17 37.70
CA GLN C 102 30.92 -5.60 36.59
C GLN C 102 30.01 -4.97 35.53
N LEU C 103 28.70 -5.05 35.71
CA LEU C 103 27.76 -4.38 34.81
C LEU C 103 27.56 -2.96 35.32
N ILE C 104 27.87 -1.98 34.47
CA ILE C 104 27.77 -0.58 34.85
C ILE C 104 26.75 0.09 33.93
N PRO C 105 26.22 1.24 34.34
CA PRO C 105 25.20 1.90 33.52
C PRO C 105 25.72 2.29 32.15
N TYR C 106 24.89 2.08 31.14
CA TYR C 106 25.10 2.63 29.80
C TYR C 106 24.04 3.70 29.57
N TYR C 107 24.49 4.90 29.26
CA TYR C 107 23.58 6.03 29.05
C TYR C 107 23.27 6.13 27.56
N PHE C 108 22.08 5.64 27.18
CA PHE C 108 21.66 5.76 25.79
C PHE C 108 21.47 7.22 25.40
N LYS C 109 20.92 8.02 26.31
CA LYS C 109 20.89 9.47 26.22
C LYS C 109 21.89 10.05 27.20
N SER C 110 22.34 11.27 26.93
CA SER C 110 23.31 11.91 27.81
C SER C 110 22.76 11.98 29.23
N ASN C 111 23.64 11.74 30.20
CA ASN C 111 23.27 11.82 31.60
C ASN C 111 23.24 13.25 32.12
N LYS C 112 23.66 14.22 31.29
CA LYS C 112 23.54 15.62 31.65
C LYS C 112 22.78 16.37 30.56
N SER C 113 23.44 17.26 29.83
CA SER C 113 22.74 17.97 28.77
C SER C 113 22.52 17.05 27.58
N PRO C 114 21.42 17.24 26.84
CA PRO C 114 21.12 16.32 25.73
C PRO C 114 22.18 16.38 24.64
N GLY C 115 22.32 15.27 23.91
CA GLY C 115 23.20 15.22 22.77
C GLY C 115 22.74 16.13 21.65
N PHE C 116 23.56 16.18 20.61
CA PHE C 116 23.32 17.08 19.49
C PHE C 116 22.65 16.35 18.33
N GLN C 117 21.86 17.11 17.56
CA GLN C 117 21.36 16.69 16.26
C GLN C 117 21.81 17.72 15.23
N TYR C 118 22.37 17.26 14.12
CA TYR C 118 22.82 18.16 13.06
C TYR C 118 22.33 17.59 11.72
N PHE C 119 21.25 18.17 11.20
CA PHE C 119 20.62 17.73 9.96
C PHE C 119 20.32 18.93 9.08
N ASN C 120 20.61 18.80 7.79
CA ASN C 120 20.32 19.84 6.81
C ASN C 120 20.95 21.18 7.20
N GLY C 121 22.12 21.13 7.82
CA GLY C 121 22.82 22.33 8.25
C GLY C 121 22.24 23.00 9.48
N VAL C 122 21.23 22.41 10.11
CA VAL C 122 20.60 22.96 11.31
C VAL C 122 21.06 22.16 12.51
N ARG C 123 21.56 22.85 13.53
CA ARG C 123 22.06 22.24 14.75
C ARG C 123 21.09 22.50 15.90
N ALA C 124 20.87 21.48 16.72
CA ALA C 124 19.99 21.61 17.87
C ALA C 124 20.28 20.49 18.85
N ARG C 125 19.78 20.66 20.07
CA ARG C 125 19.86 19.63 21.09
C ARG C 125 18.70 18.65 20.93
N ILE C 126 18.95 17.39 21.28
CA ILE C 126 17.88 16.41 21.33
C ILE C 126 16.81 16.92 22.28
N GLY C 127 15.56 16.94 21.82
CA GLY C 127 14.44 17.35 22.63
C GLY C 127 14.02 18.80 22.45
N GLU C 128 14.76 19.60 21.68
CA GLU C 128 14.41 20.99 21.49
C GLU C 128 13.32 21.21 20.45
N GLY C 129 12.86 20.15 19.79
CA GLY C 129 11.74 20.28 18.87
C GLY C 129 12.07 20.96 17.56
N SER C 130 13.34 20.94 17.14
CA SER C 130 13.70 21.53 15.87
C SER C 130 13.11 20.73 14.72
N SER C 131 12.83 21.43 13.61
CA SER C 131 12.38 20.79 12.38
C SER C 131 13.51 20.55 11.39
N PHE C 132 14.70 21.10 11.64
CA PHE C 132 15.85 20.89 10.76
C PHE C 132 15.50 21.23 9.32
N ASP C 133 14.81 22.36 9.13
CA ASP C 133 14.48 22.88 7.81
C ASP C 133 13.58 21.94 7.03
N ALA C 134 12.87 21.04 7.73
CA ALA C 134 11.99 20.11 7.06
C ALA C 134 10.96 20.77 6.15
N PRO C 135 10.40 21.94 6.48
CA PRO C 135 9.48 22.58 5.51
C PRO C 135 10.09 22.78 4.14
N ALA C 136 11.34 23.23 4.07
CA ALA C 136 11.99 23.42 2.77
C ALA C 136 12.16 22.09 2.04
N LEU C 137 12.21 20.99 2.76
CA LEU C 137 12.32 19.67 2.16
C LEU C 137 10.98 19.16 1.64
N GLY C 138 9.88 19.87 1.89
CA GLY C 138 8.58 19.45 1.43
C GLY C 138 7.76 18.66 2.43
N ILE C 139 8.14 18.68 3.70
CA ILE C 139 7.40 18.00 4.75
C ILE C 139 6.40 18.99 5.35
N ASN C 140 5.11 18.70 5.22
CA ASN C 140 4.11 19.66 5.67
C ASN C 140 4.09 19.75 7.19
N SER C 141 3.44 20.81 7.69
CA SER C 141 3.48 21.10 9.11
C SER C 141 2.80 20.03 9.95
N SER C 142 1.80 19.34 9.39
CA SER C 142 1.09 18.32 10.15
C SER C 142 2.02 17.16 10.51
N LEU C 143 2.76 16.65 9.53
CA LEU C 143 3.70 15.58 9.79
C LEU C 143 4.78 16.01 10.77
N ILE C 144 5.27 17.24 10.62
CA ILE C 144 6.33 17.74 11.50
C ILE C 144 5.84 17.78 12.95
N ASP C 145 4.62 18.27 13.16
CA ASP C 145 4.10 18.38 14.52
C ASP C 145 4.01 17.01 15.18
N ILE C 146 3.57 15.99 14.44
CA ILE C 146 3.52 14.64 14.98
C ILE C 146 4.93 14.15 15.29
N GLY C 147 5.83 14.27 14.32
CA GLY C 147 7.21 13.89 14.53
C GLY C 147 7.50 12.49 14.00
N VAL C 148 8.77 12.26 13.65
CA VAL C 148 9.16 10.98 13.06
C VAL C 148 8.93 9.84 14.06
N THR C 149 9.31 10.04 15.32
CA THR C 149 9.21 8.97 16.29
C THR C 149 7.79 8.46 16.42
N LYS C 150 6.83 9.37 16.59
CA LYS C 150 5.45 8.97 16.78
C LYS C 150 4.90 8.27 15.54
N ILE C 151 5.26 8.77 14.36
CA ILE C 151 4.77 8.16 13.12
C ILE C 151 5.31 6.73 13.00
N VAL C 152 6.63 6.56 13.17
CA VAL C 152 7.21 5.23 13.02
C VAL C 152 6.61 4.27 14.02
N ASN C 153 6.45 4.70 15.28
N ASN C 153 6.45 4.70 15.28
CA ASN C 153 5.87 3.84 16.30
CA ASN C 153 5.87 3.84 16.30
C ASN C 153 4.47 3.39 15.90
C ASN C 153 4.47 3.39 15.90
N ASP C 154 3.67 4.32 15.36
CA ASP C 154 2.30 3.97 14.98
C ASP C 154 2.26 2.85 13.95
N ALA C 155 3.25 2.82 13.04
CA ALA C 155 3.31 1.76 12.04
C ALA C 155 3.92 0.48 12.60
N VAL C 156 4.94 0.62 13.44
CA VAL C 156 5.65 -0.54 13.95
C VAL C 156 4.99 -1.12 15.19
N GLY C 157 4.37 -0.26 16.01
CA GLY C 157 3.78 -0.66 17.27
C GLY C 157 2.93 -1.91 17.23
N PRO C 158 1.92 -1.94 16.35
CA PRO C 158 1.05 -3.13 16.30
C PRO C 158 1.80 -4.43 16.12
N PHE C 159 2.75 -4.48 15.18
CA PHE C 159 3.53 -5.71 14.99
C PHE C 159 4.38 -6.00 16.22
N ALA C 160 5.06 -4.97 16.75
CA ALA C 160 5.97 -5.20 17.87
C ALA C 160 5.22 -5.65 19.11
N GLN C 161 4.05 -5.07 19.37
CA GLN C 161 3.28 -5.48 20.55
C GLN C 161 2.81 -6.92 20.42
N ALA C 162 2.43 -7.35 19.22
CA ALA C 162 1.99 -8.72 19.02
C ALA C 162 3.13 -9.70 19.26
N LEU C 163 4.36 -9.33 18.85
CA LEU C 163 5.49 -10.20 19.11
C LEU C 163 5.84 -10.24 20.59
N PHE C 164 5.72 -9.10 21.28
CA PHE C 164 5.95 -9.10 22.72
C PHE C 164 4.92 -9.98 23.43
N ASP C 165 3.67 -9.93 22.97
CA ASP C 165 2.65 -10.81 23.55
C ASP C 165 3.01 -12.27 23.34
N ASP C 166 3.58 -12.61 22.18
CA ASP C 166 4.09 -13.96 21.96
C ASP C 166 5.05 -14.37 23.08
N LEU C 167 6.04 -13.51 23.34
CA LEU C 167 7.05 -13.84 24.36
C LEU C 167 6.41 -13.96 25.74
N GLN C 168 5.46 -13.09 26.05
CA GLN C 168 4.91 -13.02 27.39
C GLN C 168 3.82 -14.07 27.63
N LYS C 169 2.97 -14.31 26.62
CA LYS C 169 1.87 -15.25 26.74
C LYS C 169 2.21 -16.63 26.18
N HIS C 170 3.40 -16.82 25.64
CA HIS C 170 3.84 -18.09 25.07
C HIS C 170 2.95 -18.49 23.88
N THR C 171 2.92 -17.62 22.88
CA THR C 171 2.19 -17.86 21.65
C THR C 171 3.09 -17.56 20.46
N THR C 172 2.60 -17.89 19.26
CA THR C 172 3.31 -17.60 18.02
C THR C 172 2.41 -16.87 17.01
N THR C 173 1.21 -16.47 17.40
CA THR C 173 0.33 -15.77 16.46
C THR C 173 0.94 -14.44 16.04
N GLY C 174 1.62 -13.75 16.94
CA GLY C 174 2.26 -12.51 16.58
C GLY C 174 3.30 -12.68 15.49
N TRP C 175 4.05 -13.79 15.56
CA TRP C 175 5.03 -14.08 14.51
C TRP C 175 4.34 -14.47 13.22
N ASP C 176 3.27 -15.27 13.29
CA ASP C 176 2.53 -15.63 12.10
C ASP C 176 2.04 -14.38 11.36
N ASP C 177 1.55 -13.39 12.10
CA ASP C 177 1.07 -12.17 11.46
C ASP C 177 2.22 -11.36 10.89
N MET C 178 3.34 -11.29 11.62
CA MET C 178 4.53 -10.63 11.09
C MET C 178 4.98 -11.29 9.79
N MET C 179 4.98 -12.62 9.74
CA MET C 179 5.39 -13.32 8.53
C MET C 179 4.42 -13.08 7.38
N LYS C 180 3.13 -12.87 7.65
CA LYS C 180 2.24 -12.51 6.56
C LYS C 180 2.64 -11.19 5.91
N ASN C 181 3.41 -10.36 6.62
CA ASN C 181 3.86 -9.07 6.12
C ASN C 181 5.36 -9.04 5.86
N ASP C 182 6.03 -10.19 5.86
CA ASP C 182 7.49 -10.21 5.76
C ASP C 182 7.98 -9.86 4.36
N ALA C 183 7.13 -9.98 3.34
CA ALA C 183 7.53 -9.57 2.00
C ALA C 183 7.68 -8.06 1.88
N TYR C 184 7.20 -7.30 2.85
CA TYR C 184 7.35 -5.86 2.86
C TYR C 184 8.74 -5.46 3.37
N SER C 185 9.37 -4.52 2.70
CA SER C 185 10.37 -3.69 3.34
C SER C 185 9.67 -2.63 4.18
N THR C 186 10.43 -1.97 5.05
CA THR C 186 9.84 -0.85 5.78
C THR C 186 9.31 0.21 4.81
N ARG C 187 10.06 0.49 3.75
CA ARG C 187 9.63 1.47 2.76
C ARG C 187 8.37 1.01 2.05
N SER C 188 8.37 -0.23 1.54
CA SER C 188 7.22 -0.70 0.78
C SER C 188 5.99 -0.83 1.67
N TYR C 189 6.18 -1.03 2.98
CA TYR C 189 5.04 -1.00 3.89
C TYR C 189 4.44 0.40 3.96
N PHE C 190 5.29 1.42 4.09
CA PHE C 190 4.81 2.80 4.12
C PHE C 190 4.21 3.21 2.78
N SER C 191 4.78 2.73 1.67
CA SER C 191 4.38 3.21 0.36
C SER C 191 3.08 2.59 -0.13
N PHE C 192 2.77 1.34 0.29
CA PHE C 192 1.69 0.61 -0.35
C PHE C 192 0.60 0.08 0.60
N LYS C 193 0.78 0.14 1.92
CA LYS C 193 -0.23 -0.41 2.80
C LYS C 193 -0.54 0.53 3.96
N TYR C 194 0.51 0.94 4.68
CA TYR C 194 0.30 1.73 5.88
C TYR C 194 -0.47 3.00 5.55
N LEU C 195 -1.48 3.28 6.37
CA LEU C 195 -2.19 4.54 6.36
C LEU C 195 -2.18 5.10 7.78
N PRO C 196 -1.95 6.40 7.95
CA PRO C 196 -1.76 6.93 9.30
C PRO C 196 -3.00 6.73 10.17
N SER C 197 -2.77 6.47 11.45
CA SER C 197 -3.86 6.26 12.38
C SER C 197 -4.86 7.41 12.27
N PRO C 198 -6.16 7.15 12.43
CA PRO C 198 -7.15 8.24 12.31
C PRO C 198 -6.92 9.39 13.28
N SER C 199 -6.32 9.12 14.44
CA SER C 199 -6.10 10.18 15.43
C SER C 199 -5.08 11.21 14.95
N PHE C 200 -4.25 10.87 13.97
CA PHE C 200 -3.28 11.85 13.47
C PHE C 200 -3.94 12.94 12.63
N GLY C 201 -5.17 12.73 12.17
CA GLY C 201 -5.82 13.72 11.33
C GLY C 201 -5.13 13.96 10.01
N LEU C 202 -4.37 12.97 9.52
CA LEU C 202 -3.69 13.10 8.25
C LEU C 202 -4.54 12.56 7.11
N PRO C 203 -4.20 12.91 5.88
CA PRO C 203 -4.92 12.33 4.73
C PRO C 203 -4.83 10.82 4.71
N SER C 204 -5.91 10.19 4.25
CA SER C 204 -5.96 8.74 4.12
C SER C 204 -5.25 8.32 2.83
N GLU C 205 -3.94 8.58 2.81
CA GLU C 205 -3.11 8.26 1.66
C GLU C 205 -1.74 7.82 2.15
N HIS C 206 -1.14 6.90 1.41
CA HIS C 206 0.18 6.40 1.77
C HIS C 206 1.21 7.52 1.66
N PHE C 207 2.22 7.46 2.52
CA PHE C 207 3.24 8.50 2.52
C PHE C 207 4.00 8.49 1.20
N SER C 208 4.41 9.69 0.78
CA SER C 208 5.25 9.83 -0.39
C SER C 208 6.68 9.41 -0.07
N THR C 209 7.45 9.15 -1.12
CA THR C 209 8.85 8.80 -0.94
C THR C 209 9.60 9.88 -0.17
N ARG C 210 9.29 11.15 -0.45
CA ARG C 210 9.95 12.25 0.25
C ARG C 210 9.73 12.14 1.76
N VAL C 211 8.49 11.87 2.17
CA VAL C 211 8.18 11.74 3.59
C VAL C 211 8.83 10.49 4.16
N ILE C 212 8.80 9.38 3.42
CA ILE C 212 9.39 8.14 3.92
C ILE C 212 10.89 8.30 4.11
N ASN C 213 11.56 8.97 3.17
CA ASN C 213 13.00 9.21 3.32
C ASN C 213 13.28 10.15 4.50
N TRP C 214 12.35 11.05 4.80
CA TRP C 214 12.46 11.87 6.00
C TRP C 214 12.41 11.02 7.25
N LEU C 215 11.49 10.04 7.30
CA LEU C 215 11.44 9.12 8.43
C LEU C 215 12.76 8.38 8.58
N GLU C 216 13.27 7.77 7.50
CA GLU C 216 14.50 7.00 7.59
C GLU C 216 15.66 7.86 8.08
N THR C 217 15.71 9.12 7.63
CA THR C 217 16.83 10.00 7.98
C THR C 217 16.99 10.13 9.48
N PHE C 218 15.88 10.34 10.20
CA PHE C 218 15.91 10.53 11.63
C PHE C 218 15.66 9.26 12.42
N ASP C 219 15.10 8.23 11.81
CA ASP C 219 14.75 7.00 12.52
C ASP C 219 15.90 6.01 12.54
N LYS C 220 16.57 5.82 11.39
CA LYS C 220 17.62 4.81 11.32
C LYS C 220 18.81 5.31 10.51
N SER C 221 19.21 4.55 9.50
CA SER C 221 20.40 4.83 8.72
C SER C 221 20.04 4.77 7.24
N THR C 222 20.93 5.32 6.41
CA THR C 222 20.67 5.40 4.99
C THR C 222 20.57 4.01 4.38
N GLY C 223 19.39 3.67 3.87
CA GLY C 223 19.14 2.38 3.27
C GLY C 223 18.48 1.38 4.20
N TRP C 224 18.33 1.70 5.48
CA TRP C 224 17.70 0.77 6.42
C TRP C 224 16.33 0.33 5.94
N TYR C 225 15.53 1.28 5.44
CA TYR C 225 14.14 0.98 5.14
C TYR C 225 13.96 0.06 3.93
N ASP C 226 15.01 -0.17 3.13
CA ASP C 226 14.90 -1.10 2.01
C ASP C 226 15.11 -2.54 2.44
N ARG C 227 15.49 -2.78 3.68
CA ARG C 227 15.56 -4.13 4.22
C ARG C 227 14.21 -4.48 4.84
N GLY C 228 14.14 -5.67 5.45
CA GLY C 228 12.85 -6.21 5.83
C GLY C 228 12.15 -5.36 6.88
N LEU C 229 10.85 -5.17 6.71
CA LEU C 229 10.03 -4.57 7.75
C LEU C 229 10.18 -5.34 9.06
N THR C 230 10.31 -6.67 8.98
CA THR C 230 10.40 -7.47 10.19
C THR C 230 11.61 -7.08 11.04
N GLU C 231 12.73 -6.76 10.39
CA GLU C 231 13.91 -6.34 11.15
C GLU C 231 13.66 -5.03 11.89
N THR C 232 12.92 -4.10 11.26
CA THR C 232 12.56 -2.87 11.94
C THR C 232 11.72 -3.16 13.17
N VAL C 233 10.74 -4.06 13.04
CA VAL C 233 9.90 -4.43 14.18
C VAL C 233 10.73 -5.10 15.27
N LEU C 234 11.59 -6.04 14.89
CA LEU C 234 12.35 -6.79 15.88
C LEU C 234 13.35 -5.89 16.61
N GLU C 235 13.89 -4.88 15.93
CA GLU C 235 14.82 -3.96 16.58
C GLU C 235 14.10 -3.11 17.62
N ALA C 236 12.88 -2.68 17.32
CA ALA C 236 12.11 -1.93 18.29
C ALA C 236 11.86 -2.75 19.55
N ILE C 237 11.62 -4.05 19.40
CA ILE C 237 11.44 -4.90 20.57
C ILE C 237 12.72 -4.98 21.37
N ALA C 238 13.86 -5.16 20.70
CA ALA C 238 15.12 -5.30 21.41
C ALA C 238 15.49 -4.03 22.18
N PHE C 239 15.17 -2.85 21.62
CA PHE C 239 15.50 -1.60 22.28
C PHE C 239 14.53 -1.24 23.41
N GLY C 240 13.52 -2.07 23.67
CA GLY C 240 12.63 -1.82 24.79
C GLY C 240 11.58 -0.77 24.57
N GLU C 241 11.16 -0.55 23.32
CA GLU C 241 10.17 0.47 23.03
C GLU C 241 8.74 -0.02 23.27
N VAL C 242 8.50 -1.32 23.22
CA VAL C 242 7.19 -1.89 23.49
C VAL C 242 7.30 -2.82 24.69
N GLY C 243 6.21 -2.94 25.44
CA GLY C 243 6.17 -3.81 26.60
C GLY C 243 5.83 -3.07 27.87
N ASP C 244 5.25 -3.79 28.84
CA ASP C 244 4.90 -3.19 30.12
C ASP C 244 6.09 -2.95 31.02
N GLY C 245 7.28 -3.43 30.63
CA GLY C 245 8.46 -3.35 31.45
C GLY C 245 9.47 -2.35 30.88
N GLU C 246 10.30 -1.82 31.77
CA GLU C 246 11.37 -0.89 31.40
C GLU C 246 12.69 -1.65 31.27
N VAL C 247 13.63 -1.05 30.57
CA VAL C 247 14.93 -1.66 30.33
C VAL C 247 15.98 -0.96 31.17
N ASP C 248 16.97 -1.72 31.59
CA ASP C 248 18.14 -1.22 32.30
C ASP C 248 19.33 -1.33 31.36
N TRP C 249 19.70 -0.20 30.74
CA TRP C 249 20.84 -0.17 29.82
C TRP C 249 22.13 -0.34 30.60
N ARG C 250 22.92 -1.35 30.23
CA ARG C 250 24.16 -1.64 30.93
C ARG C 250 25.29 -1.85 29.92
N CYS C 251 26.51 -1.61 30.35
CA CYS C 251 27.70 -2.04 29.62
C CYS C 251 28.64 -2.71 30.61
N ILE C 252 29.72 -3.30 30.09
CA ILE C 252 30.60 -4.15 30.88
C ILE C 252 31.84 -3.35 31.22
N ASP C 253 32.11 -3.19 32.52
CA ASP C 253 33.26 -2.43 32.98
C ASP C 253 34.54 -3.06 32.43
N GLY C 254 35.31 -2.27 31.69
CA GLY C 254 36.51 -2.76 31.02
C GLY C 254 36.30 -3.20 29.58
N GLY C 255 35.07 -3.21 29.09
CA GLY C 255 34.79 -3.56 27.72
C GLY C 255 34.13 -4.92 27.60
N SER C 256 33.44 -5.12 26.48
CA SER C 256 32.71 -6.36 26.27
C SER C 256 33.62 -7.57 26.20
N HIS C 257 34.92 -7.37 25.95
CA HIS C 257 35.84 -8.50 25.94
C HIS C 257 35.84 -9.25 27.27
N VAL C 258 35.47 -8.59 28.37
CA VAL C 258 35.48 -9.24 29.67
C VAL C 258 34.57 -10.45 29.68
N LEU C 259 33.44 -10.39 28.96
CA LEU C 259 32.49 -11.50 28.97
C LEU C 259 33.09 -12.77 28.39
N PRO C 260 33.53 -12.79 27.11
CA PRO C 260 34.13 -14.03 26.59
C PRO C 260 35.40 -14.44 27.32
N ASP C 261 36.20 -13.49 27.79
CA ASP C 261 37.38 -13.84 28.57
C ASP C 261 36.99 -14.54 29.86
N THR C 262 35.89 -14.11 30.48
CA THR C 262 35.45 -14.75 31.72
C THR C 262 34.89 -16.15 31.45
N ILE C 263 34.22 -16.33 30.32
CA ILE C 263 33.74 -17.66 29.96
C ILE C 263 34.91 -18.60 29.72
N ALA C 264 35.90 -18.15 28.94
CA ALA C 264 37.05 -18.99 28.66
C ALA C 264 37.75 -19.41 29.96
N ALA C 265 37.95 -18.46 30.88
CA ALA C 265 38.56 -18.79 32.15
C ALA C 265 37.71 -19.79 32.93
N PHE C 266 36.40 -19.65 32.85
CA PHE C 266 35.51 -20.60 33.52
C PHE C 266 35.66 -22.00 32.95
N LEU C 267 35.78 -22.12 31.63
CA LEU C 267 35.88 -23.43 30.99
C LEU C 267 37.23 -24.08 31.21
N HIS C 268 38.27 -23.27 31.44
CA HIS C 268 39.63 -23.77 31.62
C HIS C 268 39.93 -24.21 33.05
N LYS C 269 38.96 -24.21 33.95
CA LYS C 269 39.20 -24.62 35.33
C LYS C 269 39.73 -26.05 35.39
N ALA C 274 39.72 -26.42 26.57
CA ALA C 274 40.64 -26.79 25.50
C ALA C 274 40.15 -26.24 24.16
N PHE C 275 40.82 -25.17 23.71
CA PHE C 275 40.50 -24.51 22.45
C PHE C 275 41.54 -24.85 21.40
N VAL C 276 41.10 -25.10 20.17
CA VAL C 276 41.97 -25.27 19.03
C VAL C 276 41.99 -23.93 18.30
N MET C 277 43.04 -23.15 18.54
CA MET C 277 43.16 -21.80 17.99
C MET C 277 43.92 -21.83 16.67
N ASN C 278 43.76 -20.75 15.90
CA ASN C 278 44.51 -20.57 14.66
C ASN C 278 44.29 -21.75 13.70
N ALA C 279 43.06 -22.23 13.64
CA ALA C 279 42.69 -23.37 12.80
C ALA C 279 41.41 -23.02 12.07
N SER C 280 41.56 -22.43 10.88
CA SER C 280 40.40 -22.03 10.09
CA SER C 280 40.40 -22.02 10.08
C SER C 280 39.73 -23.26 9.48
N VAL C 281 38.42 -23.34 9.65
CA VAL C 281 37.66 -24.46 9.09
C VAL C 281 37.55 -24.29 7.59
N THR C 282 37.90 -25.33 6.84
CA THR C 282 37.79 -25.33 5.39
C THR C 282 36.81 -26.35 4.85
N ALA C 283 36.39 -27.33 5.64
CA ALA C 283 35.45 -28.34 5.19
C ALA C 283 34.70 -28.92 6.37
N ILE C 284 33.42 -29.21 6.17
CA ILE C 284 32.56 -29.84 7.17
C ILE C 284 31.70 -30.87 6.46
N GLY C 285 31.72 -32.11 6.94
CA GLY C 285 30.89 -33.13 6.34
C GLY C 285 31.00 -34.44 7.07
N LEU C 286 30.06 -35.33 6.77
CA LEU C 286 30.09 -36.68 7.28
C LEU C 286 31.26 -37.44 6.68
N GLU C 287 31.94 -38.23 7.51
CA GLU C 287 33.03 -39.06 7.00
C GLU C 287 32.54 -39.99 5.90
N ASN C 288 31.38 -40.63 6.12
CA ASN C 288 30.74 -41.47 5.11
C ASN C 288 29.25 -41.14 5.13
N PRO C 289 28.77 -40.33 4.19
CA PRO C 289 27.35 -39.93 4.23
C PRO C 289 26.38 -41.08 4.06
N ASN C 290 26.85 -42.27 3.69
CA ASN C 290 25.98 -43.43 3.51
C ASN C 290 25.83 -44.27 4.76
N LYS C 291 26.71 -44.11 5.74
CA LYS C 291 26.63 -44.85 6.99
C LYS C 291 25.79 -44.06 8.00
N GLU C 292 24.83 -44.74 8.62
CA GLU C 292 23.94 -44.07 9.56
C GLU C 292 24.68 -43.59 10.80
N ASP C 293 25.69 -44.32 11.24
CA ASP C 293 26.47 -43.95 12.42
C ASP C 293 27.72 -43.15 12.09
N SER C 294 27.78 -42.57 10.89
CA SER C 294 28.98 -41.86 10.47
C SER C 294 29.24 -40.67 11.39
N PRO C 295 30.49 -40.46 11.82
CA PRO C 295 30.82 -39.25 12.56
C PRO C 295 30.96 -38.05 11.62
N MET C 296 31.00 -36.87 12.23
CA MET C 296 31.30 -35.66 11.48
C MET C 296 32.80 -35.49 11.38
N VAL C 297 33.23 -34.89 10.27
CA VAL C 297 34.64 -34.57 10.03
C VAL C 297 34.74 -33.08 9.80
N VAL C 298 35.61 -32.41 10.55
CA VAL C 298 35.90 -31.00 10.37
C VAL C 298 37.37 -30.90 9.98
N VAL C 299 37.62 -30.26 8.84
CA VAL C 299 38.97 -29.95 8.40
C VAL C 299 39.28 -28.53 8.82
N ALA C 300 40.28 -28.35 9.67
CA ALA C 300 40.67 -27.04 10.15
C ALA C 300 42.18 -27.00 10.25
N GLY C 301 42.80 -25.97 9.69
CA GLY C 301 44.25 -25.90 9.65
C GLY C 301 44.89 -27.08 8.97
N GLY C 302 44.24 -27.65 7.96
CA GLY C 302 44.80 -28.80 7.26
C GLY C 302 44.74 -30.11 8.01
N GLN C 303 44.01 -30.17 9.12
CA GLN C 303 43.91 -31.37 9.94
C GLN C 303 42.46 -31.82 10.02
N LYS C 304 42.24 -33.12 9.95
CA LYS C 304 40.91 -33.70 10.09
C LYS C 304 40.62 -33.99 11.55
N ARG C 305 39.49 -33.48 12.04
CA ARG C 305 39.04 -33.71 13.40
C ARG C 305 37.64 -34.31 13.36
N LYS C 306 37.45 -35.40 14.11
CA LYS C 306 36.19 -36.13 14.10
C LYS C 306 35.37 -35.79 15.32
N TYR C 307 34.06 -35.63 15.11
CA TYR C 307 33.12 -35.33 16.18
C TYR C 307 31.84 -36.11 15.92
N SER C 308 31.10 -36.39 16.99
CA SER C 308 29.80 -37.03 16.84
C SER C 308 28.79 -36.05 16.23
N HIS C 309 28.75 -34.84 16.77
CA HIS C 309 27.93 -33.76 16.24
C HIS C 309 28.77 -32.50 16.16
N VAL C 310 28.34 -31.57 15.32
CA VAL C 310 29.02 -30.29 15.14
C VAL C 310 28.01 -29.17 15.30
N ILE C 311 28.34 -28.20 16.14
CA ILE C 311 27.56 -26.97 16.27
C ILE C 311 28.36 -25.85 15.63
N SER C 312 27.87 -25.33 14.50
CA SER C 312 28.53 -24.23 13.81
C SER C 312 27.97 -22.90 14.29
N THR C 313 28.86 -21.99 14.68
CA THR C 313 28.51 -20.59 14.92
C THR C 313 29.14 -19.67 13.88
N LEU C 314 29.61 -20.23 12.76
CA LEU C 314 30.22 -19.41 11.72
C LEU C 314 29.14 -18.58 11.03
N PRO C 315 29.43 -17.31 10.71
CA PRO C 315 28.47 -16.53 9.94
C PRO C 315 28.11 -17.24 8.64
N LEU C 316 26.88 -17.03 8.18
CA LEU C 316 26.43 -17.68 6.96
C LEU C 316 27.35 -17.41 5.77
N PRO C 317 27.84 -16.18 5.54
CA PRO C 317 28.76 -15.97 4.40
C PRO C 317 30.04 -16.76 4.53
N VAL C 318 30.50 -17.01 5.76
CA VAL C 318 31.68 -17.84 5.97
C VAL C 318 31.40 -19.29 5.61
N LEU C 319 30.22 -19.80 5.96
CA LEU C 319 29.88 -21.17 5.56
C LEU C 319 29.93 -21.32 4.04
N ARG C 320 29.65 -20.24 3.30
CA ARG C 320 29.72 -20.27 1.86
C ARG C 320 31.16 -20.40 1.35
N THR C 321 32.16 -20.18 2.19
CA THR C 321 33.56 -20.40 1.82
C THR C 321 34.08 -21.75 2.29
N VAL C 322 33.25 -22.53 2.97
CA VAL C 322 33.63 -23.85 3.49
C VAL C 322 33.04 -24.91 2.59
N ASP C 323 33.83 -25.97 2.34
CA ASP C 323 33.34 -27.09 1.54
C ASP C 323 32.35 -27.90 2.35
N LEU C 324 31.06 -27.77 2.02
CA LEU C 324 29.99 -28.43 2.75
C LEU C 324 29.49 -29.67 2.03
N LYS C 325 30.24 -30.19 1.07
CA LYS C 325 29.88 -31.48 0.49
C LYS C 325 30.00 -32.54 1.58
N ASN C 326 29.04 -33.46 1.59
CA ASN C 326 28.88 -34.53 2.58
C ASN C 326 28.24 -33.99 3.85
N SER C 327 27.89 -32.71 3.91
CA SER C 327 26.98 -32.22 4.94
C SER C 327 25.52 -32.30 4.50
N LYS C 328 25.27 -32.61 3.23
CA LYS C 328 23.94 -32.96 2.74
C LYS C 328 22.90 -31.91 3.13
N LEU C 329 23.23 -30.64 2.91
CA LEU C 329 22.24 -29.58 3.05
C LEU C 329 21.14 -29.77 2.02
N ASP C 330 19.89 -29.55 2.42
CA ASP C 330 18.84 -29.60 1.41
C ASP C 330 18.83 -28.29 0.61
N ILE C 331 18.07 -28.30 -0.49
CA ILE C 331 18.14 -27.21 -1.45
C ILE C 331 17.74 -25.89 -0.81
N VAL C 332 16.85 -25.93 0.18
CA VAL C 332 16.44 -24.70 0.84
C VAL C 332 17.56 -24.17 1.74
N GLN C 333 18.17 -25.07 2.52
CA GLN C 333 19.28 -24.66 3.38
C GLN C 333 20.41 -24.04 2.58
N SER C 334 20.79 -24.64 1.45
CA SER C 334 21.91 -24.10 0.68
C SER C 334 21.55 -22.76 0.06
N ASN C 335 20.31 -22.59 -0.38
CA ASN C 335 19.88 -21.26 -0.80
C ASN C 335 19.94 -20.27 0.35
N ALA C 336 19.53 -20.71 1.54
CA ALA C 336 19.48 -19.79 2.68
C ALA C 336 20.86 -19.24 3.01
N LEU C 337 21.89 -20.09 2.95
CA LEU C 337 23.24 -19.59 3.25
C LEU C 337 23.61 -18.43 2.35
N ARG C 338 23.15 -18.44 1.11
CA ARG C 338 23.49 -17.40 0.14
C ARG C 338 22.59 -16.18 0.27
N LYS C 339 21.28 -16.39 0.40
CA LYS C 339 20.31 -15.32 0.26
C LYS C 339 20.01 -14.60 1.57
N LEU C 340 20.02 -15.29 2.72
CA LEU C 340 19.75 -14.62 3.98
C LEU C 340 20.74 -13.46 4.16
N GLN C 341 20.23 -12.23 4.17
CA GLN C 341 21.08 -11.08 3.92
C GLN C 341 21.81 -10.61 5.17
N TYR C 342 23.05 -10.17 4.99
CA TYR C 342 23.83 -9.54 6.04
C TYR C 342 23.91 -8.04 5.79
N GLY C 343 24.19 -7.31 6.86
CA GLY C 343 24.36 -5.87 6.80
C GLY C 343 25.73 -5.45 7.25
N PRO C 344 26.19 -4.29 6.80
CA PRO C 344 27.52 -3.81 7.16
C PRO C 344 27.48 -2.87 8.37
N SER C 345 28.67 -2.59 8.88
CA SER C 345 28.83 -1.58 9.91
C SER C 345 30.31 -1.25 10.05
N ILE C 346 30.59 0.01 10.40
CA ILE C 346 31.93 0.47 10.68
C ILE C 346 31.88 1.24 11.99
N LYS C 347 33.02 1.29 12.68
CA LYS C 347 33.19 2.16 13.83
C LYS C 347 34.54 2.84 13.72
N ILE C 348 34.61 4.08 14.18
CA ILE C 348 35.84 4.85 14.23
C ILE C 348 35.98 5.36 15.67
N GLY C 349 37.01 4.90 16.35
CA GLY C 349 37.32 5.35 17.70
C GLY C 349 38.52 6.29 17.67
N ILE C 350 38.43 7.36 18.46
CA ILE C 350 39.48 8.37 18.52
C ILE C 350 39.82 8.61 19.99
N LEU C 351 41.10 8.43 20.33
CA LEU C 351 41.60 8.81 21.65
C LEU C 351 41.96 10.30 21.64
N PHE C 352 41.37 11.05 22.56
CA PHE C 352 41.67 12.47 22.73
C PHE C 352 42.52 12.68 23.98
N LYS C 353 43.00 13.91 24.13
CA LYS C 353 43.77 14.28 25.31
C LYS C 353 42.88 14.53 26.52
N GLU C 354 41.58 14.71 26.31
CA GLU C 354 40.66 15.03 27.39
C GLU C 354 39.26 14.72 26.92
N PRO C 355 38.30 14.59 27.83
CA PRO C 355 36.90 14.39 27.40
C PRO C 355 36.22 15.72 27.10
N TRP C 356 36.65 16.34 25.99
CA TRP C 356 36.19 17.68 25.66
C TRP C 356 34.66 17.76 25.56
N TRP C 357 34.02 16.65 25.18
CA TRP C 357 32.56 16.64 25.11
C TRP C 357 31.92 16.83 26.47
N THR C 358 32.66 16.55 27.55
CA THR C 358 32.17 16.71 28.91
C THR C 358 32.59 18.03 29.54
N THR C 359 33.83 18.47 29.29
CA THR C 359 34.38 19.63 29.96
C THR C 359 34.56 20.84 29.07
N GLY C 360 34.50 20.68 27.74
CA GLY C 360 34.83 21.76 26.83
C GLY C 360 33.63 22.62 26.48
N GLN C 361 33.88 23.58 25.59
CA GLN C 361 32.85 24.49 25.11
C GLN C 361 33.07 24.74 23.62
N ASP C 362 32.01 25.16 22.95
CA ASP C 362 32.05 25.36 21.51
C ASP C 362 32.68 26.71 21.18
N LYS C 363 32.70 27.05 19.89
CA LYS C 363 33.38 28.26 19.45
C LYS C 363 32.72 29.52 20.00
N ASN C 364 31.49 29.42 20.48
CA ASN C 364 30.78 30.56 21.07
C ASN C 364 30.77 30.52 22.60
N GLY C 365 31.51 29.60 23.21
CA GLY C 365 31.62 29.53 24.65
C GLY C 365 30.57 28.68 25.34
N GLU C 366 29.67 28.05 24.59
CA GLU C 366 28.65 27.20 25.20
C GLU C 366 29.23 25.83 25.48
N LYS C 367 29.10 25.38 26.72
CA LYS C 367 29.64 24.08 27.11
C LYS C 367 28.79 22.95 26.54
N PHE C 368 29.47 21.91 26.04
CA PHE C 368 28.75 20.75 25.53
C PHE C 368 28.03 20.03 26.65
N ASP C 369 28.72 19.78 27.76
CA ASP C 369 28.14 19.18 28.96
C ASP C 369 27.48 17.84 28.65
N LEU C 370 28.24 16.98 27.96
CA LEU C 370 27.76 15.66 27.57
C LEU C 370 28.43 14.60 28.42
N VAL C 371 27.63 13.70 28.99
CA VAL C 371 28.11 12.54 29.72
C VAL C 371 27.35 11.33 29.17
N GLY C 372 28.07 10.43 28.51
CA GLY C 372 27.39 9.36 27.81
C GLY C 372 26.48 9.94 26.73
N GLY C 373 25.51 9.12 26.33
CA GLY C 373 24.58 9.55 25.30
C GLY C 373 25.18 9.51 23.91
N GLN C 374 24.45 10.12 22.97
CA GLN C 374 24.80 10.07 21.56
C GLN C 374 24.37 11.36 20.88
N SER C 375 25.06 11.69 19.79
CA SER C 375 24.65 12.74 18.88
C SER C 375 24.41 12.11 17.51
N TYR C 376 23.56 12.76 16.72
CA TYR C 376 23.13 12.24 15.44
C TYR C 376 23.27 13.32 14.38
N THR C 377 23.60 12.90 13.17
CA THR C 377 23.78 13.84 12.08
C THR C 377 23.59 13.10 10.77
N ASP C 378 23.25 13.85 9.73
CA ASP C 378 23.21 13.33 8.38
C ASP C 378 24.57 13.41 7.69
N LEU C 379 25.57 13.95 8.38
CA LEU C 379 26.94 13.92 7.87
C LEU C 379 27.46 12.49 7.83
N PRO C 380 28.52 12.24 7.06
CA PRO C 380 29.01 10.86 6.89
C PRO C 380 29.22 10.07 8.17
N ILE C 381 29.60 10.71 9.28
CA ILE C 381 29.83 9.92 10.50
C ILE C 381 28.52 9.43 11.12
N ARG C 382 27.41 10.10 10.83
CA ARG C 382 26.05 9.68 11.23
C ARG C 382 25.79 9.66 12.74
N THR C 383 26.56 8.87 13.50
CA THR C 383 26.29 8.70 14.94
C THR C 383 27.58 8.82 15.74
N VAL C 384 27.54 9.63 16.79
CA VAL C 384 28.63 9.80 17.73
C VAL C 384 28.19 9.22 19.07
N VAL C 385 29.04 8.42 19.70
CA VAL C 385 28.72 7.75 20.95
C VAL C 385 29.74 8.17 22.00
N TYR C 386 29.29 8.86 23.02
CA TYR C 386 30.19 9.25 24.11
C TYR C 386 30.23 8.13 25.15
N PRO C 387 31.41 7.84 25.71
CA PRO C 387 31.51 6.67 26.59
C PRO C 387 30.78 6.89 27.90
N SER C 388 30.08 5.84 28.35
CA SER C 388 29.44 5.84 29.66
C SER C 388 30.33 5.25 30.73
N TYR C 389 31.31 4.42 30.34
CA TYR C 389 32.18 3.75 31.29
C TYR C 389 33.21 4.73 31.85
N GLY C 390 33.39 4.68 33.17
CA GLY C 390 34.41 5.45 33.86
C GLY C 390 34.10 6.92 34.07
N VAL C 391 32.89 7.37 33.76
CA VAL C 391 32.61 8.80 33.73
C VAL C 391 32.78 9.43 35.11
N ASN C 392 32.59 8.65 36.17
CA ASN C 392 32.65 9.18 37.53
C ASN C 392 33.96 8.88 38.24
N THR C 393 34.93 8.26 37.58
CA THR C 393 36.22 8.02 38.20
C THR C 393 37.07 9.29 38.11
N ASN C 394 38.24 9.25 38.75
CA ASN C 394 39.14 10.39 38.66
C ASN C 394 39.88 10.43 37.33
N ALA C 395 39.79 9.38 36.53
CA ALA C 395 40.40 9.32 35.20
C ALA C 395 39.35 8.84 34.21
N PRO C 396 38.39 9.70 33.88
CA PRO C 396 37.35 9.32 32.91
C PRO C 396 37.94 9.02 31.55
N SER C 397 37.15 8.35 30.73
CA SER C 397 37.60 7.98 29.39
C SER C 397 37.83 9.24 28.55
N ASN C 398 38.94 9.24 27.81
CA ASN C 398 39.20 10.25 26.78
C ASN C 398 38.93 9.71 25.38
N THR C 399 38.29 8.56 25.27
CA THR C 399 38.11 7.88 23.99
C THR C 399 36.68 8.07 23.52
N LEU C 400 36.54 8.49 22.27
CA LEU C 400 35.25 8.76 21.66
C LEU C 400 35.04 7.78 20.52
N ILE C 401 33.81 7.30 20.38
CA ILE C 401 33.38 6.63 19.15
C ILE C 401 32.92 7.76 18.23
N ALA C 402 33.82 8.21 17.37
CA ALA C 402 33.55 9.36 16.53
C ALA C 402 32.57 9.04 15.40
N SER C 403 32.43 7.76 15.04
CA SER C 403 31.51 7.38 13.98
C SER C 403 31.06 5.94 14.18
N TYR C 404 29.76 5.72 14.04
CA TYR C 404 29.17 4.38 14.09
C TYR C 404 28.08 4.36 13.04
N CYS C 405 28.32 3.65 11.93
CA CYS C 405 27.45 3.69 10.77
C CYS C 405 26.90 2.31 10.43
N TRP C 406 25.73 2.32 9.79
CA TRP C 406 25.06 1.14 9.26
C TRP C 406 24.81 1.31 7.77
N THR C 407 24.35 0.23 7.14
CA THR C 407 23.87 0.23 5.76
C THR C 407 24.71 1.12 4.85
N ASN C 408 24.06 1.98 4.03
CA ASN C 408 24.81 2.72 3.01
C ASN C 408 25.91 3.56 3.64
N ASP C 409 25.65 4.16 4.79
CA ASP C 409 26.66 5.02 5.41
C ASP C 409 27.92 4.22 5.74
N ALA C 410 27.75 2.98 6.21
CA ALA C 410 28.90 2.14 6.52
C ALA C 410 29.55 1.64 5.24
N GLU C 411 28.76 1.32 4.22
CA GLU C 411 29.30 0.87 2.95
C GLU C 411 30.22 1.94 2.35
N ARG C 412 29.74 3.18 2.34
CA ARG C 412 30.54 4.27 1.78
C ARG C 412 31.78 4.52 2.61
N MET C 413 31.61 4.68 3.93
CA MET C 413 32.76 4.98 4.78
C MET C 413 33.81 3.86 4.71
N GLY C 414 33.37 2.63 4.49
CA GLY C 414 34.29 1.52 4.47
C GLY C 414 35.42 1.66 3.48
N SER C 415 35.20 2.42 2.39
CA SER C 415 36.26 2.57 1.39
C SER C 415 37.46 3.33 1.92
N LEU C 416 37.30 4.09 3.00
CA LEU C 416 38.39 4.84 3.61
C LEU C 416 39.02 4.12 4.80
N ILE C 417 38.54 2.93 5.14
CA ILE C 417 39.02 2.19 6.31
C ILE C 417 39.82 0.99 5.83
N GLY C 418 40.93 0.71 6.52
CA GLY C 418 41.74 -0.45 6.23
C GLY C 418 42.41 -0.44 4.88
N THR C 419 42.70 0.75 4.33
CA THR C 419 43.36 0.80 3.03
C THR C 419 44.83 0.46 3.15
N GLY C 420 45.43 0.66 4.32
CA GLY C 420 46.85 0.47 4.48
C GLY C 420 47.70 1.61 3.96
N ALA C 421 47.07 2.71 3.52
CA ALA C 421 47.77 3.85 2.95
C ALA C 421 47.63 5.04 3.89
N ALA C 422 48.76 5.61 4.32
CA ALA C 422 48.71 6.75 5.22
C ALA C 422 47.90 7.90 4.63
N THR C 423 47.91 8.05 3.30
CA THR C 423 47.18 9.16 2.68
CA THR C 423 47.17 9.15 2.67
C THR C 423 45.68 9.05 2.97
N TYR C 424 45.11 7.86 2.88
CA TYR C 424 43.69 7.69 3.14
C TYR C 424 43.37 7.66 4.63
N GLU C 425 44.30 7.16 5.46
CA GLU C 425 44.13 7.29 6.89
C GLU C 425 44.05 8.75 7.31
N GLU C 426 44.85 9.61 6.68
CA GLU C 426 44.81 11.03 7.02
C GLU C 426 43.55 11.69 6.48
N GLN C 427 43.13 11.30 5.27
CA GLN C 427 41.86 11.81 4.75
C GLN C 427 40.69 11.42 5.66
N LEU C 428 40.67 10.17 6.14
CA LEU C 428 39.58 9.72 7.00
C LEU C 428 39.52 10.55 8.28
N GLU C 429 40.66 10.73 8.95
CA GLU C 429 40.68 11.49 10.19
C GLU C 429 40.17 12.91 9.97
N HIS C 430 40.63 13.55 8.90
CA HIS C 430 40.22 14.93 8.64
C HIS C 430 38.73 15.01 8.37
N LEU C 431 38.18 14.06 7.61
CA LEU C 431 36.74 14.02 7.39
C LEU C 431 36.00 13.86 8.71
N VAL C 432 36.47 12.97 9.58
CA VAL C 432 35.79 12.72 10.84
C VAL C 432 35.86 13.96 11.73
N LEU C 433 37.04 14.57 11.83
CA LEU C 433 37.15 15.77 12.66
C LEU C 433 36.30 16.91 12.10
N SER C 434 36.26 17.06 10.77
CA SER C 434 35.41 18.09 10.19
C SER C 434 33.93 17.85 10.54
N ASN C 435 33.47 16.62 10.38
CA ASN C 435 32.10 16.28 10.74
C ASN C 435 31.83 16.56 12.22
N LEU C 436 32.73 16.10 13.10
CA LEU C 436 32.57 16.35 14.53
C LEU C 436 32.51 17.85 14.82
N ALA C 437 33.39 18.62 14.18
CA ALA C 437 33.39 20.06 14.42
C ALA C 437 32.06 20.69 14.02
N ALA C 438 31.50 20.26 12.90
CA ALA C 438 30.20 20.79 12.46
C ALA C 438 29.08 20.34 13.39
N VAL C 439 29.14 19.10 13.89
CA VAL C 439 28.09 18.61 14.78
C VAL C 439 28.07 19.42 16.06
N HIS C 440 29.24 19.66 16.64
CA HIS C 440 29.36 20.30 17.94
C HIS C 440 29.58 21.81 17.86
N ASN C 441 29.75 22.35 16.66
CA ASN C 441 29.96 23.79 16.45
C ASN C 441 31.31 24.23 17.03
N THR C 442 32.36 23.51 16.67
CA THR C 442 33.73 23.88 17.01
C THR C 442 34.52 24.09 15.74
N ASP C 443 35.77 24.53 15.91
CA ASP C 443 36.69 24.58 14.78
C ASP C 443 37.34 23.21 14.60
N TYR C 444 37.83 22.97 13.39
CA TYR C 444 38.56 21.73 13.13
C TYR C 444 39.78 21.64 14.05
N GLN C 445 40.54 22.72 14.16
CA GLN C 445 41.79 22.68 14.90
C GLN C 445 41.55 22.44 16.38
N TYR C 446 40.41 22.89 16.91
CA TYR C 446 40.07 22.61 18.30
C TYR C 446 40.09 21.11 18.57
N LEU C 447 39.59 20.31 17.63
CA LEU C 447 39.57 18.86 17.82
C LEU C 447 40.91 18.24 17.41
N LYS C 448 41.55 18.76 16.36
CA LYS C 448 42.84 18.22 15.93
C LYS C 448 43.90 18.38 17.02
N ASP C 449 43.96 19.56 17.66
CA ASP C 449 44.92 19.77 18.72
C ASP C 449 44.76 18.76 19.86
N ARG C 450 43.57 18.18 20.00
CA ARG C 450 43.27 17.25 21.07
C ARG C 450 43.32 15.79 20.65
N LEU C 451 43.56 15.52 19.37
CA LEU C 451 43.57 14.15 18.88
C LEU C 451 44.89 13.48 19.18
N VAL C 452 44.84 12.23 19.63
CA VAL C 452 46.02 11.43 19.95
C VAL C 452 46.15 10.25 18.99
N ASP C 453 45.15 9.37 18.96
CA ASP C 453 45.20 8.18 18.13
C ASP C 453 43.83 7.91 17.53
N VAL C 454 43.83 7.24 16.37
CA VAL C 454 42.62 6.84 15.69
C VAL C 454 42.67 5.34 15.45
N HIS C 455 41.53 4.67 15.67
CA HIS C 455 41.37 3.27 15.33
C HIS C 455 40.04 3.11 14.61
N SER C 456 40.05 2.42 13.48
CA SER C 456 38.88 2.30 12.63
C SER C 456 38.72 0.85 12.21
N TRP C 457 37.47 0.44 12.00
CA TRP C 457 37.15 -0.95 11.72
C TRP C 457 35.93 -1.03 10.82
N ASP C 458 36.00 -1.92 9.83
CA ASP C 458 34.94 -2.17 8.86
C ASP C 458 34.60 -3.66 8.92
N TRP C 459 33.49 -3.99 9.58
CA TRP C 459 33.07 -5.39 9.70
C TRP C 459 32.66 -5.99 8.36
N ASN C 460 32.43 -5.18 7.32
CA ASN C 460 32.15 -5.68 5.99
C ASN C 460 33.42 -5.84 5.15
N HIS C 461 34.59 -5.72 5.77
CA HIS C 461 35.86 -6.04 5.14
CA HIS C 461 35.87 -6.02 5.15
C HIS C 461 36.71 -6.77 6.18
N ASN C 462 36.21 -7.93 6.60
CA ASN C 462 36.81 -8.76 7.63
C ASN C 462 36.48 -10.21 7.31
N PRO C 463 37.46 -11.02 6.89
CA PRO C 463 37.15 -12.39 6.48
C PRO C 463 36.46 -13.21 7.56
N LEU C 464 36.62 -12.87 8.84
CA LEU C 464 36.05 -13.67 9.91
C LEU C 464 34.57 -13.38 10.14
N THR C 465 34.05 -12.27 9.65
CA THR C 465 32.64 -11.95 9.78
C THR C 465 31.94 -11.76 8.44
N MET C 466 32.63 -11.15 7.47
CA MET C 466 32.08 -10.97 6.12
C MET C 466 30.75 -10.23 6.18
N GLY C 467 30.73 -9.14 6.95
CA GLY C 467 29.51 -8.42 7.25
C GLY C 467 29.45 -8.17 8.75
N ALA C 468 28.68 -7.16 9.16
CA ALA C 468 28.57 -6.88 10.60
C ALA C 468 27.70 -7.92 11.29
N PHE C 469 26.56 -8.26 10.70
CA PHE C 469 25.61 -9.17 11.31
C PHE C 469 24.48 -9.40 10.33
N ALA C 470 23.66 -10.39 10.62
CA ALA C 470 22.46 -10.62 9.83
C ALA C 470 21.59 -9.37 9.83
N PHE C 471 21.11 -9.01 8.64
CA PHE C 471 20.16 -7.90 8.47
C PHE C 471 19.29 -8.28 7.28
N PHE C 472 18.26 -9.08 7.56
CA PHE C 472 17.49 -9.76 6.52
C PHE C 472 16.71 -8.78 5.65
N GLY C 473 16.65 -9.08 4.36
CA GLY C 473 15.77 -8.38 3.47
C GLY C 473 14.37 -8.95 3.51
N PRO C 474 13.45 -8.28 2.82
CA PRO C 474 12.07 -8.77 2.78
C PRO C 474 12.01 -10.21 2.27
N GLY C 475 11.20 -11.02 2.94
CA GLY C 475 11.01 -12.40 2.57
C GLY C 475 11.95 -13.39 3.20
N ASP C 476 13.11 -12.94 3.69
CA ASP C 476 14.10 -13.85 4.25
C ASP C 476 13.54 -14.62 5.44
N PHE C 477 12.89 -13.93 6.37
CA PHE C 477 12.38 -14.61 7.56
C PHE C 477 11.27 -15.60 7.21
N GLN C 478 10.39 -15.23 6.27
CA GLN C 478 9.25 -16.09 5.96
CA GLN C 478 9.25 -16.09 5.96
C GLN C 478 9.62 -17.25 5.04
N ASP C 479 10.64 -17.08 4.20
CA ASP C 479 10.96 -18.06 3.17
C ASP C 479 12.09 -19.01 3.54
N LEU C 480 13.21 -18.49 4.04
CA LEU C 480 14.44 -19.26 4.17
C LEU C 480 14.92 -19.46 5.60
N TYR C 481 14.46 -18.66 6.55
CA TYR C 481 15.01 -18.68 7.90
C TYR C 481 14.82 -20.05 8.56
N THR C 482 13.63 -20.64 8.44
CA THR C 482 13.37 -21.88 9.17
C THR C 482 14.24 -23.03 8.69
N SER C 483 14.64 -23.04 7.42
CA SER C 483 15.41 -24.17 6.89
C SER C 483 16.68 -24.42 7.70
N LEU C 484 17.30 -23.37 8.22
CA LEU C 484 18.56 -23.50 8.94
C LEU C 484 18.38 -23.82 10.41
N ASN C 485 17.16 -23.71 10.94
CA ASN C 485 16.88 -24.24 12.27
C ASN C 485 16.67 -25.75 12.24
N ARG C 486 16.54 -26.34 11.05
CA ARG C 486 16.63 -27.79 10.95
C ARG C 486 18.08 -28.20 10.81
N PRO C 487 18.50 -29.33 11.38
CA PRO C 487 19.90 -29.75 11.25
C PRO C 487 20.20 -30.21 9.83
N ALA C 488 21.48 -30.38 9.56
CA ALA C 488 21.96 -30.99 8.33
C ALA C 488 22.80 -32.21 8.68
N ALA C 489 23.35 -32.84 7.65
CA ALA C 489 24.29 -33.94 7.82
C ALA C 489 23.70 -35.05 8.69
N ASN C 490 22.53 -35.54 8.26
CA ASN C 490 21.84 -36.62 8.97
C ASN C 490 21.63 -36.26 10.44
N GLY C 491 21.30 -35.00 10.69
CA GLY C 491 21.03 -34.53 12.03
C GLY C 491 22.26 -34.19 12.85
N LYS C 492 23.45 -34.24 12.25
CA LYS C 492 24.69 -34.10 13.00
C LYS C 492 25.34 -32.75 12.81
N LEU C 493 24.82 -31.89 11.92
CA LEU C 493 25.32 -30.53 11.76
C LEU C 493 24.22 -29.56 12.17
N HIS C 494 24.52 -28.73 13.17
CA HIS C 494 23.57 -27.78 13.72
C HIS C 494 24.07 -26.36 13.44
N PHE C 495 23.22 -25.54 12.84
CA PHE C 495 23.56 -24.17 12.52
C PHE C 495 23.20 -23.26 13.68
N ALA C 496 24.17 -22.47 14.12
CA ALA C 496 23.97 -21.53 15.22
C ALA C 496 24.70 -20.24 14.87
N GLY C 497 24.75 -19.31 15.83
CA GLY C 497 25.20 -17.96 15.59
C GLY C 497 24.03 -16.99 15.53
N GLU C 498 24.33 -15.71 15.69
CA GLU C 498 23.27 -14.71 15.85
C GLU C 498 22.33 -14.69 14.65
N ALA C 499 22.80 -15.10 13.47
CA ALA C 499 21.91 -15.16 12.31
C ALA C 499 20.72 -16.08 12.55
N LEU C 500 20.90 -17.13 13.36
CA LEU C 500 19.83 -18.09 13.65
C LEU C 500 19.03 -17.63 14.87
N SER C 501 18.44 -16.45 14.74
CA SER C 501 17.63 -15.89 15.82
C SER C 501 16.79 -14.75 15.26
N VAL C 502 15.88 -14.26 16.09
CA VAL C 502 15.11 -13.06 15.78
C VAL C 502 15.65 -11.85 16.55
N ARG C 503 16.87 -11.96 17.09
CA ARG C 503 17.56 -10.85 17.70
C ARG C 503 18.89 -10.63 16.98
N HIS C 504 18.83 -10.44 15.66
CA HIS C 504 20.06 -10.18 14.92
C HIS C 504 20.76 -8.96 15.47
N ALA C 505 22.10 -9.00 15.43
CA ALA C 505 22.92 -7.89 15.89
C ALA C 505 22.82 -7.70 17.39
N TRP C 506 22.50 -8.77 18.13
CA TRP C 506 22.49 -8.76 19.58
C TRP C 506 23.18 -10.02 20.10
N VAL C 507 23.80 -9.90 21.27
CA VAL C 507 24.40 -11.07 21.90
C VAL C 507 23.32 -12.11 22.17
N VAL C 508 22.14 -11.66 22.63
CA VAL C 508 21.08 -12.60 22.95
C VAL C 508 20.71 -13.45 21.73
N GLY C 509 20.83 -12.87 20.52
CA GLY C 509 20.59 -13.66 19.34
C GLY C 509 21.50 -14.86 19.25
N ALA C 510 22.79 -14.65 19.51
CA ALA C 510 23.73 -15.77 19.52
C ALA C 510 23.40 -16.77 20.63
N LEU C 511 23.03 -16.28 21.80
CA LEU C 511 22.71 -17.19 22.89
C LEU C 511 21.49 -18.03 22.56
N ASP C 512 20.45 -17.39 22.02
CA ASP C 512 19.27 -18.13 21.57
C ASP C 512 19.64 -19.22 20.59
N SER C 513 20.52 -18.91 19.63
CA SER C 513 20.90 -19.89 18.62
C SER C 513 21.59 -21.08 19.26
N ALA C 514 22.39 -20.83 20.30
CA ALA C 514 23.09 -21.91 20.99
C ALA C 514 22.12 -22.77 21.80
N TRP C 515 21.15 -22.15 22.46
CA TRP C 515 20.12 -22.92 23.16
C TRP C 515 19.42 -23.88 22.20
N ARG C 516 18.99 -23.36 21.04
CA ARG C 516 18.27 -24.21 20.10
C ARG C 516 19.18 -25.31 19.55
N ALA C 517 20.44 -24.98 19.25
CA ALA C 517 21.35 -25.98 18.72
C ALA C 517 21.59 -27.10 19.72
N VAL C 518 21.83 -26.74 20.98
CA VAL C 518 22.06 -27.75 22.02
C VAL C 518 20.77 -28.51 22.32
N TYR C 519 19.64 -27.81 22.36
CA TYR C 519 18.36 -28.50 22.55
C TYR C 519 18.17 -29.61 21.53
N ASN C 520 18.42 -29.32 20.25
CA ASN C 520 18.27 -30.35 19.23
C ASN C 520 19.29 -31.46 19.42
N TYR C 521 20.53 -31.12 19.77
CA TYR C 521 21.54 -32.14 20.00
C TYR C 521 21.09 -33.10 21.10
N LEU C 522 20.72 -32.55 22.26
CA LEU C 522 20.30 -33.41 23.37
C LEU C 522 19.06 -34.22 22.99
N TYR C 523 18.15 -33.61 22.24
CA TYR C 523 16.91 -34.29 21.86
C TYR C 523 17.19 -35.56 21.06
N VAL C 524 18.20 -35.52 20.19
CA VAL C 524 18.49 -36.66 19.32
C VAL C 524 19.56 -37.59 19.88
N THR C 525 20.30 -37.19 20.91
CA THR C 525 21.39 -38.02 21.42
C THR C 525 21.22 -38.47 22.86
N ASP C 526 20.71 -37.62 23.75
CA ASP C 526 20.60 -37.95 25.18
C ASP C 526 19.45 -37.17 25.81
N PRO C 527 18.22 -37.53 25.49
CA PRO C 527 17.07 -36.78 26.04
C PRO C 527 16.98 -36.81 27.55
N ALA C 528 17.66 -37.74 28.22
CA ALA C 528 17.63 -37.77 29.68
C ALA C 528 18.21 -36.50 30.29
N LYS C 529 19.00 -35.74 29.53
CA LYS C 529 19.58 -34.50 30.02
C LYS C 529 18.67 -33.30 29.84
N LEU C 530 17.52 -33.46 29.19
CA LEU C 530 16.65 -32.31 28.94
C LEU C 530 16.15 -31.65 30.22
N PRO C 531 15.71 -32.39 31.25
CA PRO C 531 15.24 -31.70 32.47
C PRO C 531 16.29 -30.76 33.06
N LYS C 532 17.54 -31.22 33.20
CA LYS C 532 18.58 -30.36 33.75
C LYS C 532 18.90 -29.22 32.80
N PHE C 533 18.90 -29.49 31.49
CA PHE C 533 19.07 -28.44 30.50
C PHE C 533 18.02 -27.35 30.66
N PHE C 534 16.74 -27.75 30.74
CA PHE C 534 15.66 -26.80 30.96
C PHE C 534 15.85 -26.04 32.27
N GLU C 535 16.24 -26.76 33.33
CA GLU C 535 16.39 -26.12 34.64
C GLU C 535 17.48 -25.06 34.62
N LEU C 536 18.62 -25.37 33.98
CA LEU C 536 19.75 -24.47 34.02
C LEU C 536 19.68 -23.38 32.96
N TRP C 537 19.07 -23.67 31.81
CA TRP C 537 19.17 -22.77 30.67
C TRP C 537 17.81 -22.42 30.06
N GLY C 538 16.72 -22.80 30.69
CA GLY C 538 15.41 -22.35 30.26
C GLY C 538 14.63 -23.40 29.49
N LYS C 539 13.31 -23.40 29.69
CA LYS C 539 12.43 -24.31 28.96
C LYS C 539 12.28 -23.92 27.50
N ASN C 540 12.50 -22.65 27.17
CA ASN C 540 12.38 -22.15 25.81
C ASN C 540 13.52 -21.19 25.53
N ALA C 541 13.84 -21.02 24.25
CA ALA C 541 14.86 -20.06 23.87
C ALA C 541 14.40 -18.64 24.15
N GLU C 542 13.20 -18.29 23.69
CA GLU C 542 12.71 -16.92 23.69
C GLU C 542 11.56 -16.67 24.66
N TRP C 543 10.60 -17.57 24.76
CA TRP C 543 9.44 -17.36 25.62
C TRP C 543 9.88 -16.97 27.03
N PHE C 544 9.24 -15.95 27.59
CA PHE C 544 9.64 -15.44 28.90
C PHE C 544 9.44 -16.49 29.97
N GLU C 545 10.31 -16.45 30.98
CA GLU C 545 10.22 -17.36 32.11
C GLU C 545 9.01 -17.05 32.97
N GLN C 546 8.36 -18.09 33.46
CA GLN C 546 7.29 -17.97 34.45
C GLN C 546 6.74 -19.35 34.81
N GLY D 11 36.41 35.84 -19.07
CA GLY D 11 37.19 35.13 -18.08
C GLY D 11 36.64 33.75 -17.79
N GLU D 12 36.12 33.10 -18.82
CA GLU D 12 35.52 31.78 -18.67
C GLU D 12 36.60 30.70 -18.68
N ARG D 13 36.46 29.75 -17.75
CA ARG D 13 37.38 28.62 -17.62
C ARG D 13 36.69 27.59 -16.75
N VAL D 14 36.40 26.42 -17.31
CA VAL D 14 35.60 25.40 -16.63
C VAL D 14 36.53 24.41 -15.94
N GLY D 15 36.40 24.31 -14.62
CA GLY D 15 37.13 23.29 -13.89
C GLY D 15 36.41 21.96 -13.92
N ILE D 16 37.02 20.95 -14.53
CA ILE D 16 36.44 19.63 -14.65
C ILE D 16 37.11 18.73 -13.62
N LEU D 17 36.32 18.21 -12.68
CA LEU D 17 36.85 17.43 -11.57
C LEU D 17 36.75 15.95 -11.91
N GLY D 18 37.90 15.30 -12.10
CA GLY D 18 37.93 13.89 -12.40
C GLY D 18 38.22 13.60 -13.87
N ALA D 19 39.30 12.87 -14.13
CA ALA D 19 39.68 12.50 -15.49
C ALA D 19 39.17 11.11 -15.89
N GLY D 20 37.99 10.72 -15.39
CA GLY D 20 37.32 9.54 -15.91
C GLY D 20 36.70 9.85 -17.26
N ILE D 21 35.90 8.91 -17.75
CA ILE D 21 35.33 9.07 -19.08
C ILE D 21 34.37 10.24 -19.12
N GLY D 22 33.65 10.51 -18.03
CA GLY D 22 32.74 11.63 -18.01
C GLY D 22 33.45 12.97 -18.13
N GLY D 23 34.55 13.14 -17.40
CA GLY D 23 35.28 14.39 -17.45
C GLY D 23 36.05 14.55 -18.75
N LEU D 24 36.58 13.45 -19.28
CA LEU D 24 37.26 13.50 -20.58
C LEU D 24 36.28 13.85 -21.70
N TYR D 25 35.07 13.30 -21.64
CA TYR D 25 34.04 13.64 -22.62
C TYR D 25 33.63 15.11 -22.47
N SER D 26 33.50 15.58 -21.24
CA SER D 26 33.22 17.00 -21.01
C SER D 26 34.30 17.87 -21.63
N ALA D 27 35.57 17.53 -21.39
CA ALA D 27 36.66 18.30 -21.98
C ALA D 27 36.63 18.21 -23.50
N LEU D 28 36.28 17.04 -24.03
CA LEU D 28 36.18 16.88 -25.48
C LEU D 28 35.11 17.79 -26.06
N ILE D 29 33.97 17.91 -25.39
CA ILE D 29 32.91 18.80 -25.87
C ILE D 29 33.38 20.25 -25.81
N LEU D 30 33.94 20.65 -24.67
CA LEU D 30 34.35 22.06 -24.51
C LEU D 30 35.45 22.43 -25.49
N GLN D 31 36.39 21.51 -25.74
CA GLN D 31 37.45 21.79 -26.70
CA GLN D 31 37.45 21.80 -26.70
C GLN D 31 36.86 22.08 -28.08
N SER D 32 35.88 21.28 -28.51
CA SER D 32 35.25 21.50 -29.81
C SER D 32 34.53 22.83 -29.88
N LEU D 33 34.18 23.42 -28.74
CA LEU D 33 33.49 24.71 -28.68
C LEU D 33 34.40 25.86 -28.28
N ASP D 34 35.71 25.62 -28.15
CA ASP D 34 36.68 26.66 -27.81
C ASP D 34 36.40 27.28 -26.45
N VAL D 35 36.07 26.44 -25.48
CA VAL D 35 35.84 26.86 -24.10
C VAL D 35 37.04 26.43 -23.27
N PRO D 36 37.75 27.37 -22.63
CA PRO D 36 38.90 26.95 -21.79
C PRO D 36 38.44 26.02 -20.68
N PHE D 37 39.28 25.05 -20.36
CA PHE D 37 38.97 24.09 -19.30
C PHE D 37 40.27 23.61 -18.66
N GLU D 38 40.12 22.94 -17.52
CA GLU D 38 41.23 22.29 -16.84
C GLU D 38 40.68 21.10 -16.08
N ILE D 39 41.34 19.95 -16.19
CA ILE D 39 40.92 18.72 -15.53
C ILE D 39 41.78 18.51 -14.30
N ILE D 40 41.13 18.31 -13.16
CA ILE D 40 41.78 18.00 -11.90
C ILE D 40 41.50 16.54 -11.58
N GLU D 41 42.56 15.76 -11.35
CA GLU D 41 42.45 14.32 -11.13
C GLU D 41 43.20 13.96 -9.86
N ALA D 42 42.57 13.14 -9.02
CA ALA D 42 43.20 12.80 -7.75
C ALA D 42 44.37 11.83 -7.96
N SER D 43 44.24 10.91 -8.91
CA SER D 43 45.20 9.85 -9.08
C SER D 43 46.26 10.22 -10.11
N ASN D 44 47.11 9.26 -10.45
CA ASN D 44 48.17 9.43 -11.44
C ASN D 44 47.78 8.86 -12.80
N ARG D 45 46.50 8.51 -13.00
CA ARG D 45 46.04 7.88 -14.21
C ARG D 45 44.72 8.52 -14.65
N VAL D 46 44.43 8.40 -15.95
CA VAL D 46 43.15 8.80 -16.49
C VAL D 46 42.37 7.54 -16.82
N GLY D 47 41.05 7.67 -16.85
CA GLY D 47 40.15 6.59 -17.22
C GLY D 47 39.19 6.19 -16.11
N GLY D 48 39.60 6.38 -14.87
CA GLY D 48 38.71 6.08 -13.75
C GLY D 48 38.29 4.62 -13.76
N ARG D 49 36.99 4.37 -13.83
CA ARG D 49 36.46 3.02 -13.81
C ARG D 49 36.61 2.30 -15.15
N LEU D 50 37.27 2.92 -16.12
CA LEU D 50 37.85 2.17 -17.25
C LEU D 50 39.28 1.84 -16.83
N PHE D 51 39.47 0.61 -16.38
CA PHE D 51 40.69 0.20 -15.69
C PHE D 51 41.08 -1.17 -16.22
N THR D 52 42.15 -1.21 -17.00
CA THR D 52 42.66 -2.44 -17.60
C THR D 52 43.90 -2.88 -16.82
N HIS D 53 43.87 -4.11 -16.30
CA HIS D 53 45.02 -4.68 -15.63
C HIS D 53 45.76 -5.60 -16.60
N LYS D 54 47.05 -5.34 -16.79
CA LYS D 54 47.92 -6.19 -17.59
C LYS D 54 48.78 -7.02 -16.67
N PHE D 55 48.75 -8.34 -16.88
CA PHE D 55 49.63 -9.23 -16.12
C PHE D 55 51.04 -9.11 -16.67
N PRO D 56 52.05 -8.84 -15.83
CA PRO D 56 53.40 -8.61 -16.37
C PRO D 56 54.01 -9.79 -17.10
N ASN D 57 53.83 -11.01 -16.59
CA ASN D 57 54.44 -12.19 -17.20
C ASN D 57 53.63 -12.76 -18.36
N GLY D 58 52.61 -12.04 -18.86
CA GLY D 58 51.74 -12.56 -19.89
C GLY D 58 51.99 -11.97 -21.27
N GLY D 59 51.17 -12.42 -22.21
CA GLY D 59 51.23 -11.98 -23.59
C GLY D 59 50.36 -10.76 -23.86
N LYS D 60 50.23 -10.45 -25.14
CA LYS D 60 49.53 -9.23 -25.55
C LYS D 60 48.12 -9.16 -25.00
N TYR D 61 47.39 -10.28 -25.03
CA TYR D 61 46.00 -10.31 -24.59
C TYR D 61 45.85 -10.85 -23.18
N ASP D 62 46.93 -10.89 -22.40
CA ASP D 62 46.86 -11.29 -21.00
C ASP D 62 46.59 -10.08 -20.12
N TYR D 63 45.43 -9.48 -20.37
CA TYR D 63 44.87 -8.41 -19.54
C TYR D 63 43.40 -8.74 -19.30
N TYR D 64 42.80 -8.02 -18.36
CA TYR D 64 41.36 -8.06 -18.19
C TYR D 64 40.90 -6.69 -17.72
N ASP D 65 39.65 -6.37 -18.00
CA ASP D 65 39.08 -5.08 -17.62
C ASP D 65 38.43 -5.19 -16.25
N VAL D 66 38.97 -4.42 -15.30
CA VAL D 66 38.44 -4.46 -13.93
C VAL D 66 37.12 -3.71 -13.86
N GLY D 67 36.92 -2.75 -14.75
CA GLY D 67 35.65 -2.04 -14.83
C GLY D 67 34.96 -2.31 -16.15
N ALA D 68 34.74 -1.28 -16.94
CA ALA D 68 34.01 -1.44 -18.19
C ALA D 68 34.76 -2.38 -19.13
N MET D 69 34.01 -3.29 -19.75
CA MET D 69 34.59 -4.30 -20.63
C MET D 69 33.74 -4.64 -21.84
N ARG D 70 32.46 -4.26 -21.91
CA ARG D 70 31.60 -4.67 -23.01
C ARG D 70 30.60 -3.57 -23.34
N TYR D 71 30.32 -3.41 -24.62
CA TYR D 71 29.51 -2.28 -25.10
C TYR D 71 28.44 -2.79 -26.05
N PRO D 72 27.16 -2.80 -25.65
CA PRO D 72 26.09 -3.23 -26.58
C PRO D 72 25.68 -2.08 -27.51
N LEU D 73 26.48 -1.90 -28.56
CA LEU D 73 26.33 -0.79 -29.47
C LEU D 73 25.26 -1.08 -30.53
N PRO D 74 24.73 -0.04 -31.17
CA PRO D 74 23.86 -0.26 -32.33
C PRO D 74 24.68 -0.76 -33.51
N LYS D 75 23.97 -1.26 -34.51
CA LYS D 75 24.65 -1.68 -35.73
C LYS D 75 25.35 -0.49 -36.37
N SER D 76 26.44 -0.79 -37.09
CA SER D 76 27.22 0.25 -37.73
C SER D 76 27.78 -0.28 -39.04
N ASP D 77 28.10 0.65 -39.95
CA ASP D 77 28.73 0.30 -41.20
C ASP D 77 30.25 0.36 -41.03
N ASP D 78 30.97 0.14 -42.14
CA ASP D 78 32.43 0.11 -42.08
C ASP D 78 33.04 1.47 -41.75
N LYS D 79 32.31 2.56 -41.98
CA LYS D 79 32.84 3.91 -41.75
C LYS D 79 32.58 4.39 -40.33
N GLY D 80 31.90 3.62 -39.49
CA GLY D 80 31.61 4.04 -38.14
C GLY D 80 30.34 4.84 -37.97
N ASN D 81 29.42 4.77 -38.92
CA ASN D 81 28.11 5.40 -38.77
C ASN D 81 27.19 4.44 -38.04
N TYR D 82 26.62 4.89 -36.92
CA TYR D 82 25.82 4.06 -36.05
C TYR D 82 24.34 4.34 -36.25
N GLN D 83 23.53 3.29 -36.22
CA GLN D 83 22.08 3.45 -36.20
C GLN D 83 21.67 4.07 -34.86
N PRO D 84 20.49 4.69 -34.81
CA PRO D 84 19.99 5.18 -33.52
C PRO D 84 19.89 4.05 -32.50
N GLY D 85 20.17 4.38 -31.25
CA GLY D 85 20.13 3.36 -30.21
C GLY D 85 20.61 3.91 -28.89
N VAL D 86 20.42 3.09 -27.86
CA VAL D 86 20.76 3.50 -26.49
C VAL D 86 22.22 3.92 -26.39
N MET D 87 23.11 3.20 -27.10
CA MET D 87 24.54 3.41 -26.97
C MET D 87 25.14 4.07 -28.21
N GLN D 88 24.31 4.70 -29.04
CA GLN D 88 24.85 5.37 -30.23
C GLN D 88 25.87 6.42 -29.83
N ARG D 89 25.62 7.15 -28.75
CA ARG D 89 26.55 8.18 -28.30
C ARG D 89 27.93 7.59 -28.03
N VAL D 90 27.98 6.37 -27.51
CA VAL D 90 29.27 5.71 -27.28
C VAL D 90 29.92 5.37 -28.62
N GLY D 91 29.15 4.78 -29.53
CA GLY D 91 29.70 4.44 -30.83
C GLY D 91 30.22 5.66 -31.57
N GLN D 92 29.45 6.75 -31.54
CA GLN D 92 29.89 7.97 -32.21
C GLN D 92 31.17 8.52 -31.59
N LEU D 93 31.36 8.33 -30.28
CA LEU D 93 32.61 8.75 -29.65
C LEU D 93 33.79 7.95 -30.20
N PHE D 94 33.63 6.63 -30.33
CA PHE D 94 34.68 5.81 -30.93
C PHE D 94 35.03 6.33 -32.32
N THR D 95 34.01 6.54 -33.16
CA THR D 95 34.26 7.03 -34.51
C THR D 95 34.94 8.39 -34.50
N TYR D 96 34.48 9.29 -33.63
CA TYR D 96 35.10 10.60 -33.50
C TYR D 96 36.58 10.50 -33.20
N LEU D 97 36.99 9.48 -32.44
CA LEU D 97 38.38 9.29 -32.07
C LEU D 97 39.14 8.38 -33.04
N GLY D 98 38.49 7.91 -34.10
CA GLY D 98 39.16 7.03 -35.05
C GLY D 98 39.40 5.63 -34.56
N MET D 99 38.53 5.13 -33.67
CA MET D 99 38.70 3.84 -33.03
C MET D 99 37.82 2.74 -33.60
N HIS D 100 37.09 3.00 -34.69
CA HIS D 100 36.12 2.01 -35.15
C HIS D 100 36.77 0.65 -35.41
N LYS D 101 37.95 0.65 -36.04
CA LYS D 101 38.60 -0.62 -36.35
C LYS D 101 39.20 -1.27 -35.12
N GLN D 102 39.30 -0.54 -34.01
CA GLN D 102 39.76 -1.11 -32.74
C GLN D 102 38.61 -1.73 -31.96
N LEU D 103 37.38 -1.63 -32.44
CA LEU D 103 36.26 -2.32 -31.81
C LEU D 103 36.20 -3.73 -32.37
N ILE D 104 36.27 -4.71 -31.49
CA ILE D 104 36.30 -6.12 -31.90
C ILE D 104 35.09 -6.80 -31.28
N PRO D 105 34.69 -7.95 -31.81
CA PRO D 105 33.49 -8.62 -31.29
C PRO D 105 33.64 -8.96 -29.82
N TYR D 106 32.56 -8.73 -29.06
CA TYR D 106 32.40 -9.23 -27.71
C TYR D 106 31.30 -10.28 -27.72
N TYR D 107 31.64 -11.48 -27.29
CA TYR D 107 30.70 -12.60 -27.29
C TYR D 107 30.00 -12.67 -25.94
N PHE D 108 28.77 -12.18 -25.87
CA PHE D 108 28.00 -12.28 -24.63
C PHE D 108 27.70 -13.75 -24.32
N LYS D 109 27.37 -14.53 -25.35
CA LYS D 109 27.29 -15.98 -25.27
C LYS D 109 28.51 -16.58 -25.95
N SER D 110 28.84 -17.80 -25.56
CA SER D 110 30.00 -18.47 -26.13
C SER D 110 29.86 -18.54 -27.66
N ASN D 111 30.98 -18.32 -28.35
CA ASN D 111 30.99 -18.38 -29.80
C ASN D 111 31.05 -19.81 -30.33
N LYS D 112 31.21 -20.79 -29.45
CA LYS D 112 31.15 -22.20 -29.85
C LYS D 112 30.14 -22.93 -28.98
N SER D 113 30.60 -23.82 -28.11
CA SER D 113 29.66 -24.54 -27.25
C SER D 113 29.16 -23.61 -26.14
N PRO D 114 27.92 -23.78 -25.71
CA PRO D 114 27.36 -22.86 -24.71
C PRO D 114 28.11 -22.92 -23.39
N GLY D 115 28.05 -21.82 -22.65
CA GLY D 115 28.62 -21.78 -21.32
C GLY D 115 27.85 -22.68 -20.37
N PHE D 116 28.37 -22.78 -19.15
CA PHE D 116 27.84 -23.70 -18.16
C PHE D 116 26.91 -22.96 -17.21
N GLN D 117 25.95 -23.71 -16.66
CA GLN D 117 25.14 -23.29 -15.53
C GLN D 117 25.32 -24.32 -14.41
N TYR D 118 25.59 -23.84 -13.20
CA TYR D 118 25.76 -24.72 -12.05
C TYR D 118 24.96 -24.13 -10.89
N PHE D 119 23.78 -24.69 -10.66
CA PHE D 119 22.87 -24.22 -9.63
C PHE D 119 22.32 -25.40 -8.86
N ASN D 120 22.28 -25.26 -7.54
CA ASN D 120 21.71 -26.29 -6.66
C ASN D 120 22.38 -27.64 -6.89
N GLY D 121 23.67 -27.61 -7.19
CA GLY D 121 24.43 -28.82 -7.43
C GLY D 121 24.19 -29.47 -8.78
N VAL D 122 23.37 -28.88 -9.64
CA VAL D 122 23.07 -29.41 -10.95
C VAL D 122 23.85 -28.62 -11.99
N ARG D 123 24.60 -29.32 -12.83
CA ARG D 123 25.41 -28.71 -13.87
C ARG D 123 24.75 -28.96 -15.22
N ALA D 124 24.76 -27.93 -16.07
CA ALA D 124 24.17 -28.05 -17.40
C ALA D 124 24.72 -26.95 -18.29
N ARG D 125 24.51 -27.11 -19.59
CA ARG D 125 24.83 -26.08 -20.56
C ARG D 125 23.68 -25.08 -20.69
N ILE D 126 24.04 -23.83 -20.97
CA ILE D 126 23.01 -22.85 -21.29
C ILE D 126 22.21 -23.34 -22.48
N GLY D 127 20.89 -23.34 -22.34
CA GLY D 127 19.99 -23.75 -23.40
C GLY D 127 19.50 -25.18 -23.32
N GLU D 128 20.02 -25.97 -22.38
CA GLU D 128 19.64 -27.37 -22.28
C GLU D 128 18.31 -27.57 -21.55
N GLY D 129 17.72 -26.50 -21.03
CA GLY D 129 16.40 -26.61 -20.42
C GLY D 129 16.36 -27.28 -19.07
N SER D 130 17.47 -27.30 -18.34
CA SER D 130 17.47 -27.90 -17.01
C SER D 130 16.64 -27.06 -16.05
N SER D 131 16.05 -27.74 -15.07
CA SER D 131 15.32 -27.08 -14.00
C SER D 131 16.17 -26.84 -12.77
N PHE D 132 17.38 -27.42 -12.72
CA PHE D 132 18.30 -27.22 -11.60
C PHE D 132 17.60 -27.52 -10.28
N ASP D 133 16.86 -28.63 -10.26
CA ASP D 133 16.20 -29.13 -9.06
C ASP D 133 15.11 -28.17 -8.56
N ALA D 134 14.62 -27.30 -9.43
CA ALA D 134 13.58 -26.35 -9.01
C ALA D 134 12.36 -27.01 -8.38
N PRO D 135 11.90 -28.19 -8.84
CA PRO D 135 10.78 -28.83 -8.14
C PRO D 135 11.03 -29.05 -6.66
N ALA D 136 12.25 -29.47 -6.28
CA ALA D 136 12.56 -29.66 -4.87
C ALA D 136 12.51 -28.35 -4.11
N LEU D 137 12.73 -27.23 -4.79
CA LEU D 137 12.64 -25.91 -4.19
C LEU D 137 11.21 -25.44 -4.01
N GLY D 138 10.23 -26.16 -4.56
CA GLY D 138 8.84 -25.77 -4.45
C GLY D 138 8.29 -24.98 -5.61
N ILE D 139 8.97 -24.96 -6.75
CA ILE D 139 8.51 -24.24 -7.93
C ILE D 139 7.69 -25.20 -8.79
N ASN D 140 6.42 -24.87 -9.01
CA ASN D 140 5.57 -25.79 -9.72
C ASN D 140 5.97 -25.88 -11.19
N SER D 141 5.48 -26.93 -11.86
CA SER D 141 5.92 -27.23 -13.22
C SER D 141 5.50 -26.15 -14.21
N SER D 142 4.40 -25.43 -13.93
CA SER D 142 3.96 -24.40 -14.86
C SER D 142 4.97 -23.27 -14.94
N LEU D 143 5.42 -22.78 -13.78
CA LEU D 143 6.42 -21.71 -13.78
C LEU D 143 7.71 -22.16 -14.44
N ILE D 144 8.13 -23.41 -14.16
CA ILE D 144 9.35 -23.94 -14.75
C ILE D 144 9.23 -23.97 -16.27
N ASP D 145 8.08 -24.43 -16.78
CA ASP D 145 7.90 -24.52 -18.23
C ASP D 145 7.97 -23.14 -18.89
N ILE D 146 7.37 -22.13 -18.26
CA ILE D 146 7.46 -20.77 -18.80
C ILE D 146 8.90 -20.29 -18.75
N GLY D 147 9.54 -20.43 -17.61
CA GLY D 147 10.94 -20.07 -17.47
C GLY D 147 11.13 -18.68 -16.89
N VAL D 148 12.29 -18.49 -16.25
CA VAL D 148 12.58 -17.22 -15.58
C VAL D 148 12.59 -16.08 -16.59
N THR D 149 13.20 -16.29 -17.74
CA THR D 149 13.34 -15.21 -18.72
C THR D 149 11.97 -14.68 -19.15
N LYS D 150 11.06 -15.56 -19.52
CA LYS D 150 9.74 -15.10 -19.97
C LYS D 150 8.97 -14.43 -18.83
N ILE D 151 9.08 -14.97 -17.63
CA ILE D 151 8.36 -14.37 -16.50
C ILE D 151 8.86 -12.95 -16.27
N VAL D 152 10.19 -12.78 -16.17
CA VAL D 152 10.75 -11.45 -15.92
C VAL D 152 10.33 -10.48 -17.01
N ASN D 153 10.50 -10.90 -18.28
CA ASN D 153 10.11 -10.05 -19.40
CA ASN D 153 10.10 -10.05 -19.40
C ASN D 153 8.63 -9.67 -19.30
N ASP D 154 7.79 -10.59 -18.82
CA ASP D 154 6.36 -10.30 -18.72
C ASP D 154 6.11 -9.16 -17.73
N ALA D 155 6.89 -9.09 -16.65
CA ALA D 155 6.71 -8.02 -15.68
C ALA D 155 7.43 -6.74 -16.13
N VAL D 156 8.62 -6.87 -16.70
CA VAL D 156 9.43 -5.71 -17.04
C VAL D 156 9.09 -5.13 -18.40
N GLY D 157 8.67 -5.98 -19.35
CA GLY D 157 8.44 -5.57 -20.71
C GLY D 157 7.64 -4.30 -20.88
N PRO D 158 6.45 -4.25 -20.30
CA PRO D 158 5.62 -3.04 -20.47
C PRO D 158 6.33 -1.76 -20.09
N PHE D 159 7.02 -1.74 -18.95
CA PHE D 159 7.75 -0.54 -18.55
C PHE D 159 8.89 -0.25 -19.53
N ALA D 160 9.64 -1.27 -19.90
CA ALA D 160 10.80 -1.05 -20.78
C ALA D 160 10.35 -0.58 -22.16
N GLN D 161 9.27 -1.15 -22.68
CA GLN D 161 8.79 -0.74 -24.00
C GLN D 161 8.35 0.71 -23.99
N ALA D 162 7.70 1.15 -22.90
CA ALA D 162 7.27 2.54 -22.81
C ALA D 162 8.46 3.48 -22.75
N LEU D 163 9.53 3.08 -22.05
CA LEU D 163 10.73 3.91 -22.00
C LEU D 163 11.45 3.93 -23.34
N PHE D 164 11.47 2.79 -24.04
CA PHE D 164 12.05 2.77 -25.38
C PHE D 164 11.26 3.69 -26.32
N ASP D 165 9.93 3.69 -26.18
CA ASP D 165 9.11 4.59 -26.99
C ASP D 165 9.45 6.05 -26.73
N ASP D 166 9.72 6.40 -25.47
CA ASP D 166 10.18 7.75 -25.16
C ASP D 166 11.41 8.11 -26.00
N LEU D 167 12.41 7.23 -26.02
CA LEU D 167 13.64 7.52 -26.74
C LEU D 167 13.39 7.65 -28.24
N GLN D 168 12.53 6.79 -28.79
CA GLN D 168 12.35 6.75 -30.23
C GLN D 168 11.38 7.81 -30.71
N LYS D 169 10.31 8.07 -29.96
CA LYS D 169 9.29 9.03 -30.34
C LYS D 169 9.51 10.42 -29.73
N HIS D 170 10.55 10.58 -28.92
CA HIS D 170 10.87 11.87 -28.29
C HIS D 170 9.73 12.32 -27.37
N THR D 171 9.43 11.48 -26.39
CA THR D 171 8.43 11.77 -25.38
C THR D 171 9.00 11.50 -24.00
N THR D 172 8.24 11.89 -22.98
CA THR D 172 8.59 11.62 -21.59
C THR D 172 7.45 10.96 -20.82
N THR D 173 6.37 10.59 -21.51
CA THR D 173 5.25 9.95 -20.84
C THR D 173 5.65 8.59 -20.28
N GLY D 174 6.52 7.87 -20.99
CA GLY D 174 6.99 6.59 -20.49
C GLY D 174 7.75 6.72 -19.18
N TRP D 175 8.55 7.78 -19.04
CA TRP D 175 9.25 8.00 -17.79
C TRP D 175 8.29 8.43 -16.68
N ASP D 176 7.30 9.25 -17.02
CA ASP D 176 6.32 9.65 -16.01
C ASP D 176 5.61 8.43 -15.41
N ASP D 177 5.27 7.44 -16.24
CA ASP D 177 4.61 6.25 -15.71
C ASP D 177 5.59 5.41 -14.90
N MET D 178 6.83 5.29 -15.37
CA MET D 178 7.84 4.59 -14.57
C MET D 178 7.97 5.22 -13.20
N MET D 179 8.01 6.56 -13.14
CA MET D 179 8.13 7.25 -11.87
C MET D 179 6.89 7.07 -11.00
N LYS D 180 5.72 6.87 -11.60
CA LYS D 180 4.55 6.53 -10.81
C LYS D 180 4.72 5.19 -10.10
N ASN D 181 5.64 4.35 -10.58
CA ASN D 181 5.90 3.04 -10.00
C ASN D 181 7.29 2.94 -9.39
N ASP D 182 7.97 4.07 -9.17
CA ASP D 182 9.35 4.02 -8.71
C ASP D 182 9.47 3.61 -7.25
N ALA D 183 8.39 3.71 -6.47
CA ALA D 183 8.44 3.25 -5.09
C ALA D 183 8.56 1.72 -4.99
N TYR D 184 8.37 1.01 -6.09
CA TYR D 184 8.53 -0.43 -6.09
C TYR D 184 10.00 -0.82 -6.20
N SER D 185 10.40 -1.79 -5.39
CA SER D 185 11.51 -2.63 -5.76
C SER D 185 11.02 -3.68 -6.75
N THR D 186 11.96 -4.36 -7.39
CA THR D 186 11.56 -5.47 -8.25
C THR D 186 10.78 -6.50 -7.45
N ARG D 187 11.22 -6.78 -6.22
CA ARG D 187 10.55 -7.75 -5.37
C ARG D 187 9.15 -7.29 -5.01
N SER D 188 9.02 -6.05 -4.51
CA SER D 188 7.71 -5.60 -4.05
C SER D 188 6.74 -5.46 -5.23
N TYR D 189 7.25 -5.22 -6.44
CA TYR D 189 6.38 -5.23 -7.60
C TYR D 189 5.82 -6.63 -7.84
N PHE D 190 6.68 -7.64 -7.77
CA PHE D 190 6.21 -9.02 -7.93
C PHE D 190 5.30 -9.44 -6.80
N SER D 191 5.56 -8.95 -5.58
CA SER D 191 4.81 -9.41 -4.42
C SER D 191 3.44 -8.76 -4.29
N PHE D 192 3.29 -7.51 -4.75
CA PHE D 192 2.10 -6.74 -4.40
C PHE D 192 1.35 -6.14 -5.60
N LYS D 193 1.88 -6.23 -6.82
CA LYS D 193 1.22 -5.61 -7.96
C LYS D 193 1.14 -6.55 -9.15
N TYR D 194 2.26 -7.16 -9.52
CA TYR D 194 2.32 -7.96 -10.73
C TYR D 194 1.28 -9.07 -10.72
N LEU D 195 0.59 -9.21 -11.87
CA LEU D 195 -0.27 -10.36 -12.14
C LEU D 195 0.19 -10.95 -13.46
N PRO D 196 0.38 -12.27 -13.55
CA PRO D 196 0.92 -12.86 -14.77
C PRO D 196 -0.03 -12.71 -15.96
N SER D 197 0.56 -12.74 -17.15
CA SER D 197 -0.23 -12.64 -18.36
CA SER D 197 -0.22 -12.65 -18.37
C SER D 197 -1.23 -13.80 -18.42
N PRO D 198 -2.44 -13.56 -18.94
CA PRO D 198 -3.43 -14.66 -19.00
C PRO D 198 -2.95 -15.87 -19.77
N SER D 199 -2.02 -15.70 -20.70
CA SER D 199 -1.52 -16.82 -21.49
C SER D 199 -0.71 -17.81 -20.66
N PHE D 200 -0.22 -17.39 -19.49
CA PHE D 200 0.55 -18.31 -18.66
C PHE D 200 -0.32 -19.36 -18.00
N GLY D 201 -1.64 -19.17 -17.97
CA GLY D 201 -2.51 -20.15 -17.33
C GLY D 201 -2.25 -20.31 -15.86
N LEU D 202 -1.73 -19.29 -15.20
CA LEU D 202 -1.42 -19.34 -13.79
C LEU D 202 -2.58 -18.82 -12.95
N PRO D 203 -2.58 -19.10 -11.65
CA PRO D 203 -3.58 -18.49 -10.77
C PRO D 203 -3.47 -16.97 -10.81
N SER D 204 -4.62 -16.31 -10.62
CA SER D 204 -4.66 -14.86 -10.56
C SER D 204 -4.18 -14.45 -9.17
N GLU D 205 -2.87 -14.22 -9.04
CA GLU D 205 -2.29 -13.85 -7.77
C GLU D 205 -0.89 -13.30 -8.00
N HIS D 206 -0.40 -12.56 -7.01
CA HIS D 206 0.99 -12.13 -6.98
C HIS D 206 1.87 -13.30 -6.59
N PHE D 207 3.11 -13.29 -7.09
CA PHE D 207 4.06 -14.35 -6.79
C PHE D 207 4.48 -14.38 -5.32
N SER D 208 4.78 -15.59 -4.84
CA SER D 208 5.33 -15.78 -3.51
C SER D 208 6.80 -15.44 -3.47
N THR D 209 7.29 -15.22 -2.23
CA THR D 209 8.71 -14.95 -2.02
C THR D 209 9.59 -16.07 -2.55
N ARG D 210 9.17 -17.33 -2.35
CA ARG D 210 9.95 -18.46 -2.87
C ARG D 210 10.11 -18.38 -4.38
N VAL D 211 9.04 -18.05 -5.10
CA VAL D 211 9.15 -17.93 -6.55
C VAL D 211 9.97 -16.70 -6.94
N ILE D 212 9.79 -15.60 -6.22
CA ILE D 212 10.52 -14.37 -6.53
C ILE D 212 12.03 -14.58 -6.32
N ASN D 213 12.41 -15.27 -5.25
CA ASN D 213 13.83 -15.55 -5.03
C ASN D 213 14.38 -16.49 -6.08
N TRP D 214 13.55 -17.39 -6.60
CA TRP D 214 13.96 -18.23 -7.72
C TRP D 214 14.22 -17.38 -8.96
N LEU D 215 13.36 -16.41 -9.23
CA LEU D 215 13.59 -15.51 -10.35
C LEU D 215 14.93 -14.79 -10.21
N GLU D 216 15.16 -14.17 -9.05
CA GLU D 216 16.40 -13.41 -8.85
C GLU D 216 17.63 -14.30 -9.02
N THR D 217 17.56 -15.55 -8.56
CA THR D 217 18.71 -16.43 -8.62
C THR D 217 19.24 -16.57 -10.05
N PHE D 218 18.34 -16.76 -11.01
CA PHE D 218 18.74 -16.96 -12.39
C PHE D 218 18.71 -15.69 -13.23
N ASP D 219 18.04 -14.64 -12.77
CA ASP D 219 17.92 -13.42 -13.56
C ASP D 219 19.05 -12.44 -13.29
N LYS D 220 19.41 -12.22 -12.01
CA LYS D 220 20.41 -11.22 -11.66
C LYS D 220 21.34 -11.75 -10.58
N SER D 221 21.49 -11.01 -9.48
CA SER D 221 22.42 -11.32 -8.41
C SER D 221 21.71 -11.25 -7.08
N THR D 222 22.33 -11.82 -6.05
CA THR D 222 21.72 -11.88 -4.73
C THR D 222 21.48 -10.49 -4.17
N GLY D 223 20.20 -10.13 -3.98
CA GLY D 223 19.82 -8.84 -3.48
C GLY D 223 19.45 -7.81 -4.53
N TRP D 224 19.64 -8.13 -5.81
CA TRP D 224 19.29 -7.18 -6.87
C TRP D 224 17.83 -6.75 -6.76
N TYR D 225 16.94 -7.70 -6.46
CA TYR D 225 15.51 -7.42 -6.52
C TYR D 225 15.03 -6.49 -5.40
N ASP D 226 15.84 -6.24 -4.37
CA ASP D 226 15.45 -5.31 -3.32
C ASP D 226 15.76 -3.85 -3.66
N ARG D 227 16.46 -3.60 -4.75
CA ARG D 227 16.67 -2.23 -5.21
C ARG D 227 15.53 -1.83 -6.15
N GLY D 228 15.64 -0.64 -6.73
CA GLY D 228 14.49 -0.08 -7.43
C GLY D 228 14.11 -0.92 -8.65
N LEU D 229 12.80 -1.10 -8.82
CA LEU D 229 12.29 -1.69 -10.05
C LEU D 229 12.77 -0.92 -11.27
N THR D 230 12.88 0.41 -11.15
CA THR D 230 13.27 1.23 -12.30
C THR D 230 14.64 0.81 -12.83
N GLU D 231 15.56 0.46 -11.94
CA GLU D 231 16.88 0.02 -12.38
C GLU D 231 16.81 -1.27 -13.19
N THR D 232 15.93 -2.20 -12.79
CA THR D 232 15.75 -3.41 -13.57
C THR D 232 15.22 -3.09 -14.97
N VAL D 233 14.26 -2.16 -15.06
CA VAL D 233 13.72 -1.77 -16.35
C VAL D 233 14.81 -1.12 -17.20
N LEU D 234 15.57 -0.19 -16.60
CA LEU D 234 16.61 0.52 -17.35
C LEU D 234 17.73 -0.40 -17.77
N GLU D 235 18.02 -1.44 -16.98
CA GLU D 235 19.05 -2.39 -17.38
C GLU D 235 18.62 -3.22 -18.58
N ALA D 236 17.34 -3.62 -18.62
CA ALA D 236 16.84 -4.36 -19.77
C ALA D 236 16.94 -3.52 -21.04
N ILE D 237 16.68 -2.22 -20.94
CA ILE D 237 16.80 -1.35 -22.11
C ILE D 237 18.26 -1.29 -22.57
N ALA D 238 19.19 -1.14 -21.62
CA ALA D 238 20.59 -1.00 -21.99
C ALA D 238 21.11 -2.26 -22.66
N PHE D 239 20.67 -3.44 -22.20
CA PHE D 239 21.13 -4.70 -22.76
C PHE D 239 20.48 -5.01 -24.10
N GLY D 240 19.60 -4.16 -24.61
CA GLY D 240 19.00 -4.35 -25.91
C GLY D 240 17.88 -5.36 -25.96
N GLU D 241 17.23 -5.62 -24.82
CA GLU D 241 16.12 -6.57 -24.76
C GLU D 241 14.79 -5.93 -25.15
N VAL D 242 14.82 -4.73 -25.72
CA VAL D 242 13.62 -4.00 -26.08
C VAL D 242 13.84 -3.36 -27.45
N GLY D 243 12.73 -2.97 -28.08
CA GLY D 243 12.78 -2.33 -29.37
C GLY D 243 13.09 -3.29 -30.50
N ASP D 244 13.02 -2.75 -31.72
CA ASP D 244 13.22 -3.55 -32.92
C ASP D 244 14.69 -3.66 -33.32
N GLY D 245 15.52 -2.68 -32.95
CA GLY D 245 16.91 -2.71 -33.33
C GLY D 245 17.69 -3.77 -32.58
N GLU D 246 18.75 -4.26 -33.24
CA GLU D 246 19.65 -5.24 -32.65
C GLU D 246 20.90 -4.54 -32.12
N VAL D 247 21.60 -5.23 -31.22
CA VAL D 247 22.80 -4.68 -30.60
C VAL D 247 24.00 -5.42 -31.18
N ASP D 248 25.11 -4.70 -31.32
CA ASP D 248 26.39 -5.26 -31.74
C ASP D 248 27.32 -5.20 -30.54
N TRP D 249 27.49 -6.33 -29.86
CA TRP D 249 28.38 -6.38 -28.69
C TRP D 249 29.83 -6.25 -29.14
N ARG D 250 30.52 -5.24 -28.60
CA ARG D 250 31.91 -4.96 -28.93
C ARG D 250 32.71 -4.73 -27.66
N CYS D 251 34.01 -4.99 -27.77
CA CYS D 251 34.99 -4.57 -26.77
C CYS D 251 36.14 -3.91 -27.49
N ILE D 252 37.06 -3.33 -26.73
CA ILE D 252 38.13 -2.51 -27.27
C ILE D 252 39.42 -3.32 -27.26
N ASP D 253 40.03 -3.50 -28.43
CA ASP D 253 41.26 -4.25 -28.54
C ASP D 253 42.35 -3.61 -27.67
N GLY D 254 42.90 -4.40 -26.75
CA GLY D 254 43.88 -3.89 -25.82
C GLY D 254 43.33 -3.42 -24.49
N GLY D 255 42.02 -3.45 -24.31
CA GLY D 255 41.42 -3.07 -23.05
C GLY D 255 40.71 -1.73 -23.13
N SER D 256 39.75 -1.53 -22.23
CA SER D 256 38.96 -0.31 -22.22
C SER D 256 39.82 0.93 -21.97
N HIS D 257 41.01 0.75 -21.41
CA HIS D 257 41.92 1.88 -21.18
C HIS D 257 42.26 2.62 -22.46
N VAL D 258 42.17 1.95 -23.62
CA VAL D 258 42.53 2.60 -24.87
C VAL D 258 41.65 3.82 -25.11
N LEU D 259 40.38 3.77 -24.68
CA LEU D 259 39.48 4.89 -24.92
C LEU D 259 39.92 6.15 -24.18
N PRO D 260 40.06 6.14 -22.86
CA PRO D 260 40.54 7.36 -22.18
C PRO D 260 41.95 7.77 -22.57
N ASP D 261 42.83 6.80 -22.85
CA ASP D 261 44.17 7.13 -23.32
C ASP D 261 44.11 7.86 -24.66
N THR D 262 43.19 7.44 -25.53
CA THR D 262 43.09 8.07 -26.85
C THR D 262 42.50 9.47 -26.74
N ILE D 263 41.56 9.68 -25.81
CA ILE D 263 41.01 11.00 -25.60
C ILE D 263 42.07 11.94 -25.05
N ALA D 264 42.81 11.50 -24.04
CA ALA D 264 43.86 12.33 -23.47
C ALA D 264 44.88 12.73 -24.54
N ALA D 265 45.27 11.78 -25.39
CA ALA D 265 46.19 12.11 -26.48
C ALA D 265 45.55 13.09 -27.45
N PHE D 266 44.24 12.95 -27.69
CA PHE D 266 43.54 13.89 -28.56
C PHE D 266 43.55 15.29 -27.95
N LEU D 267 43.32 15.39 -26.64
CA LEU D 267 43.25 16.70 -26.01
C LEU D 267 44.61 17.37 -25.94
N HIS D 268 45.69 16.58 -25.89
CA HIS D 268 47.02 17.18 -25.81
C HIS D 268 47.50 17.59 -27.20
N LYS D 269 47.22 16.74 -28.20
CA LYS D 269 47.60 17.07 -29.58
C LYS D 269 46.84 18.29 -30.07
N LYS D 270 45.54 18.36 -29.78
CA LYS D 270 44.70 19.48 -30.21
C LYS D 270 44.50 20.44 -29.04
N GLY D 271 45.55 21.17 -28.74
CA GLY D 271 45.58 22.10 -27.62
C GLY D 271 46.54 21.59 -26.55
N GLY D 272 47.28 22.52 -25.96
CA GLY D 272 48.28 22.14 -24.97
C GLY D 272 47.68 21.34 -23.82
N ASN D 273 48.57 20.66 -23.10
CA ASN D 273 48.16 19.88 -21.94
C ASN D 273 47.39 20.77 -20.96
N ALA D 274 46.48 20.14 -20.21
CA ALA D 274 45.70 20.88 -19.23
C ALA D 274 45.17 19.96 -18.13
N PHE D 275 45.95 18.97 -17.74
CA PHE D 275 45.57 18.04 -16.67
C PHE D 275 46.37 18.36 -15.42
N VAL D 276 45.67 18.46 -14.29
CA VAL D 276 46.28 18.55 -12.97
C VAL D 276 46.14 17.18 -12.33
N MET D 277 47.21 16.40 -12.36
CA MET D 277 47.18 15.05 -11.83
C MET D 277 47.62 15.04 -10.37
N ASN D 278 47.28 13.96 -9.67
CA ASN D 278 47.71 13.76 -8.29
C ASN D 278 47.27 14.91 -7.39
N ALA D 279 46.05 15.38 -7.59
CA ALA D 279 45.49 16.49 -6.82
C ALA D 279 44.07 16.09 -6.41
N SER D 280 43.93 15.62 -5.17
CA SER D 280 42.62 15.22 -4.67
CA SER D 280 42.63 15.21 -4.65
C SER D 280 41.84 16.43 -4.21
N VAL D 281 40.64 16.60 -4.75
CA VAL D 281 39.81 17.74 -4.39
C VAL D 281 39.31 17.57 -2.95
N THR D 282 39.49 18.61 -2.13
CA THR D 282 39.02 18.61 -0.76
C THR D 282 37.94 19.63 -0.48
N ALA D 283 37.75 20.63 -1.34
CA ALA D 283 36.74 21.65 -1.12
C ALA D 283 36.32 22.24 -2.45
N ILE D 284 35.03 22.55 -2.56
CA ILE D 284 34.45 23.20 -3.73
C ILE D 284 33.45 24.23 -3.22
N GLY D 285 33.61 25.48 -3.65
CA GLY D 285 32.65 26.51 -3.25
C GLY D 285 32.93 27.83 -3.94
N LEU D 286 31.94 28.71 -3.83
CA LEU D 286 32.09 30.06 -4.32
C LEU D 286 33.12 30.83 -3.48
N GLU D 287 33.95 31.62 -4.16
CA GLU D 287 34.91 32.45 -3.44
C GLU D 287 34.20 33.40 -2.47
N ASN D 288 33.14 34.05 -2.93
CA ASN D 288 32.31 34.90 -2.08
C ASN D 288 30.86 34.63 -2.44
N PRO D 289 30.14 33.83 -1.64
CA PRO D 289 28.76 33.49 -2.00
C PRO D 289 27.81 34.67 -2.08
N ASN D 290 28.22 35.86 -1.64
CA ASN D 290 27.34 37.02 -1.69
C ASN D 290 27.50 37.83 -2.97
N LYS D 291 28.59 37.65 -3.72
CA LYS D 291 28.79 38.35 -4.97
C LYS D 291 28.25 37.51 -6.13
N GLU D 292 27.45 38.14 -6.99
CA GLU D 292 26.84 37.41 -8.10
C GLU D 292 27.89 36.96 -9.11
N ASP D 293 28.98 37.71 -9.29
CA ASP D 293 30.02 37.37 -10.23
C ASP D 293 31.14 36.55 -9.59
N SER D 294 30.89 35.94 -8.44
CA SER D 294 31.94 35.21 -7.75
C SER D 294 32.40 34.02 -8.60
N PRO D 295 33.70 33.80 -8.71
CA PRO D 295 34.19 32.56 -9.35
C PRO D 295 34.09 31.38 -8.40
N MET D 296 34.25 30.19 -8.96
CA MET D 296 34.33 28.97 -8.16
C MET D 296 35.77 28.76 -7.69
N VAL D 297 35.91 28.15 -6.51
CA VAL D 297 37.21 27.78 -5.95
C VAL D 297 37.23 26.28 -5.72
N VAL D 298 38.26 25.63 -6.24
CA VAL D 298 38.50 24.20 -6.01
C VAL D 298 39.81 24.08 -5.26
N VAL D 299 39.77 23.48 -4.08
CA VAL D 299 40.97 23.19 -3.29
C VAL D 299 41.37 21.75 -3.57
N ALA D 300 42.58 21.57 -4.09
CA ALA D 300 43.11 20.25 -4.41
C ALA D 300 44.59 20.24 -4.10
N GLY D 301 45.04 19.24 -3.35
CA GLY D 301 46.43 19.19 -2.95
C GLY D 301 46.88 20.42 -2.18
N GLY D 302 45.99 21.02 -1.39
CA GLY D 302 46.34 22.20 -0.64
C GLY D 302 46.46 23.49 -1.43
N GLN D 303 46.05 23.50 -2.69
CA GLN D 303 46.14 24.66 -3.56
C GLN D 303 44.76 25.08 -4.03
N LYS D 304 44.52 26.39 -4.03
CA LYS D 304 43.28 26.98 -4.50
C LYS D 304 43.36 27.27 -6.00
N ARG D 305 42.39 26.76 -6.75
CA ARG D 305 42.29 27.02 -8.18
CA ARG D 305 42.29 27.02 -8.18
C ARG D 305 40.93 27.64 -8.46
N LYS D 306 40.93 28.77 -9.14
CA LYS D 306 39.72 29.52 -9.43
C LYS D 306 39.19 29.18 -10.82
N TYR D 307 37.87 29.05 -10.92
CA TYR D 307 37.20 28.77 -12.18
C TYR D 307 35.89 29.55 -12.22
N SER D 308 35.44 29.84 -13.44
CA SER D 308 34.12 30.46 -13.60
C SER D 308 33.02 29.46 -13.29
N HIS D 309 33.13 28.24 -13.83
CA HIS D 309 32.20 27.16 -13.56
C HIS D 309 32.98 25.89 -13.30
N VAL D 310 32.32 24.96 -12.62
CA VAL D 310 32.91 23.67 -12.28
C VAL D 310 31.95 22.57 -12.73
N ILE D 311 32.48 21.59 -13.46
CA ILE D 311 31.75 20.37 -13.79
C ILE D 311 32.39 19.25 -12.98
N SER D 312 31.64 18.74 -12.01
CA SER D 312 32.10 17.65 -11.17
C SER D 312 31.64 16.32 -11.76
N THR D 313 32.59 15.39 -11.92
CA THR D 313 32.28 14.01 -12.25
C THR D 313 32.60 13.07 -11.10
N LEU D 314 32.79 13.62 -9.90
CA LEU D 314 33.07 12.78 -8.75
C LEU D 314 31.84 11.97 -8.37
N PRO D 315 32.00 10.69 -8.02
CA PRO D 315 30.86 9.93 -7.51
C PRO D 315 30.21 10.62 -6.33
N LEU D 316 28.90 10.44 -6.18
CA LEU D 316 28.18 11.07 -5.10
C LEU D 316 28.78 10.79 -3.72
N PRO D 317 29.17 9.57 -3.38
CA PRO D 317 29.79 9.35 -2.05
C PRO D 317 31.09 10.12 -1.88
N VAL D 318 31.83 10.34 -2.97
CA VAL D 318 33.05 11.12 -2.90
C VAL D 318 32.74 12.58 -2.59
N LEU D 319 31.69 13.13 -3.21
CA LEU D 319 31.29 14.50 -2.91
C LEU D 319 30.96 14.67 -1.44
N ARG D 320 30.46 13.61 -0.79
CA ARG D 320 30.15 13.66 0.63
C ARG D 320 31.42 13.74 1.48
N THR D 321 32.59 13.45 0.92
CA THR D 321 33.86 13.63 1.63
C THR D 321 34.52 14.96 1.29
N VAL D 322 33.91 15.77 0.43
CA VAL D 322 34.43 17.08 0.03
C VAL D 322 33.68 18.17 0.77
N ASP D 323 34.40 19.21 1.19
CA ASP D 323 33.77 20.34 1.86
C ASP D 323 33.01 21.17 0.83
N LEU D 324 31.68 21.07 0.84
CA LEU D 324 30.84 21.77 -0.12
C LEU D 324 30.19 23.02 0.44
N LYS D 325 30.68 23.53 1.58
CA LYS D 325 30.19 24.81 2.05
C LYS D 325 30.58 25.90 1.05
N ASN D 326 29.66 26.82 0.81
CA ASN D 326 29.77 27.89 -0.18
C ASN D 326 29.45 27.39 -1.58
N SER D 327 29.11 26.10 -1.76
CA SER D 327 28.49 25.64 -2.99
C SER D 327 26.97 25.73 -2.94
N LYS D 328 26.39 26.04 -1.78
CA LYS D 328 24.98 26.39 -1.66
C LYS D 328 24.07 25.34 -2.29
N LEU D 329 24.31 24.08 -1.97
CA LEU D 329 23.38 23.03 -2.36
C LEU D 329 22.04 23.27 -1.64
N ASP D 330 20.94 23.06 -2.36
CA ASP D 330 19.66 23.14 -1.68
C ASP D 330 19.44 21.86 -0.88
N ILE D 331 18.41 21.89 -0.02
CA ILE D 331 18.20 20.82 0.94
C ILE D 331 17.98 19.48 0.24
N VAL D 332 17.37 19.50 -0.95
CA VAL D 332 17.15 18.25 -1.67
C VAL D 332 18.45 17.73 -2.25
N GLN D 333 19.24 18.61 -2.84
CA GLN D 333 20.54 18.21 -3.40
C GLN D 333 21.43 17.57 -2.34
N SER D 334 21.50 18.17 -1.15
CA SER D 334 22.38 17.61 -0.12
C SER D 334 21.86 16.27 0.37
N ASN D 335 20.53 16.14 0.49
CA ASN D 335 19.95 14.83 0.80
C ASN D 335 20.27 13.82 -0.29
N ALA D 336 20.20 14.25 -1.56
CA ALA D 336 20.42 13.33 -2.66
C ALA D 336 21.83 12.75 -2.63
N LEU D 337 22.83 13.58 -2.33
CA LEU D 337 24.21 13.09 -2.29
C LEU D 337 24.33 11.91 -1.35
N ARG D 338 23.56 11.92 -0.26
CA ARG D 338 23.65 10.87 0.74
C ARG D 338 22.78 9.68 0.36
N LYS D 339 21.56 9.93 -0.10
CA LYS D 339 20.55 8.88 -0.20
C LYS D 339 20.59 8.15 -1.54
N LEU D 340 20.90 8.83 -2.63
CA LEU D 340 20.95 8.17 -3.93
C LEU D 340 21.93 7.00 -3.85
N GLN D 341 21.43 5.79 -4.01
CA GLN D 341 22.15 4.60 -3.60
C GLN D 341 23.15 4.15 -4.64
N TYR D 342 24.30 3.66 -4.17
CA TYR D 342 25.31 3.01 -4.98
C TYR D 342 25.27 1.50 -4.74
N GLY D 343 25.80 0.77 -5.71
CA GLY D 343 25.88 -0.67 -5.61
C GLY D 343 27.32 -1.16 -5.70
N PRO D 344 27.58 -2.35 -5.16
CA PRO D 344 28.94 -2.89 -5.15
C PRO D 344 29.23 -3.81 -6.33
N SER D 345 30.52 -4.10 -6.50
CA SER D 345 30.95 -5.10 -7.46
C SER D 345 32.42 -5.43 -7.21
N ILE D 346 32.78 -6.69 -7.46
CA ILE D 346 34.15 -7.14 -7.40
C ILE D 346 34.43 -7.93 -8.67
N LYS D 347 35.70 -7.99 -9.06
CA LYS D 347 36.16 -8.85 -10.13
C LYS D 347 37.44 -9.54 -9.69
N ILE D 348 37.62 -10.77 -10.17
CA ILE D 348 38.83 -11.55 -9.92
C ILE D 348 39.34 -12.06 -11.26
N GLY D 349 40.52 -11.61 -11.66
CA GLY D 349 41.17 -12.07 -12.87
C GLY D 349 42.31 -13.02 -12.54
N ILE D 350 42.43 -14.09 -13.33
CA ILE D 350 43.44 -15.12 -13.12
C ILE D 350 44.15 -15.36 -14.44
N LEU D 351 45.47 -15.19 -14.46
CA LEU D 351 46.30 -15.59 -15.59
C LEU D 351 46.62 -17.07 -15.45
N PHE D 352 46.27 -17.85 -16.47
CA PHE D 352 46.58 -19.27 -16.53
C PHE D 352 47.70 -19.51 -17.55
N LYS D 353 48.17 -20.75 -17.58
CA LYS D 353 49.20 -21.13 -18.55
C LYS D 353 48.64 -21.37 -19.94
N GLU D 354 47.31 -21.53 -20.05
CA GLU D 354 46.69 -21.85 -21.33
C GLU D 354 45.22 -21.49 -21.25
N PRO D 355 44.54 -21.36 -22.38
CA PRO D 355 43.09 -21.12 -22.34
C PRO D 355 42.31 -22.43 -22.21
N TRP D 356 42.41 -23.03 -21.03
CA TRP D 356 41.85 -24.36 -20.82
C TRP D 356 40.35 -24.41 -21.11
N TRP D 357 39.65 -23.29 -20.91
CA TRP D 357 38.23 -23.26 -21.22
C TRP D 357 37.98 -23.43 -22.72
N THR D 358 38.97 -23.17 -23.56
CA THR D 358 38.85 -23.32 -25.00
C THR D 358 39.43 -24.64 -25.51
N THR D 359 40.55 -25.08 -24.94
CA THR D 359 41.26 -26.25 -25.44
C THR D 359 41.19 -27.46 -24.51
N GLY D 360 40.75 -27.28 -23.26
CA GLY D 360 40.82 -28.35 -22.29
C GLY D 360 39.60 -29.24 -22.29
N GLN D 361 39.59 -30.17 -21.35
CA GLN D 361 38.51 -31.12 -21.17
C GLN D 361 38.28 -31.36 -19.68
N ASP D 362 37.06 -31.79 -19.34
CA ASP D 362 36.71 -31.98 -17.93
C ASP D 362 37.24 -33.34 -17.47
N LYS D 363 36.93 -33.68 -16.21
CA LYS D 363 37.47 -34.91 -15.64
C LYS D 363 36.97 -36.16 -16.35
N ASN D 364 35.89 -36.06 -17.13
CA ASN D 364 35.34 -37.20 -17.85
C ASN D 364 35.70 -37.19 -19.33
N GLY D 365 36.56 -36.27 -19.76
CA GLY D 365 36.99 -36.20 -21.14
C GLY D 365 36.14 -35.34 -22.05
N GLU D 366 35.10 -34.69 -21.53
CA GLU D 366 34.26 -33.82 -22.35
C GLU D 366 34.92 -32.46 -22.50
N LYS D 367 35.09 -32.01 -23.74
CA LYS D 367 35.73 -30.73 -24.01
C LYS D 367 34.82 -29.58 -23.62
N PHE D 368 35.39 -28.56 -22.98
CA PHE D 368 34.60 -27.38 -22.64
C PHE D 368 34.16 -26.64 -23.91
N ASP D 369 35.10 -26.41 -24.83
CA ASP D 369 34.81 -25.80 -26.12
C ASP D 369 34.13 -24.45 -25.95
N LEU D 370 34.70 -23.62 -25.09
CA LEU D 370 34.18 -22.29 -24.79
C LEU D 370 35.07 -21.24 -25.44
N VAL D 371 34.45 -20.33 -26.18
CA VAL D 371 35.14 -19.19 -26.78
C VAL D 371 34.31 -17.95 -26.42
N GLY D 372 34.88 -17.09 -25.56
CA GLY D 372 34.09 -16.00 -25.06
C GLY D 372 32.90 -16.53 -24.28
N GLY D 373 31.89 -15.68 -24.14
CA GLY D 373 30.70 -16.05 -23.41
C GLY D 373 30.93 -16.03 -21.91
N GLN D 374 29.97 -16.61 -21.20
CA GLN D 374 29.96 -16.56 -19.75
C GLN D 374 29.33 -17.84 -19.19
N SER D 375 29.72 -18.18 -17.97
CA SER D 375 29.10 -19.25 -17.19
C SER D 375 28.54 -18.65 -15.91
N TYR D 376 27.50 -19.29 -15.39
CA TYR D 376 26.76 -18.77 -14.25
C TYR D 376 26.60 -19.86 -13.20
N THR D 377 26.61 -19.44 -11.93
CA THR D 377 26.46 -20.37 -10.83
C THR D 377 25.92 -19.62 -9.62
N ASP D 378 25.31 -20.38 -8.72
CA ASP D 378 24.94 -19.84 -7.42
C ASP D 378 26.08 -19.94 -6.42
N LEU D 379 27.21 -20.49 -6.83
CA LEU D 379 28.41 -20.48 -6.01
C LEU D 379 28.92 -19.05 -5.84
N PRO D 380 29.74 -18.80 -4.81
CA PRO D 380 30.18 -17.43 -4.53
C PRO D 380 30.72 -16.66 -5.73
N ILE D 381 31.39 -17.32 -6.69
CA ILE D 381 31.94 -16.57 -7.81
C ILE D 381 30.84 -16.07 -8.75
N ARG D 382 29.66 -16.70 -8.73
CA ARG D 382 28.47 -16.25 -9.44
C ARG D 382 28.62 -16.24 -10.96
N THR D 383 29.55 -15.47 -11.51
CA THR D 383 29.67 -15.32 -12.95
C THR D 383 31.12 -15.46 -13.39
N VAL D 384 31.34 -16.26 -14.44
CA VAL D 384 32.65 -16.43 -15.07
C VAL D 384 32.56 -15.85 -16.48
N VAL D 385 33.55 -15.04 -16.85
CA VAL D 385 33.56 -14.37 -18.15
C VAL D 385 34.83 -14.78 -18.90
N TYR D 386 34.66 -15.49 -20.00
CA TYR D 386 35.80 -15.88 -20.83
C TYR D 386 36.13 -14.78 -21.83
N PRO D 387 37.42 -14.55 -22.12
CA PRO D 387 37.78 -13.40 -22.94
C PRO D 387 37.35 -13.57 -24.39
N SER D 388 36.82 -12.48 -24.96
CA SER D 388 36.50 -12.44 -26.39
C SER D 388 37.64 -11.85 -27.22
N TYR D 389 38.49 -11.05 -26.61
CA TYR D 389 39.60 -10.41 -27.32
C TYR D 389 40.72 -11.41 -27.57
N GLY D 390 41.24 -11.37 -28.79
CA GLY D 390 42.40 -12.16 -29.16
C GLY D 390 42.15 -13.63 -29.42
N VAL D 391 40.89 -14.07 -29.43
CA VAL D 391 40.62 -15.50 -29.49
C VAL D 391 41.13 -16.11 -30.79
N ASN D 392 41.22 -15.32 -31.85
CA ASN D 392 41.62 -15.81 -33.17
C ASN D 392 43.05 -15.46 -33.52
N THR D 393 43.79 -14.79 -32.64
CA THR D 393 45.17 -14.44 -32.92
C THR D 393 46.11 -15.61 -32.64
N ASN D 394 47.39 -15.42 -32.96
CA ASN D 394 48.40 -16.43 -32.72
C ASN D 394 48.80 -16.54 -31.25
N ALA D 395 48.36 -15.60 -30.41
CA ALA D 395 48.62 -15.64 -28.96
C ALA D 395 47.32 -15.35 -28.24
N PRO D 396 46.38 -16.29 -28.23
CA PRO D 396 45.11 -16.05 -27.55
C PRO D 396 45.29 -15.76 -26.07
N SER D 397 44.29 -15.12 -25.49
CA SER D 397 44.36 -14.75 -24.08
C SER D 397 44.37 -15.98 -23.19
N ASN D 398 45.26 -15.96 -22.20
CA ASN D 398 45.27 -16.95 -21.13
C ASN D 398 44.66 -16.40 -19.84
N THR D 399 44.00 -15.25 -19.91
CA THR D 399 43.47 -14.57 -18.74
C THR D 399 41.96 -14.75 -18.65
N LEU D 400 41.49 -15.17 -17.48
CA LEU D 400 40.08 -15.42 -17.24
C LEU D 400 39.57 -14.47 -16.17
N ILE D 401 38.33 -13.99 -16.35
CA ILE D 401 37.61 -13.33 -15.27
C ILE D 401 36.93 -14.45 -14.48
N ALA D 402 37.60 -14.90 -13.42
CA ALA D 402 37.12 -16.05 -12.67
C ALA D 402 35.90 -15.73 -11.83
N SER D 403 35.68 -14.45 -11.52
CA SER D 403 34.51 -14.07 -10.72
C SER D 403 34.16 -12.62 -11.04
N TYR D 404 32.87 -12.38 -11.24
CA TYR D 404 32.34 -11.03 -11.46
C TYR D 404 31.00 -10.98 -10.72
N CYS D 405 30.97 -10.26 -9.60
CA CYS D 405 29.84 -10.31 -8.68
C CYS D 405 29.20 -8.93 -8.49
N TRP D 406 27.92 -8.96 -8.13
CA TRP D 406 27.15 -7.76 -7.80
C TRP D 406 26.51 -7.93 -6.42
N THR D 407 25.94 -6.83 -5.93
CA THR D 407 25.11 -6.82 -4.73
C THR D 407 25.67 -7.71 -3.62
N ASN D 408 24.83 -8.53 -2.98
CA ASN D 408 25.29 -9.27 -1.80
C ASN D 408 26.51 -10.13 -2.12
N ASP D 409 26.54 -10.74 -3.31
CA ASP D 409 27.65 -11.61 -3.66
C ASP D 409 28.97 -10.85 -3.66
N ALA D 410 28.96 -9.61 -4.16
CA ALA D 410 30.16 -8.81 -4.17
C ALA D 410 30.51 -8.31 -2.77
N GLU D 411 29.49 -7.98 -1.97
CA GLU D 411 29.74 -7.52 -0.60
C GLU D 411 30.44 -8.61 0.21
N ARG D 412 29.95 -9.84 0.12
CA ARG D 412 30.56 -10.94 0.87
C ARG D 412 31.97 -11.21 0.37
N MET D 413 32.13 -11.35 -0.95
CA MET D 413 33.45 -11.66 -1.50
C MET D 413 34.46 -10.55 -1.19
N GLY D 414 34.00 -9.31 -1.08
CA GLY D 414 34.93 -8.21 -0.84
C GLY D 414 35.77 -8.38 0.41
N SER D 415 35.26 -9.11 1.39
CA SER D 415 36.02 -9.31 2.62
C SER D 415 37.29 -10.11 2.41
N LEU D 416 37.38 -10.87 1.32
CA LEU D 416 38.56 -11.66 1.00
C LEU D 416 39.49 -10.97 0.02
N ILE D 417 39.15 -9.76 -0.42
CA ILE D 417 39.91 -9.04 -1.44
C ILE D 417 40.58 -7.84 -0.80
N GLY D 418 41.81 -7.54 -1.22
CA GLY D 418 42.50 -6.36 -0.76
C GLY D 418 42.85 -6.36 0.71
N THR D 419 43.00 -7.53 1.31
CA THR D 419 43.38 -7.61 2.72
C THR D 419 44.85 -7.30 2.91
N GLY D 420 45.67 -7.53 1.89
CA GLY D 420 47.10 -7.38 2.00
C GLY D 420 47.81 -8.52 2.69
N ALA D 421 47.10 -9.59 3.03
CA ALA D 421 47.66 -10.75 3.72
C ALA D 421 47.63 -11.97 2.81
N ALA D 422 48.80 -12.60 2.62
CA ALA D 422 48.88 -13.77 1.77
C ALA D 422 47.92 -14.87 2.23
N THR D 423 47.72 -15.01 3.54
CA THR D 423 46.85 -16.07 4.03
C THR D 423 45.45 -15.96 3.43
N TYR D 424 44.90 -14.75 3.39
CA TYR D 424 43.59 -14.57 2.77
C TYR D 424 43.67 -14.56 1.25
N GLU D 425 44.78 -14.11 0.69
CA GLU D 425 44.98 -14.26 -0.75
C GLU D 425 44.91 -15.72 -1.14
N GLU D 426 45.54 -16.60 -0.34
CA GLU D 426 45.50 -18.04 -0.61
C GLU D 426 44.12 -18.61 -0.38
N GLN D 427 43.44 -18.17 0.68
CA GLN D 427 42.06 -18.60 0.90
C GLN D 427 41.19 -18.22 -0.28
N LEU D 428 41.34 -16.98 -0.77
CA LEU D 428 40.54 -16.53 -1.90
C LEU D 428 40.80 -17.37 -3.14
N GLU D 429 42.08 -17.57 -3.48
CA GLU D 429 42.42 -18.33 -4.67
C GLU D 429 41.83 -19.74 -4.62
N HIS D 430 41.96 -20.40 -3.46
CA HIS D 430 41.46 -21.76 -3.34
C HIS D 430 39.94 -21.81 -3.50
N LEU D 431 39.24 -20.85 -2.91
CA LEU D 431 37.79 -20.79 -3.07
C LEU D 431 37.41 -20.61 -4.54
N VAL D 432 38.10 -19.69 -5.23
CA VAL D 432 37.77 -19.40 -6.62
C VAL D 432 38.02 -20.62 -7.49
N LEU D 433 39.17 -21.26 -7.34
CA LEU D 433 39.47 -22.45 -8.12
C LEU D 433 38.51 -23.59 -7.78
N SER D 434 38.13 -23.70 -6.51
CA SER D 434 37.17 -24.73 -6.13
C SER D 434 35.82 -24.49 -6.79
N ASN D 435 35.36 -23.24 -6.81
CA ASN D 435 34.10 -22.92 -7.49
C ASN D 435 34.22 -23.20 -8.98
N LEU D 436 35.30 -22.74 -9.61
CA LEU D 436 35.51 -23.00 -11.03
C LEU D 436 35.50 -24.49 -11.32
N ALA D 437 36.18 -25.29 -10.49
CA ALA D 437 36.22 -26.72 -10.70
C ALA D 437 34.82 -27.33 -10.65
N ALA D 438 34.00 -26.91 -9.68
CA ALA D 438 32.65 -27.43 -9.60
C ALA D 438 31.82 -26.97 -10.80
N VAL D 439 32.03 -25.74 -11.25
CA VAL D 439 31.26 -25.22 -12.39
C VAL D 439 31.60 -26.00 -13.66
N HIS D 440 32.89 -26.26 -13.89
CA HIS D 440 33.34 -26.89 -15.13
C HIS D 440 33.51 -28.40 -15.00
N ASN D 441 33.32 -28.96 -13.81
CA ASN D 441 33.46 -30.41 -13.59
C ASN D 441 34.90 -30.86 -13.77
N THR D 442 35.83 -30.15 -13.13
CA THR D 442 37.22 -30.55 -13.09
C THR D 442 37.63 -30.77 -11.64
N ASP D 443 38.86 -31.25 -11.47
CA ASP D 443 39.47 -31.32 -10.16
C ASP D 443 40.09 -29.97 -9.81
N TYR D 444 40.28 -29.74 -8.51
CA TYR D 444 40.96 -28.52 -8.08
C TYR D 444 42.36 -28.43 -8.68
N GLN D 445 43.11 -29.54 -8.61
CA GLN D 445 44.51 -29.49 -9.03
C GLN D 445 44.65 -29.21 -10.51
N TYR D 446 43.69 -29.65 -11.32
CA TYR D 446 43.73 -29.36 -12.75
C TYR D 446 43.84 -27.87 -13.00
N LEU D 447 43.10 -27.06 -12.23
CA LEU D 447 43.17 -25.61 -12.40
C LEU D 447 44.36 -25.02 -11.66
N LYS D 448 44.69 -25.55 -10.48
CA LYS D 448 45.83 -25.04 -9.74
C LYS D 448 47.13 -25.21 -10.53
N ASP D 449 47.33 -26.37 -11.15
CA ASP D 449 48.53 -26.60 -11.95
C ASP D 449 48.67 -25.57 -13.07
N ARG D 450 47.57 -24.97 -13.52
CA ARG D 450 47.60 -24.05 -14.64
C ARG D 450 47.56 -22.59 -14.22
N LEU D 451 47.47 -22.31 -12.92
CA LEU D 451 47.39 -20.94 -12.45
C LEU D 451 48.78 -20.30 -12.41
N VAL D 452 48.86 -19.06 -12.85
CA VAL D 452 50.10 -18.29 -12.86
C VAL D 452 50.04 -17.11 -11.90
N ASP D 453 49.01 -16.26 -12.05
CA ASP D 453 48.91 -15.05 -11.24
CA ASP D 453 48.90 -15.07 -11.21
C ASP D 453 47.43 -14.70 -11.05
N VAL D 454 47.13 -14.02 -9.95
CA VAL D 454 45.78 -13.59 -9.62
C VAL D 454 45.79 -12.10 -9.35
N HIS D 455 44.74 -11.42 -9.82
CA HIS D 455 44.51 -10.02 -9.52
C HIS D 455 43.04 -9.86 -9.16
N SER D 456 42.76 -9.16 -8.06
CA SER D 456 41.40 -9.01 -7.56
C SER D 456 41.15 -7.55 -7.18
N TRP D 457 39.89 -7.14 -7.26
CA TRP D 457 39.54 -5.74 -7.07
C TRP D 457 38.14 -5.63 -6.49
N ASP D 458 37.98 -4.72 -5.53
CA ASP D 458 36.70 -4.46 -4.87
C ASP D 458 36.38 -2.98 -5.03
N TRP D 459 35.47 -2.66 -5.96
CA TRP D 459 35.10 -1.27 -6.17
C TRP D 459 34.36 -0.67 -4.97
N ASN D 460 33.91 -1.50 -4.03
CA ASN D 460 33.30 -0.99 -2.80
C ASN D 460 34.32 -0.83 -1.68
N HIS D 461 35.60 -1.02 -1.97
CA HIS D 461 36.71 -0.72 -1.05
CA HIS D 461 36.68 -0.68 -1.04
C HIS D 461 37.78 0.05 -1.82
N ASN D 462 37.39 1.20 -2.34
CA ASN D 462 38.23 2.04 -3.19
C ASN D 462 37.83 3.49 -2.96
N PRO D 463 38.68 4.29 -2.31
CA PRO D 463 38.31 5.67 -2.01
C PRO D 463 37.94 6.50 -3.23
N LEU D 464 38.41 6.13 -4.42
CA LEU D 464 38.16 6.94 -5.61
C LEU D 464 36.79 6.68 -6.21
N THR D 465 36.12 5.60 -5.84
CA THR D 465 34.78 5.29 -6.31
C THR D 465 33.77 5.12 -5.19
N MET D 466 34.16 4.51 -4.07
CA MET D 466 33.27 4.33 -2.92
C MET D 466 32.00 3.60 -3.34
N GLY D 467 32.19 2.51 -4.08
CA GLY D 467 31.10 1.80 -4.71
C GLY D 467 31.42 1.53 -6.16
N ALA D 468 30.79 0.52 -6.74
CA ALA D 468 31.03 0.25 -8.16
C ALA D 468 30.37 1.31 -9.04
N PHE D 469 29.12 1.67 -8.72
CA PHE D 469 28.37 2.61 -9.54
C PHE D 469 27.04 2.84 -8.85
N ALA D 470 26.32 3.85 -9.35
CA ALA D 470 24.96 4.10 -8.89
C ALA D 470 24.09 2.86 -9.12
N PHE D 471 23.30 2.51 -8.12
CA PHE D 471 22.35 1.41 -8.21
C PHE D 471 21.18 1.82 -7.29
N PHE D 472 20.28 2.62 -7.83
CA PHE D 472 19.27 3.30 -7.03
C PHE D 472 18.30 2.32 -6.39
N GLY D 473 17.91 2.61 -5.16
CA GLY D 473 16.81 1.94 -4.53
C GLY D 473 15.48 2.55 -4.92
N PRO D 474 14.40 1.92 -4.47
CA PRO D 474 13.07 2.47 -4.76
C PRO D 474 12.95 3.90 -4.27
N GLY D 475 12.37 4.75 -5.12
CA GLY D 475 12.10 6.13 -4.78
C GLY D 475 13.21 7.10 -5.14
N ASP D 476 14.43 6.61 -5.33
CA ASP D 476 15.55 7.51 -5.61
C ASP D 476 15.30 8.31 -6.88
N PHE D 477 14.86 7.63 -7.95
CA PHE D 477 14.67 8.31 -9.22
C PHE D 477 13.52 9.32 -9.15
N GLN D 478 12.41 8.96 -8.50
CA GLN D 478 11.25 9.83 -8.47
CA GLN D 478 11.25 9.83 -8.47
C GLN D 478 11.43 11.00 -7.50
N ASP D 479 12.15 10.80 -6.40
CA ASP D 479 12.23 11.80 -5.35
C ASP D 479 13.44 12.73 -5.46
N LEU D 480 14.63 12.17 -5.66
CA LEU D 480 15.87 12.92 -5.47
C LEU D 480 16.72 13.09 -6.73
N TYR D 481 16.49 12.28 -7.77
CA TYR D 481 17.38 12.28 -8.92
C TYR D 481 17.42 13.64 -9.61
N THR D 482 16.27 14.27 -9.80
CA THR D 482 16.24 15.51 -10.58
C THR D 482 16.99 16.65 -9.88
N SER D 483 17.01 16.66 -8.54
CA SER D 483 17.62 17.78 -7.83
C SER D 483 19.07 18.00 -8.27
N LEU D 484 19.78 16.94 -8.64
CA LEU D 484 21.18 17.06 -9.00
C LEU D 484 21.40 17.42 -10.47
N ASN D 485 20.36 17.38 -11.30
CA ASN D 485 20.50 17.94 -12.64
C ASN D 485 20.31 19.45 -12.67
N ARG D 486 19.79 20.07 -11.59
CA ARG D 486 19.93 21.52 -11.54
C ARG D 486 21.23 21.90 -10.85
N PRO D 487 21.87 22.99 -11.25
CA PRO D 487 23.18 23.33 -10.70
C PRO D 487 23.09 23.80 -9.25
N ALA D 488 24.25 23.93 -8.64
CA ALA D 488 24.42 24.54 -7.34
C ALA D 488 25.36 25.74 -7.46
N ALA D 489 25.66 26.36 -6.32
CA ALA D 489 26.62 27.46 -6.26
C ALA D 489 26.22 28.58 -7.21
N ASN D 490 24.99 29.06 -7.07
CA ASN D 490 24.48 30.15 -7.91
C ASN D 490 24.64 29.82 -9.39
N GLY D 491 24.38 28.55 -9.72
CA GLY D 491 24.45 28.09 -11.10
C GLY D 491 25.81 27.72 -11.60
N LYS D 492 26.85 27.77 -10.76
CA LYS D 492 28.22 27.59 -11.21
C LYS D 492 28.79 26.21 -10.88
N LEU D 493 28.07 25.36 -10.16
CA LEU D 493 28.50 23.99 -9.91
C LEU D 493 27.52 23.04 -10.59
N HIS D 494 28.04 22.23 -11.50
CA HIS D 494 27.23 21.28 -12.27
C HIS D 494 27.63 19.86 -11.92
N PHE D 495 26.64 19.05 -11.54
CA PHE D 495 26.87 17.66 -11.15
C PHE D 495 26.80 16.76 -12.36
N ALA D 496 27.84 15.95 -12.56
CA ALA D 496 27.91 15.01 -13.66
C ALA D 496 28.49 13.70 -13.13
N GLY D 497 28.79 12.77 -14.04
CA GLY D 497 29.12 11.41 -13.69
C GLY D 497 27.97 10.45 -13.96
N GLU D 498 28.30 9.16 -14.04
CA GLU D 498 27.31 8.18 -14.49
C GLU D 498 26.07 8.14 -13.60
N ALA D 499 26.21 8.51 -12.32
CA ALA D 499 25.04 8.53 -11.45
C ALA D 499 23.99 9.50 -11.96
N LEU D 500 24.40 10.57 -12.63
CA LEU D 500 23.48 11.57 -13.16
C LEU D 500 23.01 11.18 -14.57
N SER D 501 22.39 10.01 -14.63
CA SER D 501 21.86 9.48 -15.89
C SER D 501 20.87 8.38 -15.56
N VAL D 502 20.18 7.91 -16.60
CA VAL D 502 19.35 6.72 -16.50
C VAL D 502 20.04 5.51 -17.12
N ARG D 503 21.36 5.58 -17.31
CA ARG D 503 22.16 4.45 -17.75
C ARG D 503 23.28 4.19 -16.74
N HIS D 504 22.90 3.99 -15.48
CA HIS D 504 23.88 3.70 -14.45
C HIS D 504 24.70 2.47 -14.84
N ALA D 505 25.97 2.46 -14.43
CA ALA D 505 26.87 1.34 -14.66
C ALA D 505 27.18 1.14 -16.13
N TRP D 506 27.07 2.21 -16.93
CA TRP D 506 27.45 2.19 -18.34
C TRP D 506 28.27 3.43 -18.66
N VAL D 507 29.16 3.29 -19.64
CA VAL D 507 29.91 4.46 -20.10
C VAL D 507 28.96 5.51 -20.64
N VAL D 508 27.92 5.08 -21.37
CA VAL D 508 26.98 6.03 -21.97
C VAL D 508 26.32 6.87 -20.89
N GLY D 509 26.11 6.30 -19.70
CA GLY D 509 25.58 7.10 -18.61
C GLY D 509 26.48 8.27 -18.28
N ALA D 510 27.80 8.03 -18.22
CA ALA D 510 28.73 9.12 -17.96
C ALA D 510 28.70 10.15 -19.08
N LEU D 511 28.62 9.70 -20.33
CA LEU D 511 28.58 10.63 -21.46
C LEU D 511 27.32 11.49 -21.42
N ASP D 512 26.17 10.89 -21.15
CA ASP D 512 24.94 11.66 -21.01
C ASP D 512 25.08 12.75 -19.96
N SER D 513 25.67 12.42 -18.80
CA SER D 513 25.82 13.39 -17.74
C SER D 513 26.71 14.55 -18.16
N ALA D 514 27.74 14.27 -18.97
CA ALA D 514 28.61 15.33 -19.45
C ALA D 514 27.89 16.21 -20.46
N TRP D 515 27.11 15.61 -21.34
CA TRP D 515 26.29 16.39 -22.26
C TRP D 515 25.39 17.36 -21.51
N ARG D 516 24.67 16.85 -20.50
CA ARG D 516 23.76 17.71 -19.75
C ARG D 516 24.52 18.77 -18.98
N ALA D 517 25.68 18.42 -18.40
CA ALA D 517 26.45 19.39 -17.65
C ALA D 517 26.93 20.53 -18.55
N VAL D 518 27.45 20.18 -19.74
CA VAL D 518 27.89 21.22 -20.65
C VAL D 518 26.69 22.00 -21.19
N TYR D 519 25.60 21.30 -21.49
CA TYR D 519 24.38 21.96 -21.91
C TYR D 519 23.97 23.04 -20.91
N ASN D 520 23.94 22.69 -19.62
CA ASN D 520 23.54 23.67 -18.62
C ASN D 520 24.56 24.80 -18.52
N TYR D 521 25.85 24.46 -18.63
CA TYR D 521 26.88 25.50 -18.61
C TYR D 521 26.70 26.47 -19.77
N LEU D 522 26.58 25.95 -20.99
CA LEU D 522 26.38 26.82 -22.14
C LEU D 522 25.10 27.63 -22.00
N TYR D 523 24.06 27.01 -21.45
CA TYR D 523 22.77 27.68 -21.34
C TYR D 523 22.88 28.95 -20.49
N VAL D 524 23.69 28.92 -19.43
CA VAL D 524 23.76 30.05 -18.50
C VAL D 524 24.90 31.02 -18.82
N THR D 525 25.87 30.65 -19.65
CA THR D 525 27.02 31.50 -19.93
C THR D 525 27.10 31.97 -21.37
N ASP D 526 26.78 31.12 -22.34
CA ASP D 526 26.91 31.47 -23.76
C ASP D 526 25.90 30.66 -24.57
N PRO D 527 24.61 30.98 -24.45
CA PRO D 527 23.60 30.20 -25.18
C PRO D 527 23.76 30.27 -26.69
N ALA D 528 24.53 31.23 -27.21
CA ALA D 528 24.72 31.32 -28.66
C ALA D 528 25.46 30.11 -29.25
N LYS D 529 26.20 29.35 -28.47
CA LYS D 529 26.87 28.15 -28.94
C LYS D 529 25.98 26.91 -28.89
N LEU D 530 24.76 27.03 -28.35
CA LEU D 530 23.90 25.86 -28.25
C LEU D 530 23.68 25.26 -29.62
N PRO D 531 23.42 26.03 -30.68
CA PRO D 531 23.27 25.40 -32.00
C PRO D 531 24.47 24.55 -32.41
N LYS D 532 25.69 25.07 -32.23
CA LYS D 532 26.87 24.29 -32.58
C LYS D 532 27.02 23.08 -31.67
N PHE D 533 26.72 23.25 -30.38
CA PHE D 533 26.72 22.13 -29.44
C PHE D 533 25.75 21.04 -29.89
N PHE D 534 24.52 21.43 -30.24
CA PHE D 534 23.55 20.45 -30.72
C PHE D 534 24.06 19.75 -31.97
N GLU D 535 24.67 20.49 -32.90
CA GLU D 535 25.12 19.90 -34.16
C GLU D 535 26.22 18.86 -33.93
N LEU D 536 27.16 19.15 -33.04
CA LEU D 536 28.30 18.25 -32.86
C LEU D 536 28.02 17.11 -31.89
N TRP D 537 27.17 17.34 -30.88
CA TRP D 537 27.02 16.39 -29.78
C TRP D 537 25.57 16.01 -29.52
N GLY D 538 24.65 16.39 -30.39
CA GLY D 538 23.28 15.93 -30.31
C GLY D 538 22.34 16.98 -29.75
N LYS D 539 21.10 16.97 -30.24
CA LYS D 539 20.09 17.88 -29.74
C LYS D 539 19.60 17.49 -28.35
N ASN D 540 19.72 16.21 -27.98
CA ASN D 540 19.28 15.71 -26.69
C ASN D 540 20.29 14.71 -26.17
N ALA D 541 20.29 14.52 -24.85
CA ALA D 541 21.16 13.50 -24.27
C ALA D 541 20.72 12.11 -24.68
N GLU D 542 19.42 11.80 -24.56
CA GLU D 542 18.92 10.44 -24.70
C GLU D 542 18.07 10.22 -25.94
N TRP D 543 17.18 11.15 -26.29
CA TRP D 543 16.31 10.96 -27.45
C TRP D 543 17.10 10.53 -28.68
N PHE D 544 16.60 9.51 -29.37
CA PHE D 544 17.29 8.98 -30.53
C PHE D 544 17.36 10.03 -31.64
N GLU D 545 18.43 9.95 -32.42
CA GLU D 545 18.62 10.84 -33.57
C GLU D 545 17.62 10.49 -34.66
PA FDA E . -22.39 11.84 15.98
O1A FDA E . -22.08 10.79 14.96
O2A FDA E . -22.08 13.26 15.66
O5B FDA E . -21.68 11.44 17.37
C5B FDA E . -21.52 10.05 17.72
C4B FDA E . -20.21 9.90 18.48
O4B FDA E . -20.00 8.50 18.81
C3B FDA E . -18.95 10.34 17.73
O3B FDA E . -18.11 11.12 18.55
C2B FDA E . -18.27 9.01 17.37
O2B FDA E . -16.86 9.14 17.21
C1B FDA E . -18.64 8.17 18.58
N9A FDA E . -18.57 6.73 18.39
C8A FDA E . -18.83 6.00 17.26
N7A FDA E . -18.70 4.70 17.45
C5A FDA E . -18.33 4.58 18.79
C6A FDA E . -18.03 3.47 19.59
N6A FDA E . -18.09 2.21 19.17
N1A FDA E . -17.70 3.70 20.89
C2A FDA E . -17.67 4.98 21.31
N3A FDA E . -17.92 6.09 20.65
C4A FDA E . -18.25 5.83 19.37
N1 FDA E . -26.88 19.23 10.70
C2 FDA E . -27.24 20.55 10.75
O2 FDA E . -27.83 21.00 11.72
N3 FDA E . -26.89 21.33 9.68
C4 FDA E . -26.22 20.89 8.56
O4 FDA E . -25.95 21.69 7.66
C4X FDA E . -25.87 19.53 8.52
N5 FDA E . -25.21 19.00 7.46
C5X FDA E . -24.64 17.74 7.51
C6 FDA E . -23.78 17.30 6.53
C7 FDA E . -23.20 16.07 6.58
C7M FDA E . -22.27 15.62 5.48
C8 FDA E . -23.49 15.21 7.69
C8M FDA E . -22.87 13.84 7.79
C9 FDA E . -24.34 15.64 8.68
C9A FDA E . -24.93 16.91 8.60
N10 FDA E . -25.84 17.37 9.60
C10 FDA E . -26.20 18.71 9.62
C1' FDA E . -26.36 16.45 10.63
C2' FDA E . -25.58 16.55 11.93
O2' FDA E . -24.20 16.67 11.64
C3' FDA E . -25.85 15.28 12.74
O3' FDA E . -27.26 15.00 12.72
C4' FDA E . -25.41 15.36 14.20
O4' FDA E . -24.13 15.97 14.29
C5' FDA E . -25.35 13.98 14.81
O5' FDA E . -24.95 14.03 16.20
P FDA E . -25.02 12.70 17.07
O1P FDA E . -24.54 13.04 18.44
O2P FDA E . -26.37 12.11 16.86
O3P FDA E . -23.96 11.75 16.34
H51A FDA E . -21.49 9.49 16.91
H52A FDA E . -22.26 9.75 18.29
H4B FDA E . -20.29 10.41 19.33
H3B FDA E . -19.21 10.83 16.90
HO3A FDA E . -18.52 11.82 18.79
H2B FDA E . -18.65 8.62 16.54
HO2A FDA E . -16.71 9.68 16.59
H1B FDA E . -18.05 8.41 19.33
H8A FDA E . -19.10 6.38 16.41
H61A FDA E . -18.31 2.03 18.31
H62A FDA E . -17.89 1.54 19.73
H2A FDA E . -17.42 5.09 22.25
HN1 FDA E . -27.11 18.71 11.40
HN3 FDA E . -27.12 22.20 9.72
HN5 FDA E . -25.14 19.48 6.70
H6 FDA E . -23.59 17.88 5.76
HM71 FDA E . -21.33 15.82 5.74
HM72 FDA E . -22.48 16.11 4.65
HM73 FDA E . -22.36 14.65 5.33
HM81 FDA E . -22.80 13.57 8.75
HM82 FDA E . -23.42 13.19 7.30
HM83 FDA E . -21.95 13.86 7.40
H9 FDA E . -24.53 15.07 9.44
H1'1 FDA E . -26.31 15.52 10.29
H1'2 FDA E . -27.31 16.65 10.80
H2' FDA E . -25.85 17.35 12.45
HO2' FDA E . -23.79 16.84 12.36
H3' FDA E . -25.37 14.54 12.30
H4' FDA E . -26.05 15.92 14.71
HO4' FDA E . -23.94 16.16 15.09
H5'1 FDA E . -26.25 13.55 14.76
H5'2 FDA E . -24.72 13.42 14.31
N GLN F . -29.19 18.75 6.56
CA GLN F . -28.36 18.64 5.37
C GLN F . -27.91 20.01 4.90
O GLN F . -28.70 20.95 4.83
CB GLN F . -29.08 17.94 4.22
CG GLN F . -29.72 16.63 4.55
CD GLN F . -31.14 16.80 5.03
OE1 GLN F . -31.48 17.83 5.62
NE2 GLN F . -31.98 15.80 4.77
OXT GLN F . -26.77 20.19 4.45
HA GLN F . -27.58 18.10 5.60
HB2 GLN F . -29.78 18.53 3.90
HB3 GLN F . -28.43 17.77 3.51
HG2 GLN F . -29.74 16.07 3.75
HG3 GLN F . -29.21 16.18 5.25
HE21 GLN F . -31.70 15.11 4.35
HE22 GLN F . -32.80 15.85 5.03
S SO4 G . -34.72 28.67 -11.69
O1 SO4 G . -35.21 29.90 -12.40
O2 SO4 G . -35.70 28.31 -10.62
O3 SO4 G . -34.63 27.55 -12.69
O4 SO4 G . -33.38 28.92 -11.08
S SO4 H . -16.29 -4.16 39.38
O1 SO4 H . -17.56 -3.38 39.38
O2 SO4 H . -15.68 -4.15 38.02
O3 SO4 H . -15.35 -3.51 40.37
O4 SO4 H . -16.57 -5.57 39.79
S SO4 I . -38.68 26.29 -10.39
O1 SO4 I . -38.17 26.74 -9.06
O2 SO4 I . -39.89 27.10 -10.76
O3 SO4 I . -37.60 26.48 -11.41
O4 SO4 I . -39.06 24.84 -10.34
S SO4 J . -30.31 -10.64 25.10
O1 SO4 J . -30.21 -9.56 26.14
O2 SO4 J . -31.24 -11.72 25.58
O3 SO4 J . -30.85 -10.05 23.82
O4 SO4 J . -28.95 -11.23 24.87
S SO4 K . -30.32 33.59 2.01
O1 SO4 K . -31.79 33.71 2.27
O2 SO4 K . -30.10 32.86 0.72
O3 SO4 K . -29.73 34.96 1.93
O4 SO4 K . -29.66 32.82 3.12
S SO4 L . -57.83 25.20 16.15
O1 SO4 L . -59.30 25.50 16.14
O2 SO4 L . -57.58 23.95 15.35
O3 SO4 L . -57.08 26.35 15.54
O4 SO4 L . -57.37 24.99 17.57
S SO4 M . -47.60 21.18 26.87
O1 SO4 M . -48.43 21.52 28.07
O2 SO4 M . -48.50 20.77 25.74
O3 SO4 M . -46.79 22.36 26.46
O4 SO4 M . -46.68 20.04 27.20
S SO4 N . -9.68 6.10 31.75
O1 SO4 N . -9.82 4.82 30.97
O2 SO4 N . -8.49 6.00 32.64
O3 SO4 N . -9.49 7.24 30.79
O4 SO4 N . -10.91 6.32 32.57
S SO4 O . -20.49 25.70 -23.23
O1 SO4 O . -21.60 26.73 -23.21
O2 SO4 O . -20.76 24.69 -24.30
O3 SO4 O . -19.19 26.39 -23.51
O4 SO4 O . -20.42 25.02 -21.89
S SO4 P . -11.30 22.51 -20.91
O1 SO4 P . -12.19 22.20 -19.75
O2 SO4 P . -11.49 21.47 -21.97
O3 SO4 P . -11.66 23.85 -21.47
O4 SO4 P . -9.87 22.51 -20.47
S SO4 Q . -15.55 14.86 38.40
O1 SO4 Q . -16.38 15.93 37.76
O2 SO4 Q . -16.42 13.71 38.79
O3 SO4 Q . -14.50 14.39 37.44
O4 SO4 Q . -14.88 15.42 39.63
S SO4 R . -19.38 13.92 39.96
O1 SO4 R . -18.22 14.60 40.61
O2 SO4 R . -19.70 12.67 40.71
O3 SO4 R . -19.03 13.58 38.53
O4 SO4 R . -20.57 14.83 39.97
S SO4 S . -5.51 32.03 -16.62
O1 SO4 S . -6.15 33.25 -16.00
O2 SO4 S . -6.55 31.22 -17.33
O3 SO4 S . -4.46 32.47 -17.60
O4 SO4 S . -4.87 31.21 -15.54
C1 PGR T . -15.58 11.86 12.06
C2 PGR T . -14.13 11.65 12.43
C3 PGR T . -13.28 12.80 11.89
O1 PGR T . -16.24 10.61 11.95
O2 PGR T . -13.95 11.49 13.83
H11 PGR T . -16.00 12.41 12.73
H12 PGR T . -15.63 12.35 11.22
H2 PGR T . -13.83 10.82 12.03
H31 PGR T . -13.68 13.65 12.11
H32 PGR T . -13.22 12.75 10.92
H33 PGR T . -12.39 12.77 12.26
HO1 PGR T . -17.02 10.69 12.27
HO2 PGR T . -13.23 11.05 13.95
C1 PGR U . -27.61 17.89 -4.13
C2 PGR U . -27.60 18.64 -2.80
C3 PGR U . -26.44 18.17 -1.93
O1 PGR U . -26.34 17.34 -4.38
O2 PGR U . -27.64 20.05 -2.92
H11 PGR U . -28.29 17.21 -4.10
H12 PGR U . -27.87 18.51 -4.82
H2 PGR U . -28.44 18.43 -2.36
H31 PGR U . -26.32 17.21 -2.00
H32 PGR U . -25.61 18.59 -2.20
H33 PGR U . -26.60 18.37 -0.99
HO1 PGR U . -26.46 16.59 -4.78
HO2 PGR U . -28.24 20.35 -2.40
C1 PGO V . -13.91 8.96 5.22
C2 PGO V . -12.69 8.33 5.86
C3 PGO V . -12.94 7.92 7.31
O1 PGO V . -13.61 9.42 3.91
O2 PGO V . -11.60 9.22 5.75
H11 PGO V . -14.63 8.31 5.21
H12 PGO V . -14.21 9.70 5.79
H2 PGO V . -12.53 7.53 5.35
H31 PGO V . -13.80 7.50 7.41
H32 PGO V . -12.91 8.68 7.90
H33 PGO V . -12.27 7.29 7.60
HO1 PGO V . -13.62 8.73 3.40
HO2 PGO V . -10.91 8.76 5.56
C1 PGR W . -44.24 -1.54 17.67
C2 PGR W . -45.12 -2.71 18.04
C3 PGR W . -46.39 -2.72 17.19
O1 PGR W . -43.24 -1.33 18.66
O2 PGR W . -44.46 -3.95 17.97
H11 PGR W . -44.79 -0.75 17.57
H12 PGR W . -43.84 -1.71 16.81
H2 PGR W . -45.37 -2.59 18.98
H31 PGR W . -46.17 -2.69 16.24
H32 PGR W . -46.91 -3.52 17.35
H33 PGR W . -46.95 -1.96 17.39
HO1 PGR W . -42.56 -1.79 18.45
HO2 PGR W . -44.76 -4.46 18.59
C1 PGR X . -36.58 7.59 -24.42
C2 PGR X . -37.91 7.98 -25.05
C3 PGR X . -39.07 7.40 -24.24
O1 PGR X . -35.91 6.65 -25.23
O2 PGR X . -38.03 9.38 -25.20
H11 PGR X . -36.75 7.25 -23.53
H12 PGR X . -36.05 8.40 -24.32
H2 PGR X . -37.95 7.60 -25.94
H31 PGR X . -38.92 6.47 -24.03
H32 PGR X . -39.91 7.49 -24.73
H33 PGR X . -39.18 7.88 -23.40
HO1 PGR X . -36.21 5.88 -25.03
HO2 PGR X . -37.83 9.58 -26.01
PA FDA Y . -16.78 -5.47 -15.64
O1A FDA Y . -16.89 -4.40 -14.61
O2A FDA Y . -16.51 -6.88 -15.20
O5B FDA Y . -15.63 -5.06 -16.70
C5B FDA Y . -15.39 -3.68 -17.01
C4B FDA Y . -13.92 -3.51 -17.29
O4B FDA Y . -13.64 -2.11 -17.56
C3B FDA Y . -12.96 -3.91 -16.17
O3B FDA Y . -11.88 -4.68 -16.69
C2B FDA Y . -12.46 -2.58 -15.63
O2B FDA Y . -11.18 -2.64 -15.04
C1B FDA Y . -12.45 -1.75 -16.91
N9A FDA Y . -12.48 -0.32 -16.70
C8A FDA Y . -13.14 0.38 -15.72
N7A FDA Y . -12.98 1.68 -15.83
C5A FDA Y . -12.17 1.84 -16.96
C6A FDA Y . -11.66 2.98 -17.60
N6A FDA Y . -11.88 4.23 -17.20
N1A FDA Y . -10.90 2.77 -18.70
C2A FDA Y . -10.69 1.52 -19.11
N3A FDA Y . -11.12 0.37 -18.59
C4A FDA Y . -11.87 0.61 -17.50
N1 FDA Y . -22.48 -13.06 -12.17
C2 FDA Y . -22.73 -14.40 -12.33
O2 FDA Y . -22.94 -14.85 -13.44
N3 FDA Y . -22.73 -15.17 -11.21
C4 FDA Y . -22.50 -14.69 -9.92
O4 FDA Y . -22.52 -15.49 -8.97
C4X FDA Y . -22.25 -13.33 -9.77
N5 FDA Y . -22.03 -12.75 -8.56
C5X FDA Y . -21.52 -11.47 -8.44
C6 FDA Y . -21.07 -11.00 -7.22
C7 FDA Y . -20.55 -9.74 -7.10
C7M FDA Y . -20.05 -9.26 -5.76
C8 FDA Y . -20.47 -8.90 -8.26
C8M FDA Y . -19.90 -7.51 -8.18
C9 FDA Y . -20.92 -9.37 -9.47
C9A FDA Y . -21.45 -10.66 -9.57
N10 FDA Y . -21.95 -11.17 -10.80
C10 FDA Y . -22.23 -12.51 -10.93
C1' FDA Y . -22.14 -10.26 -11.96
C2' FDA Y . -20.95 -10.34 -12.91
O2' FDA Y . -19.75 -10.42 -12.15
C3' FDA Y . -20.97 -9.07 -13.76
O3' FDA Y . -22.30 -8.85 -14.23
C4' FDA Y . -20.04 -9.11 -14.98
O4' FDA Y . -18.78 -9.66 -14.60
C5' FDA Y . -19.84 -7.73 -15.56
O5' FDA Y . -18.97 -7.77 -16.71
P FDA Y . -18.80 -6.43 -17.57
O1P FDA Y . -17.87 -6.70 -18.70
O2P FDA Y . -20.17 -5.91 -17.84
O3P FDA Y . -18.11 -5.45 -16.51
H51A FDA Y . -15.66 -3.10 -16.25
H52A FDA Y . -15.93 -3.41 -17.80
H4B FDA Y . -13.70 -4.03 -18.11
H3B FDA Y . -13.46 -4.41 -15.46
HO3A FDA Y . -12.19 -5.37 -17.06
H2B FDA Y . -13.10 -2.22 -14.97
HO2A FDA Y . -11.21 -3.12 -14.36
H1B FDA Y . -11.65 -1.97 -17.44
H8A FDA Y . -13.65 -0.03 -15.00
H61A FDA Y . -11.52 4.91 -17.65
H62A FDA Y . -12.39 4.37 -16.47
H2A FDA Y . -10.14 1.42 -19.92
HN1 FDA Y . -22.47 -12.55 -12.91
HN3 FDA Y . -22.89 -16.04 -11.30
HN5 FDA Y . -22.21 -13.23 -7.81
H6 FDA Y . -21.13 -11.57 -6.43
HM71 FDA Y . -20.53 -9.75 -5.04
HM72 FDA Y . -19.09 -9.43 -5.68
HM73 FDA Y . -20.24 -8.29 -5.66
HM81 FDA Y . -20.27 -7.04 -7.38
HM82 FDA Y . -18.92 -7.55 -8.10
HM83 FDA Y . -20.14 -7.00 -8.98
H9 FDA Y . -20.86 -8.81 -10.25
H1'1 FDA Y . -22.24 -9.33 -11.64
H1'2 FDA Y . -22.96 -10.51 -12.44
H2' FDA Y . -20.98 -11.14 -13.48
HO2' FDA Y . -19.12 -10.59 -12.67
H3' FDA Y . -20.70 -8.32 -13.19
H4' FDA Y . -20.43 -9.70 -15.67
HO4' FDA Y . -18.29 -9.77 -15.27
H5'1 FDA Y . -20.72 -7.36 -15.82
H5'2 FDA Y . -19.45 -7.15 -14.87
N GLN Z . -26.25 -12.66 -9.05
CA GLN Z . -25.69 -12.47 -7.71
C GLN Z . -25.33 -13.80 -7.08
O GLN Z . -25.40 -14.86 -7.72
CB GLN Z . -26.69 -11.78 -6.78
CG GLN Z . -27.28 -10.51 -7.30
CD GLN Z . -28.52 -10.78 -8.11
OE1 GLN Z . -28.67 -11.84 -8.71
NE2 GLN Z . -29.44 -9.81 -8.12
OXT GLN Z . -24.98 -13.82 -5.90
HA GLN Z . -24.90 -11.92 -7.80
HB2 GLN Z . -27.42 -12.39 -6.60
HB3 GLN Z . -26.22 -11.55 -5.95
HG2 GLN Z . -27.52 -9.94 -6.55
HG3 GLN Z . -26.64 -10.07 -7.88
HE21 GLN Z . -29.29 -9.09 -7.68
HE22 GLN Z . -30.17 -9.92 -8.55
S SO4 AA . -37.34 -23.03 6.94
O1 SO4 AA . -37.39 -22.16 8.16
O2 SO4 AA . -38.39 -22.60 5.97
O3 SO4 AA . -35.99 -22.91 6.30
O4 SO4 AA . -37.61 -24.45 7.33
S SO4 BA . -40.23 -20.91 3.90
O1 SO4 BA . -41.64 -21.43 3.82
O2 SO4 BA . -39.28 -21.92 3.35
O3 SO4 BA . -40.13 -19.64 3.10
O4 SO4 BA . -39.89 -20.61 5.33
S SO4 CA . -21.88 16.82 -27.16
O1 SO4 CA . -22.63 16.20 -26.02
O2 SO4 CA . -22.63 18.04 -27.62
O3 SO4 CA . -21.76 15.85 -28.29
O4 SO4 CA . -20.50 17.20 -26.71
S SO4 DA . -28.03 -27.29 -5.01
O1 SO4 DA . -29.43 -26.75 -4.88
O2 SO4 DA . -28.03 -28.77 -4.76
O3 SO4 DA . -27.48 -27.01 -6.36
O4 SO4 DA . -27.16 -26.62 -3.98
S SO4 EA . -27.47 -19.19 22.06
O1 SO4 EA . -28.69 -18.38 21.75
O2 SO4 EA . -27.68 -20.62 21.62
O3 SO4 EA . -26.29 -18.62 21.34
O4 SO4 EA . -27.21 -19.16 23.54
S SO4 FA . -10.78 -26.88 20.30
O1 SO4 FA . -11.25 -26.92 21.73
O2 SO4 FA . -11.47 -27.96 19.53
O3 SO4 FA . -11.11 -25.54 19.71
O4 SO4 FA . -9.30 -27.09 20.26
S SO4 GA . -19.01 15.02 -44.66
O1 SO4 GA . -20.00 15.15 -43.55
O2 SO4 GA . -19.73 15.03 -45.98
O3 SO4 GA . -18.05 16.16 -44.61
O4 SO4 GA . -18.25 13.73 -44.53
S SO4 HA . -26.60 -23.62 23.88
O1 SO4 HA . -27.60 -22.70 24.48
O2 SO4 HA . -27.27 -24.50 22.87
O3 SO4 HA . -25.52 -22.81 23.21
O4 SO4 HA . -25.98 -24.47 24.96
S SO4 IA . -33.68 -9.98 -27.89
O1 SO4 IA . -34.85 -9.18 -28.38
O2 SO4 IA . -34.10 -11.40 -27.67
O3 SO4 IA . -32.58 -9.91 -28.91
O4 SO4 IA . -33.18 -9.40 -26.60
S SO4 JA . -7.26 -35.31 -5.77
O1 SO4 JA . -6.77 -33.90 -5.64
O2 SO4 JA . -8.52 -35.34 -6.60
O3 SO4 JA . -6.21 -36.13 -6.44
O4 SO4 JA . -7.55 -35.86 -4.41
S SO4 KA . -15.52 -16.44 23.79
O1 SO4 KA . -16.88 -16.38 23.15
O2 SO4 KA . -14.85 -15.10 23.66
O3 SO4 KA . -14.69 -17.49 23.10
O4 SO4 KA . -15.68 -16.80 25.24
C1 PGO LA . -38.45 -15.54 -33.81
C2 PGO LA . -37.43 -15.07 -34.82
C3 PGO LA . -37.05 -16.14 -35.84
O1 PGO LA . -39.76 -15.40 -34.30
O2 PGO LA . -36.31 -14.59 -34.11
H11 PGO LA . -38.34 -15.02 -33.00
H12 PGO LA . -38.26 -16.46 -33.59
H2 PGO LA . -37.87 -14.34 -35.30
H31 PGO LA . -37.81 -16.72 -36.02
H32 PGO LA . -36.33 -16.68 -35.50
H33 PGO LA . -36.77 -15.73 -36.67
HO1 PGO LA . -40.31 -15.65 -33.70
HO2 PGO LA . -36.04 -13.87 -34.48
C1 PGR MA . -28.07 -11.96 1.30
C2 PGR MA . -27.53 -12.86 0.20
C3 PGR MA . -26.18 -12.34 -0.28
O1 PGR MA . -27.02 -11.41 2.04
O2 PGR MA . -27.48 -14.23 0.56
H11 PGR MA . -28.63 -11.29 0.90
H12 PGR MA . -28.66 -12.50 1.87
H2 PGR MA . -28.16 -12.84 -0.54
H31 PGR MA . -26.16 -11.36 -0.25
H32 PGR MA . -25.46 -12.67 0.28
H33 PGR MA . -26.01 -12.61 -1.19
HO1 PGR MA . -27.35 -10.91 2.63
HO2 PGR MA . -27.86 -14.68 -0.06
C1 PGR NA . -5.53 -7.11 -2.12
C2 PGR NA . -4.89 -8.34 -1.50
C3 PGR NA . -3.85 -8.95 -2.43
O1 PGR NA . -6.57 -7.50 -2.99
O2 PGR NA . -4.36 -8.09 -0.20
H11 PGR NA . -5.86 -6.54 -1.42
H12 PGR NA . -4.84 -6.62 -2.60
H2 PGR NA . -5.59 -9.00 -1.35
H31 PGR NA . -3.57 -9.83 -2.13
H32 PGR NA . -4.20 -9.04 -3.33
H33 PGR NA . -3.06 -8.39 -2.47
HO1 PGR NA . -6.94 -6.79 -3.29
HO2 PGR NA . -4.58 -8.74 0.30
PA FDA OA . 31.00 -14.26 16.09
O1A FDA OA . 31.26 -13.76 14.71
O2A FDA OA . 31.15 -13.31 17.23
O5B FDA OA . 31.92 -15.55 16.37
C5B FDA OA . 32.25 -16.44 15.27
C4B FDA OA . 33.63 -17.00 15.50
O4B FDA OA . 33.98 -17.85 14.37
C3B FDA OA . 34.77 -15.97 15.60
O3B FDA OA . 35.63 -16.29 16.68
C2B FDA OA . 35.52 -16.12 14.26
O2B FDA OA . 36.88 -15.76 14.34
C1B FDA OA . 35.33 -17.61 14.01
N9A FDA OA . 35.50 -18.03 12.64
C8A FDA OA . 35.19 -17.33 11.50
N7A FDA OA . 35.46 -18.01 10.40
C5A FDA OA . 35.98 -19.21 10.86
C6A FDA OA . 36.47 -20.34 10.18
N6A FDA OA . 36.50 -20.47 8.87
N1A FDA OA . 36.91 -21.37 10.94
C2A FDA OA . 36.88 -21.25 12.28
N3A FDA OA . 36.45 -20.23 13.02
C4A FDA OA . 36.02 -19.23 12.23
N1 FDA OA . 25.24 -7.18 20.49
C2 FDA OA . 24.76 -6.74 21.70
O2 FDA OA . 24.27 -7.51 22.51
N3 FDA OA . 24.85 -5.39 21.94
C4 FDA OA . 25.39 -4.46 21.07
O4 FDA OA . 25.43 -3.27 21.40
C4X FDA OA . 25.86 -4.94 19.85
N5 FDA OA . 26.42 -4.11 18.93
C5X FDA OA . 27.13 -4.58 17.84
C6 FDA OA . 27.87 -3.73 17.05
C7 FDA OA . 28.60 -4.19 15.99
C7M FDA OA . 29.41 -3.24 15.16
C8 FDA OA . 28.58 -5.60 15.69
C8M FDA OA . 29.37 -6.14 14.52
C9 FDA OA . 27.83 -6.44 16.47
C9A FDA OA . 27.09 -5.95 17.55
N10 FDA OA . 26.29 -6.80 18.37
C10 FDA OA . 25.80 -6.33 19.58
C1' FDA OA . 26.00 -8.19 17.94
C2' FDA OA . 26.94 -9.20 18.59
O2' FDA OA . 28.26 -8.68 18.58
C3' FDA OA . 26.87 -10.50 17.78
O3' FDA OA . 25.50 -10.82 17.51
C4' FDA OA . 27.50 -11.71 18.45
O4' FDA OA . 28.74 -11.35 19.04
C5' FDA OA . 27.73 -12.83 17.45
O5' FDA OA . 28.32 -13.98 18.11
P FDA OA . 28.47 -15.32 17.27
O1P FDA OA . 29.09 -16.37 18.14
O2P FDA OA . 27.17 -15.60 16.60
O3P FDA OA . 29.51 -14.87 16.12
H51A FDA OA . 32.23 -15.94 14.42
H52A FDA OA . 31.60 -17.17 15.22
H4B FDA OA . 33.62 -17.54 16.32
H3B FDA OA . 34.39 -15.06 15.69
HO3A FDA OA . 35.19 -16.27 17.39
H2B FDA OA . 35.07 -15.58 13.57
HO2A FDA OA . 36.94 -14.97 14.59
H1B FDA OA . 35.96 -18.12 14.57
H8A FDA OA . 34.80 -16.44 11.49
H61A FDA OA . 36.81 -21.22 8.49
H62A FDA OA . 36.19 -19.80 8.35
H2A FDA OA . 37.22 -22.01 12.78
HN1 FDA OA . 25.18 -8.07 20.33
HN3 FDA OA . 24.54 -5.09 22.74
HN5 FDA OA . 26.31 -3.22 19.02
H6 FDA OA . 27.89 -2.77 17.26
HM71 FDA OA . 29.40 -3.51 14.21
HM72 FDA OA . 29.03 -2.32 15.24
HM73 FDA OA . 30.35 -3.22 15.48
HM81 FDA OA . 29.61 -7.08 14.70
HM82 FDA OA . 28.82 -6.10 13.70
HM83 FDA OA . 30.18 -5.61 14.39
H9 FDA OA . 27.82 -7.39 16.26
H1'1 FDA OA . 26.08 -8.25 16.96
H1'2 FDA OA . 25.07 -8.41 18.18
H2' FDA OA . 26.69 -9.38 19.52
HO2' FDA OA . 28.75 -9.18 19.03
H3' FDA OA . 27.35 -10.33 16.93
H4' FDA OA . 26.90 -12.03 19.18
HO4' FDA OA . 29.04 -11.97 19.52
H5'1 FDA OA . 26.86 -13.08 17.04
H5'2 FDA OA . 28.34 -12.52 16.75
N GLN PA . 22.41 -3.90 18.05
CA GLN PA . 23.16 -2.83 17.40
C GLN PA . 23.46 -1.74 18.42
O GLN PA . 22.99 -1.78 19.55
CB GLN PA . 22.41 -2.20 16.22
CG GLN PA . 21.84 -3.17 15.20
CD GLN PA . 20.42 -3.64 15.53
OE1 GLN PA . 19.75 -4.19 14.67
NE2 GLN PA . 19.98 -3.43 16.77
OXT GLN PA . 24.13 -0.77 18.08
HA GLN PA . 23.99 -3.21 17.04
HB2 GLN PA . 21.66 -1.70 16.58
HB3 GLN PA . 23.01 -1.62 15.75
HG2 GLN PA . 21.82 -2.73 14.34
HG3 GLN PA . 22.41 -3.95 15.16
HE21 GLN PA . 20.49 -3.05 17.34
HE22 GLN PA . 19.19 -3.68 16.98
S SO4 QA . 10.82 13.52 17.52
O1 SO4 QA . 9.68 13.69 18.48
O2 SO4 QA . 10.38 12.66 16.38
O3 SO4 QA . 11.27 14.85 17.02
O4 SO4 QA . 11.97 12.85 18.23
S SO4 RA . 26.34 -33.00 -0.55
O1 SO4 RA . 25.46 -31.79 -0.64
O2 SO4 RA . 25.55 -34.22 -0.91
O3 SO4 RA . 27.50 -32.86 -1.50
O4 SO4 RA . 26.87 -33.13 0.85
S SO4 SA . 38.56 6.06 40.94
O1 SO4 SA . 39.28 5.46 42.09
O2 SO4 SA . 37.38 5.20 40.59
O3 SO4 SA . 38.07 7.44 41.31
O4 SO4 SA . 39.48 6.15 39.77
S SO4 TA . 18.92 6.18 29.26
O1 SO4 TA . 18.30 6.19 30.63
O2 SO4 TA . 17.89 5.72 28.26
O3 SO4 TA . 19.36 7.57 28.91
O4 SO4 TA . 20.09 5.26 29.25
S SO4 UA . 27.01 26.77 11.50
O1 SO4 UA . 26.53 27.29 12.82
O2 SO4 UA . 26.00 25.80 10.95
O3 SO4 UA . 27.17 27.92 10.55
O4 SO4 UA . 28.32 26.07 11.67
S SO4 VA . 23.17 1.25 39.30
O1 SO4 VA . 22.44 2.15 38.35
O2 SO4 VA . 22.61 -0.13 39.22
O3 SO4 VA . 24.64 1.23 38.95
O4 SO4 VA . 23.02 1.77 40.70
S SO4 WA . 42.00 25.92 22.31
O1 SO4 WA . 40.71 26.63 21.99
O2 SO4 WA . 42.18 24.77 21.37
O3 SO4 WA . 43.14 26.87 22.16
O4 SO4 WA . 41.93 25.42 23.72
S SO4 XA . 27.52 30.13 14.85
O1 SO4 XA . 26.86 30.11 16.20
O2 SO4 XA . 26.51 29.75 13.80
O3 SO4 XA . 28.03 31.50 14.56
O4 SO4 XA . 28.65 29.14 14.83
S SO4 YA . 39.86 25.51 11.76
O1 SO4 YA . 40.39 25.92 10.41
O2 SO4 YA . 38.42 25.15 11.64
O3 SO4 YA . 40.63 24.33 12.26
O4 SO4 YA . 40.02 26.65 12.72
S SO4 ZA . 6.10 -23.78 28.56
O1 SO4 ZA . 5.00 -22.91 28.03
O2 SO4 ZA . 5.51 -25.03 29.16
O3 SO4 ZA . 7.04 -24.15 27.44
O4 SO4 ZA . 6.86 -23.04 29.62
C1 PGR AB . 22.78 5.34 13.04
C2 PGR AB . 23.03 4.66 14.38
C3 PGR AB . 24.35 3.90 14.37
O1 PGR AB . 23.96 5.33 12.27
O2 PGR AB . 22.94 5.56 15.48
H11 PGR AB . 22.07 4.87 12.59
H12 PGR AB . 22.48 6.24 13.20
H2 PGR AB . 22.30 4.03 14.53
H31 PGR AB . 24.44 3.39 13.55
H32 PGR AB . 24.40 3.29 15.12
H33 PGR AB . 25.10 4.51 14.44
HO1 PGR AB . 23.80 5.71 11.53
HO2 PGR AB . 22.51 5.17 16.10
C1 PGR BB . 10.86 -24.82 4.74
C2 PGR BB . 10.35 -25.58 3.53
C3 PGR BB . 8.93 -26.08 3.78
O1 PGR BB . 12.27 -24.97 4.84
O2 PGR BB . 10.45 -24.82 2.34
H11 PGR BB . 10.60 -23.89 4.66
H12 PGR BB . 10.42 -25.16 5.53
H2 PGR BB . 10.92 -26.35 3.39
H31 PGR BB . 8.53 -26.40 2.95
H32 PGR BB . 8.37 -25.36 4.12
H33 PGR BB . 8.93 -26.80 4.42
HO1 PGR BB . 12.59 -24.21 5.06
HO2 PGR BB . 10.80 -25.31 1.75
C1 PGR CB . 12.58 18.11 -6.11
C2 PGR CB . 11.70 19.02 -5.28
C3 PGR CB . 10.26 19.02 -5.79
O1 PGR CB . 13.83 18.72 -6.37
O2 PGR CB . 11.75 18.69 -3.91
H11 PGR CB . 12.11 17.91 -6.94
H12 PGR CB . 12.69 17.27 -5.65
H2 PGR CB . 12.06 19.92 -5.34
H31 PGR CB . 9.93 18.10 -5.85
H32 PGR CB . 9.69 19.51 -5.19
H33 PGR CB . 10.22 19.41 -6.67
HO1 PGR CB . 14.22 18.29 -7.00
HO2 PGR CB . 11.88 19.41 -3.46
PA FDA DB . 34.87 7.56 -12.89
O1A FDA DB . 34.80 7.03 -11.49
O2A FDA DB . 35.27 6.63 -13.99
O5B FDA DB . 35.82 8.84 -12.92
C5B FDA DB . 35.88 9.71 -11.76
C4B FDA DB . 37.28 10.27 -11.65
O4B FDA DB . 37.35 11.14 -10.49
C3B FDA DB . 38.39 9.24 -11.47
O3B FDA DB . 39.50 9.53 -12.32
C2B FDA DB . 38.80 9.40 -10.00
O2B FDA DB . 40.14 9.05 -9.74
C1B FDA DB . 38.56 10.89 -9.80
N9A FDA DB . 38.39 11.32 -8.43
C8A FDA DB . 37.80 10.62 -7.40
N7A FDA DB . 37.80 11.29 -6.28
C5A FDA DB . 38.43 12.49 -6.58
C6A FDA DB . 38.74 13.62 -5.80
N6A FDA DB . 38.43 13.74 -4.50
N1A FDA DB . 39.37 14.65 -6.41
C2A FDA DB . 39.66 14.52 -7.71
N3A FDA DB . 39.42 13.51 -8.54
C4A FDA DB . 38.80 12.52 -7.90
N1 FDA DB . 30.33 0.54 -18.53
C2 FDA DB . 30.16 0.09 -19.81
O2 FDA DB . 29.89 0.87 -20.72
N3 FDA DB . 30.31 -1.25 -20.02
C4 FDA DB . 30.60 -2.19 -19.04
O4 FDA DB . 30.72 -3.37 -19.35
C4X FDA DB . 30.76 -1.70 -17.75
N5 FDA DB . 31.06 -2.53 -16.71
C5X FDA DB . 31.47 -2.05 -15.48
C6 FDA DB . 31.98 -2.91 -14.52
C7 FDA DB . 32.40 -2.45 -13.31
C7M FDA DB . 32.96 -3.40 -12.29
C8 FDA DB . 32.32 -1.04 -13.03
C8M FDA DB . 32.77 -0.49 -11.70
C9 FDA DB . 31.80 -0.19 -13.97
C9A FDA DB . 31.37 -0.68 -15.21
N10 FDA DB . 30.82 0.17 -16.21
C10 FDA DB . 30.63 -0.32 -17.50
C1' FDA DB . 30.46 1.57 -15.89
C2' FDA DB . 31.54 2.55 -16.31
O2' FDA DB . 32.83 2.04 -16.02
C3' FDA DB . 31.27 3.85 -15.55
O3' FDA DB . 29.87 4.14 -15.64
C4' FDA DB . 32.06 5.07 -16.02
O4' FDA DB . 33.42 4.69 -16.24
C5' FDA DB . 32.01 6.18 -15.00
O5' FDA DB . 32.76 7.34 -15.47
P FDA DB . 32.72 8.68 -14.59
O1P FDA DB . 33.57 9.70 -15.26
O2P FDA DB . 31.30 8.98 -14.26
O3P FDA DB . 33.44 8.19 -13.24
H51A FDA DB . 35.23 10.46 -11.87
H52A FDA DB . 35.65 9.21 -10.96
H4B FDA DB . 37.47 10.82 -12.46
H3B FDA DB . 38.04 8.33 -11.63
HO3A FDA DB . 39.24 9.50 -13.12
H2B FDA DB . 38.21 8.86 -9.42
HO2A FDA DB . 40.26 8.24 -9.96
H1B FDA DB . 39.31 11.40 -10.19
H8A FDA DB . 37.41 9.72 -7.49
H61A FDA DB . 38.00 13.06 -4.08
H62A FDA DB . 38.65 14.49 -4.06
H2A FDA DB . 40.13 15.29 -8.11
HN1 FDA DB . 30.23 1.43 -18.38
HN3 FDA DB . 30.20 -1.55 -20.87
HN5 FDA DB . 30.98 -3.43 -16.83
H6 FDA DB . 32.04 -3.87 -14.70
HM71 FDA DB . 32.60 -4.31 -12.45
HM72 FDA DB . 33.94 -3.43 -12.36
HM73 FDA DB . 32.72 -3.11 -11.38
HM81 FDA DB . 32.42 -1.05 -10.97
HM82 FDA DB . 32.45 0.44 -11.60
HM83 FDA DB . 33.77 -0.49 -11.67
H9 FDA DB . 31.74 0.76 -13.79
H1'1 FDA DB . 30.31 1.64 -14.91
H1'2 FDA DB . 29.61 1.79 -16.35
H2' FDA DB . 31.54 2.70 -17.29
HO2' FDA DB . 33.41 2.54 -16.37
H3' FDA DB . 31.52 3.70 -14.60
H4' FDA DB . 31.68 5.39 -16.88
HO4' FDA DB . 33.85 5.31 -16.60
H5'1 FDA DB . 32.39 5.87 -14.15
H5'2 FDA DB . 31.07 6.44 -14.85
N GLN EB . 26.79 -2.54 -17.28
CA GLN EB . 27.73 -3.35 -16.49
C GLN EB . 27.94 -4.71 -17.15
O GLN EB . 27.79 -4.85 -18.36
CB GLN EB . 27.21 -3.54 -15.05
CG GLN EB . 25.82 -4.14 -14.94
CD GLN EB . 24.71 -3.16 -15.22
OE1 GLN EB . 24.52 -2.71 -16.35
NE2 GLN EB . 23.96 -2.80 -14.18
OXT GLN EB . 28.29 -5.69 -16.48
HA GLN EB . 28.58 -2.89 -16.44
HB2 GLN EB . 27.82 -4.11 -14.58
HB3 GLN EB . 27.18 -2.66 -14.63
HG2 GLN EB . 25.75 -4.87 -15.59
HG3 GLN EB . 25.70 -4.49 -14.05
HE21 GLN EB . 24.13 -3.13 -13.40
HE22 GLN EB . 23.32 -2.24 -14.28
S SO4 FB . 2.10 -24.31 -5.99
O1 SO4 FB . 1.70 -23.63 -7.26
O2 SO4 FB . 1.40 -25.63 -5.91
O3 SO4 FB . 3.58 -24.52 -5.99
O4 SO4 FB . 1.70 -23.45 -4.82
S SO4 GB . 15.11 -19.49 -19.10
O1 SO4 GB . 13.62 -19.47 -19.13
O2 SO4 GB . 15.56 -20.75 -18.41
O3 SO4 GB . 15.64 -19.45 -20.49
O4 SO4 GB . 15.61 -18.32 -18.33
S SO4 HB . 26.31 26.55 2.12
O1 SO4 HB . 25.34 27.58 2.61
O2 SO4 HB . 25.64 25.20 2.08
O3 SO4 HB . 26.76 26.92 0.74
O4 SO4 HB . 27.50 26.49 3.03
S SO4 IB . 26.83 -13.10 -28.64
O1 SO4 IB . 25.55 -13.18 -27.88
O2 SO4 IB . 26.54 -13.26 -30.11
O3 SO4 IB . 27.47 -11.76 -28.41
O4 SO4 IB . 27.75 -14.20 -28.20
S SO4 JB . 29.55 -33.31 -9.62
O1 SO4 JB . 28.77 -32.08 -9.26
O2 SO4 JB . 28.88 -34.01 -10.75
O3 SO4 JB . 30.94 -32.91 -10.02
O4 SO4 JB . 29.62 -34.22 -8.43
S SO4 KB . 46.78 -32.65 -15.89
O1 SO4 KB . 46.44 -31.95 -14.61
O2 SO4 KB . 45.53 -33.00 -16.64
O3 SO4 KB . 47.63 -31.75 -16.73
O4 SO4 KB . 47.54 -33.91 -15.58
S SO4 LB . 18.54 -22.60 -19.77
O1 SO4 LB . 17.63 -21.41 -19.87
O2 SO4 LB . 18.29 -23.50 -20.95
O3 SO4 LB . 19.97 -22.12 -19.79
O4 SO4 LB . 18.27 -23.34 -18.50
S SO4 MB . 33.23 -7.93 -37.34
O1 SO4 MB . 32.92 -6.46 -37.30
O2 SO4 MB . 32.28 -8.67 -36.45
O3 SO4 MB . 33.08 -8.43 -38.75
O4 SO4 MB . 34.64 -8.16 -36.89
S SO4 NB . 3.88 -29.20 -9.79
O1 SO4 NB . 3.47 -28.40 -10.99
O2 SO4 NB . 3.38 -30.61 -9.94
O3 SO4 NB . 5.38 -29.20 -9.67
O4 SO4 NB . 3.30 -28.58 -8.55
S SO4 OB . 13.63 17.34 -30.74
O1 SO4 OB . 13.20 18.56 -31.49
O2 SO4 OB . 12.46 16.41 -30.60
O3 SO4 OB . 14.73 16.65 -31.50
O4 SO4 OB . 14.13 17.74 -29.38
S SO4 PB . 27.46 41.91 -6.91
O1 SO4 PB . 26.60 43.00 -7.48
O2 SO4 PB . 26.58 40.90 -6.23
O3 SO4 PB . 28.22 41.26 -8.02
O4 SO4 PB . 28.42 42.50 -5.91
C1 PGR QB . 26.44 -11.38 -11.41
C2 PGR QB . 26.77 -10.85 -12.80
C3 PGR QB . 28.15 -10.21 -12.80
O1 PGR QB . 27.27 -12.47 -11.07
O2 PGR QB . 26.62 -11.84 -13.81
H11 PGR QB . 25.50 -11.62 -11.39
H12 PGR QB . 26.55 -10.64 -10.77
H2 PGR QB . 26.11 -10.19 -13.03
H31 PGR QB . 28.40 -9.93 -11.90
H32 PGR QB . 28.17 -9.44 -13.38
H33 PGR QB . 28.82 -10.84 -13.11
HO1 PGR QB . 27.55 -12.35 -10.28
HO2 PGR QB . 26.05 -11.56 -14.37
#